data_1Y5I
#
_entry.id   1Y5I
#
_cell.length_a   154.587
_cell.length_b   242.399
_cell.length_c   139.667
_cell.angle_alpha   90.00
_cell.angle_beta   90.00
_cell.angle_gamma   90.00
#
_symmetry.space_group_name_H-M   'C 2 2 21'
#
loop_
_entity.id
_entity.type
_entity.pdbx_description
1 polymer 'Respiratory nitrate reductase 1 alpha chain'
2 polymer 'Respiratory nitrate reductase 1 beta chain'
3 polymer 'Respiratory nitrate reductase 1 gamma chain'
4 non-polymer 'PHOSPHORIC ACID 4-(2-AMINO-4-OXO-3,4,5,6,-TETRAHYDRO-PTERIDIN-6-YL)-2-HYDROXY-3,4-DIMERCAPTO-BUT-3-EN-YL ESTER GUANYLATE ESTER'
5 non-polymer 'MOLYBDENUM(VI) ION'
6 non-polymer 'IRON/SULFUR CLUSTER'
7 non-polymer 'FE3-S4 CLUSTER'
8 non-polymer 1,2-DIACYL-GLYCEROL-3-SN-PHOSPHATE
9 non-polymer 'PROTOPORPHYRIN IX CONTAINING FE'
10 non-polymer '(1S)-2-{[{[(2S)-2,3-DIHYDROXYPROPYL]OXY}(HYDROXY)PHOSPHORYL]OXY}-1-[(PENTANOYLOXY)METHYL]ETHYL OCTANOATE'
11 water water
#
loop_
_entity_poly.entity_id
_entity_poly.type
_entity_poly.pdbx_seq_one_letter_code
_entity_poly.pdbx_strand_id
1 'polypeptide(L)'
;SKFLDRFRYFKQKGETFADGHGQLLNTNRDWEDGYRQRWQHDKIVRSTHGVNCTGSCSWKIYVKNGLVTWETQQTDYPRT
RPDLPNHEPRGCPRGASYSWYLYSANRLKYPMMRKRLMKMWREAKALHSDPVEAWASIIEDADKAKSFKQARGRGGFVRS
SWQEVNELIAASNVYTIKNYGPDRVAGFSPIPAMSMVSYASGARYLSLIGGTCLSFYDWYCDLPPASPQTWGEQTDVPES
ADWYNSSYIIAWGSNVPQTRTPDAHFFTEVRYKGTKTVAVTPDYAEIAKLCDLWLAPKQGTDAAMALAMGHVMLREFHLD
NPSQYFTDYVRRYTDMPMLVMLEERDGYYAAGRMLRAADLVDALGQENNPEWKTVAFNTNGEMVAPNGSIGFRWGEKGKW
NLEQRDGKTGEETELQLSLLGSQDEIAEVGFPYFGGDGTEHFNKVELENVLLHKLPVKRLQLADGSTALVTTVYDLTLAN
YGLERGLNDVNCATSYDDVKAYTPAWAEQITGVSRSQIIRIAREFADNADKTHGRSMIIVGAGLNHWYHLDMNYRGLINM
LIFCGCVGQSGGGWAHYVGQEKLRPQTGWQPLAFALDWQRPARHMNSTSYFYNHSSQWRYETVTAEELLSPMADKSRYTG
HLIDFNVRAERMGWLPSAPQLGTNPLTIAGEAEKAGMNPVDYTVKSLKEGSIRFAAEQPENGKNHPRNLFIWRSNLLGSS
GKGHEFMLKYLLGTEHGIQGKDLGQQGGVKPEEVDWQDNGLEGKLDLVVTLDFRLSSTCLYSDIILPTATWYEKDDMNTS
DMHPFIHPLSAAVDPAWEAKSDWEIYKAIAKKFSEVCVGHLGKETDIVTLPIQHDSAAELAQPLDVKDWKKGECDLIPGK
TAPHIMVVERDYPATYERFTSIGPLMEKIGNGGKGIAWNTQSEMDLLRKLNYTKAEGPAKGQPMLNTAIDAAEMILTLAP
ETNGQVAVKAWAALSEFTGRDHTHLALNKEDEKIRFRDIQAQPRKIISSPTWSGLEDEHVSYNAGYTNVHELIPWRTLSG
RQQLYQDHQWMRDFGESLLVYRPPIDTRSVKEVIGQKSNGNQEKALNFLTPHQKWGIHSTYSDNLLMLTLGRGGPVVWLS
EADAKDLGIADNDWIEVFNSNGALTARAVVSQRVPAGMTMMYHAQERIVNLPGSEITQQRGGIHNSVTRITPKPTHMIGG
YAHLAYGFNYYGTVGSNRDEFVVVRKMKNIDWLDGEGNDQVQESVK
;
A
2 'polypeptide(L)'
;MKIRSQVGMVLNLDKCIGCHTCSVTCKNVWTSREGVEYAWFNNVETKPGQGFPTDWENQEKYKGGWIRKINGKLQPRMGN
RAMLLGKIFANPHLPGIDDYYEPFDFDYQNLHTAPEGSKSQPIARPRSLITGERMAKIEKGPNWEDDLGGEFDKLAKDKN
FDNIQKAMYSQFENTFMMYLPRLCEHCLNPACVATCPSGAIYKREEDGIVLIDQDKCRGWRMCITGCPYKKIYFNWKSGK
SEKCIFCYPRIEAGQPTVCSETCVGRIRYLGVLLYDADAIERAASTENEKDLYQRQLDVFLDPNDPKVIEQAIKDGIPLS
VIEAAQQSPVYKMAMEWKLALPLHPEYRTLPMVWYVPPLSPIQSAADAGELGSNGILPDVESLRIPVQYLANLLTAGDTK
PVLRALKRMLAMRHYKRAETVDGKVDTRALEEVGLTEAQAQEMYRYLAIANYEDRFVVPSSHRELAREAFPEKNGCGFTF
GDGCHGSDTKFNLFNSRRIDAIDVTSKTEPHP
;
B
3 'polypeptide(L)'
;(FME)QFLNMFFFDIYPYIAGAVFLIGSWLRYDYGQYTWRAASSQMLDRKGMNLASNLFHIGILGIFVGHFFGMLTPHWM
YEAWLPIEVAQKMAMFAGGASGVLCLIGGVLLLKRRLFSPRVRATTTGADILILSLLVIQCALGLLTIPFSAQHMDGSEM
MKLVGWAQSVVTFHGGASQHLDGVAFIFRLHLVLGMTLFLLFPFSRLIHIWSVPVEYLTRKYQLVRARH
;
C
#
# COMPACT_ATOMS: atom_id res chain seq x y z
N SER A 1 -28.32 27.60 32.76
CA SER A 1 -28.59 28.45 31.55
C SER A 1 -27.29 29.07 31.04
N LYS A 2 -26.94 28.81 29.79
CA LYS A 2 -25.71 29.39 29.26
C LYS A 2 -25.77 30.94 29.26
N PHE A 3 -26.94 31.48 29.00
CA PHE A 3 -27.11 32.94 28.99
C PHE A 3 -26.85 33.48 30.40
N LEU A 4 -27.45 32.85 31.41
CA LEU A 4 -27.22 33.34 32.76
C LEU A 4 -25.74 33.16 33.16
N ASP A 5 -25.10 32.09 32.67
CA ASP A 5 -23.70 31.87 33.00
C ASP A 5 -22.83 33.07 32.61
N ARG A 6 -23.22 33.80 31.57
CA ARG A 6 -22.47 34.98 31.17
C ARG A 6 -22.29 36.03 32.27
N PHE A 7 -23.23 36.08 33.21
CA PHE A 7 -23.16 37.03 34.30
C PHE A 7 -22.11 36.65 35.35
N ARG A 8 -21.65 35.39 35.33
CA ARG A 8 -20.61 34.92 36.26
C ARG A 8 -19.22 35.28 35.69
N TYR A 9 -19.24 36.06 34.61
CA TYR A 9 -18.07 36.58 33.89
C TYR A 9 -16.85 36.74 34.83
N PHE A 10 -16.96 37.73 35.71
CA PHE A 10 -15.90 38.08 36.65
C PHE A 10 -15.53 36.96 37.63
N LYS A 11 -16.54 36.30 38.20
CA LYS A 11 -16.30 35.23 39.17
C LYS A 11 -15.49 34.05 38.60
N GLN A 12 -15.59 33.85 37.29
CA GLN A 12 -14.88 32.74 36.68
C GLN A 12 -13.41 33.01 36.37
N LYS A 13 -12.90 34.17 36.82
CA LYS A 13 -11.50 34.54 36.60
C LYS A 13 -10.58 34.08 37.74
N GLY A 14 -9.62 33.23 37.41
CA GLY A 14 -8.68 32.76 38.41
C GLY A 14 -7.43 33.63 38.35
N GLU A 15 -6.29 33.07 38.76
CA GLU A 15 -5.05 33.82 38.75
C GLU A 15 -4.51 34.11 37.35
N THR A 16 -3.81 35.24 37.22
CA THR A 16 -3.17 35.56 35.96
C THR A 16 -1.83 34.82 36.05
N PHE A 17 -1.13 34.71 34.94
CA PHE A 17 0.18 34.07 35.01
C PHE A 17 1.11 34.72 33.99
N ALA A 18 2.39 34.44 34.13
CA ALA A 18 3.41 35.00 33.25
C ALA A 18 3.32 36.52 33.19
N ASP A 19 3.23 37.13 34.37
CA ASP A 19 3.18 38.58 34.46
C ASP A 19 2.09 39.24 33.62
N GLY A 20 0.88 38.71 33.66
CA GLY A 20 -0.20 39.31 32.90
C GLY A 20 -0.32 38.86 31.45
N HIS A 21 0.56 37.98 30.97
CA HIS A 21 0.44 37.52 29.58
C HIS A 21 -0.72 36.50 29.48
N GLY A 22 -1.05 35.87 30.60
CA GLY A 22 -2.09 34.86 30.63
C GLY A 22 -3.07 34.95 31.77
N GLN A 23 -4.21 34.31 31.56
CA GLN A 23 -5.29 34.31 32.52
C GLN A 23 -5.84 32.88 32.67
N LEU A 24 -5.93 32.39 33.90
CA LEU A 24 -6.51 31.07 34.13
C LEU A 24 -8.01 31.31 34.42
N LEU A 25 -8.89 30.57 33.75
CA LEU A 25 -10.33 30.70 33.93
C LEU A 25 -10.90 29.44 34.58
N ASN A 26 -12.01 29.58 35.28
CA ASN A 26 -12.69 28.45 35.89
C ASN A 26 -14.03 28.40 35.23
N THR A 27 -14.06 28.04 33.96
CA THR A 27 -15.32 28.04 33.26
C THR A 27 -15.75 26.65 32.75
N ASN A 28 -17.04 26.53 32.42
CA ASN A 28 -17.60 25.26 31.96
C ASN A 28 -16.83 24.66 30.77
N ARG A 29 -16.70 23.34 30.80
CA ARG A 29 -16.00 22.60 29.73
C ARG A 29 -16.82 21.40 29.22
N ASP A 30 -18.09 21.34 29.59
CA ASP A 30 -18.97 20.25 29.16
C ASP A 30 -19.03 20.06 27.66
N TRP A 31 -18.81 21.12 26.86
CA TRP A 31 -18.88 20.96 25.40
C TRP A 31 -17.88 19.89 24.91
N GLU A 32 -16.82 19.67 25.67
CA GLU A 32 -15.78 18.69 25.30
C GLU A 32 -16.34 17.28 25.09
N ASP A 33 -17.54 17.05 25.61
CA ASP A 33 -18.18 15.73 25.43
C ASP A 33 -18.45 15.45 23.94
N GLY A 34 -18.57 16.50 23.15
CA GLY A 34 -18.86 16.37 21.72
C GLY A 34 -17.84 15.52 20.96
N TYR A 35 -16.55 15.67 21.22
CA TYR A 35 -15.55 14.80 20.55
C TYR A 35 -15.42 13.46 21.33
N ARG A 36 -15.61 13.46 22.66
CA ARG A 36 -15.56 12.18 23.39
C ARG A 36 -16.61 11.21 22.82
N GLN A 37 -17.82 11.71 22.58
CA GLN A 37 -18.87 10.82 22.10
C GLN A 37 -18.63 10.30 20.69
N ARG A 38 -17.72 10.92 19.92
CA ARG A 38 -17.43 10.40 18.57
C ARG A 38 -16.49 9.21 18.75
N TRP A 39 -15.50 9.37 19.62
CA TRP A 39 -14.53 8.29 19.81
C TRP A 39 -15.17 7.01 20.39
N GLN A 40 -16.19 7.18 21.24
CA GLN A 40 -16.83 6.02 21.87
C GLN A 40 -17.44 5.10 20.81
N HIS A 41 -17.42 3.80 21.06
CA HIS A 41 -17.90 2.85 20.08
C HIS A 41 -18.49 1.63 20.78
N ASP A 42 -19.19 0.80 20.02
CA ASP A 42 -19.92 -0.37 20.52
C ASP A 42 -19.05 -1.54 20.89
N LYS A 43 -18.01 -1.76 20.09
CA LYS A 43 -17.11 -2.89 20.32
C LYS A 43 -15.98 -2.82 19.30
N ILE A 44 -14.97 -3.65 19.49
CA ILE A 44 -13.89 -3.77 18.52
C ILE A 44 -13.85 -5.27 18.19
N VAL A 45 -13.56 -5.58 16.94
CA VAL A 45 -13.48 -6.94 16.48
C VAL A 45 -12.10 -7.09 15.82
N ARG A 46 -11.47 -8.23 15.98
CA ARG A 46 -10.17 -8.39 15.34
C ARG A 46 -10.36 -8.88 13.92
N SER A 47 -9.73 -8.21 12.96
CA SER A 47 -9.81 -8.75 11.59
C SER A 47 -8.53 -8.36 10.87
N THR A 48 -8.42 -8.73 9.60
CA THR A 48 -7.24 -8.37 8.84
C THR A 48 -7.66 -8.13 7.39
N HIS A 49 -6.69 -8.09 6.47
CA HIS A 49 -7.02 -7.76 5.08
C HIS A 49 -6.61 -8.86 4.10
N GLY A 50 -7.58 -9.34 3.30
CA GLY A 50 -7.29 -10.37 2.31
C GLY A 50 -6.86 -9.72 1.01
N VAL A 51 -5.74 -9.00 1.06
CA VAL A 51 -5.25 -8.31 -0.12
C VAL A 51 -3.79 -8.74 -0.26
N ASN A 52 -3.29 -8.73 -1.49
CA ASN A 52 -1.95 -9.22 -1.73
C ASN A 52 -0.82 -8.22 -1.46
N CYS A 53 -0.56 -7.94 -0.18
CA CYS A 53 0.47 -6.98 0.22
C CYS A 53 1.65 -7.52 1.01
N THR A 54 1.49 -8.73 1.57
CA THR A 54 2.46 -9.40 2.44
C THR A 54 2.38 -8.84 3.87
N GLY A 55 1.58 -7.80 4.09
CA GLY A 55 1.48 -7.22 5.44
C GLY A 55 0.96 -8.18 6.51
N SER A 56 -0.19 -8.81 6.27
CA SER A 56 -0.76 -9.74 7.23
C SER A 56 -0.83 -9.03 8.59
N CYS A 57 -1.47 -7.86 8.61
CA CYS A 57 -1.58 -7.05 9.84
C CYS A 57 -2.94 -7.24 10.51
N SER A 58 -2.93 -7.42 11.82
CA SER A 58 -4.19 -7.61 12.54
C SER A 58 -4.71 -6.24 12.97
N TRP A 59 -6.00 -6.01 12.75
CA TRP A 59 -6.60 -4.73 13.07
C TRP A 59 -7.77 -4.83 14.05
N LYS A 60 -8.04 -3.70 14.68
CA LYS A 60 -9.18 -3.51 15.56
C LYS A 60 -10.22 -2.84 14.67
N ILE A 61 -11.33 -3.52 14.43
CA ILE A 61 -12.42 -2.96 13.64
C ILE A 61 -13.42 -2.37 14.65
N TYR A 62 -13.68 -1.07 14.52
CA TYR A 62 -14.60 -0.38 15.43
C TYR A 62 -16.02 -0.33 14.87
N VAL A 63 -16.97 -0.76 15.70
CA VAL A 63 -18.37 -0.74 15.34
C VAL A 63 -19.01 0.31 16.24
N LYS A 64 -19.79 1.20 15.65
CA LYS A 64 -20.39 2.29 16.39
C LYS A 64 -21.74 2.50 15.73
N ASN A 65 -22.78 2.68 16.55
CA ASN A 65 -24.11 2.81 15.99
C ASN A 65 -24.45 1.57 15.14
N GLY A 66 -23.86 0.44 15.50
CA GLY A 66 -24.15 -0.78 14.76
C GLY A 66 -23.58 -0.82 13.36
N LEU A 67 -22.63 0.07 13.05
CA LEU A 67 -21.98 0.13 11.73
C LEU A 67 -20.45 0.14 11.89
N VAL A 68 -19.74 -0.31 10.86
CA VAL A 68 -18.26 -0.27 10.90
C VAL A 68 -17.88 1.19 10.66
N THR A 69 -17.17 1.82 11.59
CA THR A 69 -16.80 3.22 11.39
C THR A 69 -15.30 3.50 11.11
N TRP A 70 -14.37 2.75 11.71
CA TRP A 70 -12.96 2.94 11.38
C TRP A 70 -12.18 1.78 11.96
N GLU A 71 -10.88 1.80 11.71
CA GLU A 71 -10.01 0.73 12.23
C GLU A 71 -8.69 1.33 12.72
N THR A 72 -8.05 0.68 13.70
CA THR A 72 -6.72 1.08 14.16
C THR A 72 -6.02 -0.27 14.39
N GLN A 73 -4.69 -0.29 14.29
CA GLN A 73 -3.98 -1.57 14.40
C GLN A 73 -3.97 -2.25 15.77
N GLN A 74 -4.03 -3.57 15.77
CA GLN A 74 -3.88 -4.31 17.03
C GLN A 74 -2.40 -4.11 17.34
N THR A 75 -2.02 -4.22 18.62
CA THR A 75 -0.62 -4.06 18.99
C THR A 75 -0.19 -5.22 19.89
N ASP A 76 -1.02 -6.26 19.95
CA ASP A 76 -0.82 -7.39 20.85
C ASP A 76 -0.17 -8.68 20.31
N TYR A 77 0.63 -8.56 19.26
CA TYR A 77 1.31 -9.73 18.75
C TYR A 77 2.25 -10.24 19.83
N PRO A 78 2.53 -11.57 19.82
CA PRO A 78 3.45 -12.12 20.82
C PRO A 78 4.74 -11.32 20.59
N ARG A 79 5.36 -10.83 21.65
CA ARG A 79 6.56 -10.05 21.47
C ARG A 79 7.77 -10.89 21.04
N THR A 80 8.67 -10.29 20.27
CA THR A 80 9.89 -10.95 19.85
C THR A 80 10.90 -10.90 21.00
N ARG A 81 12.05 -11.55 20.81
CA ARG A 81 13.12 -11.57 21.83
C ARG A 81 13.41 -10.13 22.28
N PRO A 82 13.93 -9.95 23.53
CA PRO A 82 14.27 -8.63 24.07
C PRO A 82 15.24 -7.84 23.20
N ASP A 83 16.12 -8.53 22.49
CA ASP A 83 17.11 -7.87 21.65
C ASP A 83 16.58 -7.53 20.23
N LEU A 84 15.30 -7.74 19.97
CA LEU A 84 14.70 -7.42 18.68
C LEU A 84 13.51 -6.48 18.88
N PRO A 85 13.26 -5.60 17.90
CA PRO A 85 12.11 -4.70 18.01
C PRO A 85 10.91 -5.64 17.88
N ASN A 86 9.77 -5.22 18.40
CA ASN A 86 8.55 -6.02 18.28
C ASN A 86 7.88 -5.63 16.95
N HIS A 87 6.87 -6.37 16.53
CA HIS A 87 6.17 -6.09 15.26
C HIS A 87 5.15 -4.94 15.27
N GLU A 88 4.48 -4.71 16.41
CA GLU A 88 3.43 -3.68 16.46
C GLU A 88 3.95 -2.30 16.09
N PRO A 89 3.07 -1.49 15.48
CA PRO A 89 1.67 -1.77 15.15
C PRO A 89 1.42 -2.39 13.80
N ARG A 90 2.44 -2.46 12.94
CA ARG A 90 2.25 -2.92 11.57
C ARG A 90 1.27 -1.94 10.94
N GLY A 91 0.55 -2.35 9.91
CA GLY A 91 -0.39 -1.45 9.25
C GLY A 91 0.23 -0.74 8.06
N CYS A 92 -0.58 0.06 7.35
CA CYS A 92 -0.13 0.83 6.20
C CYS A 92 -1.31 1.75 5.85
N PRO A 93 -1.09 2.76 4.99
CA PRO A 93 -2.15 3.70 4.62
C PRO A 93 -3.33 3.11 3.87
N ARG A 94 -3.06 2.11 3.02
CA ARG A 94 -4.12 1.46 2.26
C ARG A 94 -5.06 0.75 3.24
N GLY A 95 -4.50 -0.09 4.12
CA GLY A 95 -5.29 -0.82 5.11
C GLY A 95 -6.09 0.09 6.02
N ALA A 96 -5.50 1.22 6.44
CA ALA A 96 -6.20 2.20 7.28
C ALA A 96 -7.45 2.77 6.58
N SER A 97 -7.54 2.64 5.25
CA SER A 97 -8.70 3.19 4.55
C SER A 97 -9.76 2.13 4.16
N TYR A 98 -9.53 0.86 4.50
CA TYR A 98 -10.49 -0.16 4.07
C TYR A 98 -11.92 0.04 4.49
N SER A 99 -12.14 0.52 5.72
CA SER A 99 -13.51 0.76 6.20
C SER A 99 -14.35 1.60 5.23
N TRP A 100 -13.70 2.44 4.43
CA TRP A 100 -14.41 3.26 3.48
C TRP A 100 -15.33 2.42 2.56
N TYR A 101 -14.89 1.23 2.17
CA TYR A 101 -15.65 0.39 1.24
C TYR A 101 -16.98 -0.15 1.69
N LEU A 102 -17.16 -0.37 2.97
CA LEU A 102 -18.39 -1.01 3.42
C LEU A 102 -19.72 -0.45 2.95
N TYR A 103 -19.89 0.87 3.02
CA TYR A 103 -21.16 1.48 2.61
C TYR A 103 -20.97 2.53 1.53
N SER A 104 -19.82 2.53 0.90
CA SER A 104 -19.46 3.53 -0.11
C SER A 104 -20.29 3.40 -1.39
N ALA A 105 -20.17 4.40 -2.27
CA ALA A 105 -20.93 4.43 -3.53
C ALA A 105 -20.45 3.40 -4.55
N ASN A 106 -19.32 2.72 -4.30
CA ASN A 106 -18.91 1.69 -5.24
C ASN A 106 -19.13 0.25 -4.72
N ARG A 107 -19.83 0.11 -3.61
CA ARG A 107 -20.11 -1.20 -3.03
C ARG A 107 -21.10 -2.01 -3.89
N LEU A 108 -20.82 -3.29 -4.11
CA LEU A 108 -21.74 -4.18 -4.82
C LEU A 108 -22.67 -4.74 -3.76
N LYS A 109 -23.96 -4.49 -3.92
CA LYS A 109 -24.96 -4.91 -2.96
C LYS A 109 -25.80 -6.12 -3.36
N TYR A 110 -26.05 -6.28 -4.66
CA TYR A 110 -26.91 -7.34 -5.17
C TYR A 110 -26.30 -8.08 -6.34
N PRO A 111 -26.73 -9.33 -6.59
CA PRO A 111 -26.20 -10.08 -7.73
C PRO A 111 -26.65 -9.27 -8.93
N MET A 112 -25.79 -9.13 -9.93
CA MET A 112 -26.12 -8.37 -11.12
C MET A 112 -25.87 -9.22 -12.36
N MET A 113 -26.65 -8.98 -13.40
CA MET A 113 -26.48 -9.68 -14.66
C MET A 113 -26.61 -8.69 -15.81
N ARG A 114 -25.83 -8.89 -16.88
CA ARG A 114 -25.89 -8.05 -18.06
C ARG A 114 -27.33 -8.14 -18.61
N LYS A 115 -27.98 -7.00 -18.85
CA LYS A 115 -29.35 -6.97 -19.32
C LYS A 115 -29.65 -7.89 -20.50
N ARG A 116 -28.82 -7.84 -21.53
CA ARG A 116 -29.04 -8.67 -22.72
C ARG A 116 -29.02 -10.15 -22.37
N LEU A 117 -28.11 -10.57 -21.49
CA LEU A 117 -28.07 -11.97 -21.08
C LEU A 117 -29.33 -12.35 -20.25
N MET A 118 -29.78 -11.44 -19.38
CA MET A 118 -30.96 -11.69 -18.56
C MET A 118 -32.19 -11.83 -19.46
N LYS A 119 -32.36 -10.90 -20.38
CA LYS A 119 -33.49 -10.95 -21.29
C LYS A 119 -33.50 -12.31 -22.03
N MET A 120 -32.34 -12.72 -22.55
CA MET A 120 -32.29 -14.00 -23.28
C MET A 120 -32.43 -15.24 -22.41
N TRP A 121 -31.91 -15.13 -21.18
CA TRP A 121 -31.98 -16.24 -20.23
C TRP A 121 -33.45 -16.51 -19.89
N ARG A 122 -34.18 -15.44 -19.56
CA ARG A 122 -35.59 -15.57 -19.17
C ARG A 122 -36.48 -16.00 -20.33
N GLU A 123 -36.12 -15.60 -21.55
CA GLU A 123 -36.89 -15.99 -22.71
C GLU A 123 -36.61 -17.47 -22.99
N ALA A 124 -35.36 -17.89 -22.82
CA ALA A 124 -34.97 -19.28 -23.06
C ALA A 124 -35.65 -20.19 -22.05
N LYS A 125 -35.66 -19.79 -20.79
CA LYS A 125 -36.29 -20.62 -19.75
C LYS A 125 -37.78 -20.81 -20.00
N ALA A 126 -38.40 -19.88 -20.72
CA ALA A 126 -39.82 -20.00 -21.02
C ALA A 126 -40.04 -21.03 -22.14
N LEU A 127 -38.97 -21.47 -22.79
CA LEU A 127 -39.09 -22.45 -23.87
C LEU A 127 -38.37 -23.73 -23.53
N HIS A 128 -37.59 -23.72 -22.45
CA HIS A 128 -36.84 -24.89 -22.03
C HIS A 128 -36.91 -25.03 -20.52
N SER A 129 -37.73 -25.98 -20.06
CA SER A 129 -37.90 -26.17 -18.62
C SER A 129 -36.59 -26.58 -17.95
N ASP A 130 -35.73 -27.32 -18.65
CA ASP A 130 -34.44 -27.70 -18.04
C ASP A 130 -33.46 -26.50 -18.31
N PRO A 131 -32.86 -25.91 -17.25
CA PRO A 131 -31.93 -24.78 -17.51
C PRO A 131 -30.68 -25.08 -18.34
N VAL A 132 -30.28 -26.35 -18.39
CA VAL A 132 -29.12 -26.72 -19.19
C VAL A 132 -29.49 -26.54 -20.66
N GLU A 133 -30.70 -26.96 -20.99
CA GLU A 133 -31.21 -26.85 -22.34
C GLU A 133 -31.55 -25.40 -22.65
N ALA A 134 -31.89 -24.61 -21.63
CA ALA A 134 -32.12 -23.18 -21.89
C ALA A 134 -30.74 -22.55 -22.24
N TRP A 135 -29.71 -22.89 -21.48
CA TRP A 135 -28.36 -22.32 -21.74
C TRP A 135 -27.93 -22.72 -23.16
N ALA A 136 -28.09 -24.00 -23.48
CA ALA A 136 -27.74 -24.51 -24.80
C ALA A 136 -28.39 -23.70 -25.90
N SER A 137 -29.68 -23.39 -25.75
CA SER A 137 -30.38 -22.64 -26.80
C SER A 137 -29.81 -21.24 -27.06
N ILE A 138 -29.16 -20.68 -26.05
CA ILE A 138 -28.58 -19.36 -26.22
C ILE A 138 -27.17 -19.45 -26.79
N ILE A 139 -26.36 -20.30 -26.16
CA ILE A 139 -24.97 -20.44 -26.51
C ILE A 139 -24.64 -21.10 -27.86
N GLU A 140 -25.58 -21.87 -28.40
CA GLU A 140 -25.36 -22.53 -29.67
C GLU A 140 -25.87 -21.66 -30.80
N ASP A 141 -26.41 -20.50 -30.44
CA ASP A 141 -26.92 -19.55 -31.43
C ASP A 141 -25.89 -18.40 -31.53
N ALA A 142 -25.17 -18.33 -32.65
CA ALA A 142 -24.15 -17.30 -32.86
C ALA A 142 -24.61 -15.85 -32.64
N ASP A 143 -25.81 -15.51 -33.09
CA ASP A 143 -26.32 -14.15 -32.90
C ASP A 143 -26.68 -13.83 -31.45
N LYS A 144 -27.19 -14.82 -30.72
CA LYS A 144 -27.55 -14.61 -29.31
C LYS A 144 -26.27 -14.52 -28.50
N ALA A 145 -25.37 -15.48 -28.70
CA ALA A 145 -24.10 -15.48 -27.98
C ALA A 145 -23.36 -14.15 -28.17
N LYS A 146 -23.26 -13.70 -29.42
CA LYS A 146 -22.58 -12.46 -29.71
C LYS A 146 -23.29 -11.25 -29.11
N SER A 147 -24.62 -11.29 -29.02
CA SER A 147 -25.31 -10.14 -28.47
C SER A 147 -24.94 -9.82 -27.03
N PHE A 148 -24.65 -10.80 -26.17
CA PHE A 148 -24.28 -10.45 -24.79
C PHE A 148 -22.78 -10.36 -24.61
N LYS A 149 -22.00 -10.98 -25.49
CA LYS A 149 -20.54 -10.87 -25.34
C LYS A 149 -20.06 -9.49 -25.78
N GLN A 150 -20.72 -8.91 -26.78
CA GLN A 150 -20.36 -7.59 -27.26
C GLN A 150 -20.84 -6.48 -26.31
N ALA A 151 -21.74 -6.82 -25.38
CA ALA A 151 -22.24 -5.87 -24.41
C ALA A 151 -21.29 -5.80 -23.19
N ARG A 152 -20.28 -6.66 -23.16
CA ARG A 152 -19.31 -6.67 -22.05
C ARG A 152 -18.56 -5.34 -22.01
N GLY A 153 -18.57 -4.71 -20.83
CA GLY A 153 -17.90 -3.44 -20.66
C GLY A 153 -18.71 -2.30 -21.26
N ARG A 154 -19.97 -2.56 -21.60
CA ARG A 154 -20.79 -1.50 -22.19
C ARG A 154 -22.10 -1.13 -21.49
N GLY A 155 -22.10 -1.23 -20.16
CA GLY A 155 -23.26 -0.84 -19.36
C GLY A 155 -24.36 -1.86 -19.38
N GLY A 156 -25.52 -1.51 -18.84
CA GLY A 156 -26.63 -2.45 -18.87
C GLY A 156 -26.72 -3.50 -17.77
N PHE A 157 -26.00 -3.34 -16.65
CA PHE A 157 -26.15 -4.35 -15.61
C PHE A 157 -27.51 -4.15 -14.95
N VAL A 158 -28.19 -5.22 -14.60
CA VAL A 158 -29.48 -5.09 -13.95
C VAL A 158 -29.50 -5.98 -12.72
N ARG A 159 -30.25 -5.59 -11.71
CA ARG A 159 -30.27 -6.40 -10.49
C ARG A 159 -30.95 -7.75 -10.72
N SER A 160 -30.32 -8.80 -10.24
CA SER A 160 -30.85 -10.13 -10.40
C SER A 160 -31.10 -10.67 -8.99
N SER A 161 -30.99 -11.97 -8.80
CA SER A 161 -31.19 -12.56 -7.47
C SER A 161 -30.25 -13.74 -7.37
N TRP A 162 -29.95 -14.15 -6.15
CA TRP A 162 -29.06 -15.26 -5.96
C TRP A 162 -29.61 -16.51 -6.63
N GLN A 163 -30.92 -16.74 -6.48
CA GLN A 163 -31.50 -17.92 -7.09
C GLN A 163 -31.35 -17.93 -8.63
N GLU A 164 -31.50 -16.76 -9.25
CA GLU A 164 -31.40 -16.71 -10.71
C GLU A 164 -29.99 -16.90 -11.19
N VAL A 165 -29.02 -16.17 -10.60
CA VAL A 165 -27.66 -16.34 -11.08
C VAL A 165 -27.11 -17.70 -10.74
N ASN A 166 -27.49 -18.27 -9.59
CA ASN A 166 -26.95 -19.59 -9.26
C ASN A 166 -27.45 -20.64 -10.25
N GLU A 167 -28.69 -20.53 -10.70
CA GLU A 167 -29.19 -21.51 -11.65
C GLU A 167 -28.47 -21.36 -12.99
N LEU A 168 -28.33 -20.13 -13.47
CA LEU A 168 -27.67 -19.90 -14.76
C LEU A 168 -26.23 -20.41 -14.72
N ILE A 169 -25.52 -20.09 -13.64
CA ILE A 169 -24.14 -20.49 -13.50
C ILE A 169 -24.02 -22.01 -13.49
N ALA A 170 -24.88 -22.64 -12.69
CA ALA A 170 -24.85 -24.09 -12.58
C ALA A 170 -25.19 -24.70 -13.94
N ALA A 171 -26.18 -24.14 -14.60
CA ALA A 171 -26.62 -24.67 -15.90
C ALA A 171 -25.51 -24.56 -16.94
N SER A 172 -24.83 -23.41 -16.97
CA SER A 172 -23.75 -23.19 -17.91
C SER A 172 -22.60 -24.16 -17.61
N ASN A 173 -22.30 -24.37 -16.32
CA ASN A 173 -21.22 -25.28 -15.92
C ASN A 173 -21.50 -26.75 -16.38
N VAL A 174 -22.70 -27.24 -16.10
CA VAL A 174 -23.11 -28.59 -16.50
C VAL A 174 -23.02 -28.72 -18.05
N TYR A 175 -23.61 -27.77 -18.76
CA TYR A 175 -23.58 -27.77 -20.21
C TYR A 175 -22.16 -27.89 -20.76
N THR A 176 -21.26 -27.07 -20.21
CA THR A 176 -19.87 -27.05 -20.65
C THR A 176 -19.14 -28.33 -20.35
N ILE A 177 -19.31 -28.86 -19.14
CA ILE A 177 -18.62 -30.08 -18.73
C ILE A 177 -19.11 -31.24 -19.58
N LYS A 178 -20.43 -31.33 -19.76
CA LYS A 178 -21.03 -32.39 -20.54
C LYS A 178 -20.66 -32.35 -22.04
N ASN A 179 -20.70 -31.18 -22.66
CA ASN A 179 -20.41 -31.10 -24.08
C ASN A 179 -18.99 -30.86 -24.53
N TYR A 180 -18.18 -30.22 -23.70
CA TYR A 180 -16.80 -29.99 -24.09
C TYR A 180 -15.81 -30.64 -23.15
N GLY A 181 -16.10 -30.60 -21.84
CA GLY A 181 -15.21 -31.23 -20.89
C GLY A 181 -15.07 -30.42 -19.61
N PRO A 182 -14.83 -31.08 -18.47
CA PRO A 182 -14.68 -30.33 -17.21
C PRO A 182 -13.61 -29.23 -17.28
N ASP A 183 -12.50 -29.53 -17.97
CA ASP A 183 -11.40 -28.57 -18.10
C ASP A 183 -11.69 -27.40 -19.03
N ARG A 184 -12.94 -27.24 -19.46
CA ARG A 184 -13.29 -26.07 -20.24
C ARG A 184 -13.98 -25.09 -19.25
N VAL A 185 -13.96 -25.46 -17.97
CA VAL A 185 -14.47 -24.61 -16.89
C VAL A 185 -13.22 -24.29 -16.09
N ALA A 186 -13.02 -23.02 -15.76
CA ALA A 186 -11.81 -22.64 -15.02
C ALA A 186 -12.08 -21.53 -14.00
N GLY A 187 -11.14 -21.36 -13.09
CA GLY A 187 -11.24 -20.33 -12.08
C GLY A 187 -9.88 -19.69 -11.85
N PHE A 188 -9.89 -18.37 -11.73
CA PHE A 188 -8.68 -17.63 -11.43
C PHE A 188 -8.83 -16.92 -10.06
N SER A 189 -7.98 -17.30 -9.12
CA SER A 189 -7.95 -16.66 -7.80
C SER A 189 -6.51 -16.76 -7.34
N PRO A 190 -5.96 -15.67 -6.77
CA PRO A 190 -4.55 -15.78 -6.37
C PRO A 190 -4.24 -15.79 -4.90
N ILE A 191 -2.96 -15.91 -4.60
CA ILE A 191 -2.46 -15.78 -3.24
C ILE A 191 -3.38 -16.27 -2.12
N PRO A 192 -3.49 -17.58 -1.94
CA PRO A 192 -4.37 -18.05 -0.88
C PRO A 192 -3.95 -17.61 0.54
N ALA A 193 -2.66 -17.31 0.76
CA ALA A 193 -2.24 -16.91 2.10
C ALA A 193 -3.00 -15.71 2.68
N MET A 194 -3.50 -14.81 1.84
CA MET A 194 -4.21 -13.64 2.36
C MET A 194 -5.63 -13.91 2.87
N SER A 195 -6.21 -15.05 2.47
CA SER A 195 -7.56 -15.44 2.91
C SER A 195 -7.76 -16.87 2.39
N MET A 196 -7.20 -17.81 3.16
CA MET A 196 -7.14 -19.25 2.86
C MET A 196 -8.43 -19.95 2.48
N VAL A 197 -9.45 -19.84 3.33
CA VAL A 197 -10.72 -20.46 3.04
C VAL A 197 -11.42 -19.78 1.86
N SER A 198 -11.26 -18.46 1.74
CA SER A 198 -11.87 -17.71 0.65
C SER A 198 -11.35 -18.18 -0.72
N TYR A 199 -10.07 -18.48 -0.79
CA TYR A 199 -9.44 -18.99 -2.01
C TYR A 199 -9.99 -20.41 -2.18
N ALA A 200 -9.91 -21.18 -1.10
CA ALA A 200 -10.36 -22.57 -1.11
C ALA A 200 -11.77 -22.76 -1.61
N SER A 201 -12.67 -21.84 -1.30
CA SER A 201 -14.07 -21.99 -1.72
C SER A 201 -14.24 -22.33 -3.21
N GLY A 202 -13.77 -21.45 -4.08
CA GLY A 202 -13.91 -21.70 -5.50
C GLY A 202 -13.02 -22.82 -6.03
N ALA A 203 -11.82 -22.94 -5.50
CA ALA A 203 -10.87 -23.97 -5.94
C ALA A 203 -11.41 -25.37 -5.64
N ARG A 204 -12.11 -25.50 -4.51
CA ARG A 204 -12.67 -26.76 -4.08
C ARG A 204 -13.85 -27.16 -4.96
N TYR A 205 -14.72 -26.21 -5.28
CA TYR A 205 -15.86 -26.49 -6.14
C TYR A 205 -15.31 -26.90 -7.53
N LEU A 206 -14.37 -26.11 -8.05
CA LEU A 206 -13.77 -26.39 -9.36
C LEU A 206 -13.06 -27.75 -9.38
N SER A 207 -12.29 -28.05 -8.36
CA SER A 207 -11.56 -29.32 -8.33
C SER A 207 -12.48 -30.52 -8.25
N LEU A 208 -13.59 -30.39 -7.51
CA LEU A 208 -14.54 -31.49 -7.43
C LEU A 208 -15.12 -31.78 -8.81
N ILE A 209 -15.51 -30.73 -9.55
CA ILE A 209 -16.09 -30.93 -10.86
C ILE A 209 -15.13 -31.14 -12.03
N GLY A 210 -13.82 -31.05 -11.76
CA GLY A 210 -12.84 -31.24 -12.82
C GLY A 210 -12.33 -29.98 -13.51
N GLY A 211 -12.77 -28.82 -13.04
CA GLY A 211 -12.33 -27.55 -13.63
C GLY A 211 -10.85 -27.25 -13.37
N THR A 212 -10.28 -26.34 -14.16
CA THR A 212 -8.89 -26.01 -13.99
C THR A 212 -8.68 -24.85 -12.99
N CYS A 213 -7.75 -25.05 -12.07
CA CYS A 213 -7.35 -24.05 -11.10
C CYS A 213 -6.10 -23.39 -11.68
N LEU A 214 -6.22 -22.11 -12.01
CA LEU A 214 -5.11 -21.35 -12.61
C LEU A 214 -4.12 -20.84 -11.60
N SER A 215 -2.83 -20.92 -11.94
CA SER A 215 -1.77 -20.50 -11.02
C SER A 215 -1.65 -18.97 -10.99
N PHE A 216 -0.79 -18.45 -10.11
CA PHE A 216 -0.66 -17.00 -10.00
C PHE A 216 0.72 -16.45 -9.73
N TYR A 217 1.53 -17.17 -8.95
CA TYR A 217 2.87 -16.67 -8.59
C TYR A 217 3.75 -16.46 -9.83
N ASP A 218 3.70 -17.40 -10.76
CA ASP A 218 4.47 -17.29 -12.01
C ASP A 218 3.80 -16.23 -12.91
N TRP A 219 2.49 -16.29 -13.02
CA TRP A 219 1.73 -15.34 -13.83
C TRP A 219 2.00 -13.88 -13.44
N TYR A 220 2.09 -13.59 -12.14
CA TYR A 220 2.33 -12.23 -11.67
C TYR A 220 3.80 -11.85 -11.76
N CYS A 221 4.63 -12.82 -12.10
CA CYS A 221 6.08 -12.65 -12.20
C CYS A 221 6.72 -12.41 -10.82
N ASP A 222 6.13 -13.02 -9.80
CA ASP A 222 6.66 -12.92 -8.44
C ASP A 222 7.53 -14.14 -8.17
N LEU A 223 7.27 -15.21 -8.91
CA LEU A 223 8.10 -16.39 -8.83
C LEU A 223 9.45 -16.00 -9.43
N PRO A 224 10.55 -16.23 -8.72
CA PRO A 224 11.86 -15.91 -9.30
C PRO A 224 12.31 -17.31 -9.73
N PRO A 225 12.25 -17.62 -11.04
CA PRO A 225 12.66 -18.97 -11.47
C PRO A 225 14.05 -19.38 -11.01
N ALA A 226 14.87 -18.39 -10.66
CA ALA A 226 16.23 -18.65 -10.18
C ALA A 226 16.20 -19.38 -8.82
N SER A 227 15.06 -19.31 -8.13
CA SER A 227 14.97 -19.98 -6.82
C SER A 227 14.83 -21.50 -7.06
N PRO A 228 13.89 -21.92 -7.91
CA PRO A 228 13.77 -23.35 -8.16
C PRO A 228 15.10 -23.82 -8.79
N GLN A 229 15.70 -22.99 -9.65
CA GLN A 229 16.98 -23.39 -10.30
C GLN A 229 18.11 -23.65 -9.32
N THR A 230 18.27 -22.73 -8.39
CA THR A 230 19.35 -22.80 -7.43
C THR A 230 19.08 -23.68 -6.23
N TRP A 231 17.84 -23.72 -5.78
CA TRP A 231 17.52 -24.42 -4.54
C TRP A 231 16.44 -25.47 -4.62
N GLY A 232 15.78 -25.59 -5.76
CA GLY A 232 14.70 -26.56 -5.84
C GLY A 232 13.54 -26.11 -4.92
N GLU A 233 13.43 -24.80 -4.67
CA GLU A 233 12.38 -24.22 -3.82
C GLU A 233 11.64 -23.07 -4.50
N GLN A 234 10.32 -23.08 -4.38
CA GLN A 234 9.51 -22.04 -4.98
C GLN A 234 9.99 -20.68 -4.47
N THR A 235 9.95 -20.52 -3.15
CA THR A 235 10.41 -19.30 -2.48
C THR A 235 10.33 -19.51 -0.98
N ASP A 236 11.44 -19.25 -0.32
CA ASP A 236 11.52 -19.36 1.12
C ASP A 236 12.50 -18.26 1.51
N VAL A 237 12.07 -17.39 2.41
CA VAL A 237 12.93 -16.27 2.77
C VAL A 237 12.92 -15.94 4.24
N PRO A 238 13.91 -15.18 4.70
CA PRO A 238 14.01 -14.79 6.10
C PRO A 238 12.80 -13.92 6.43
N GLU A 239 12.34 -13.94 7.69
CA GLU A 239 11.23 -13.06 8.07
C GLU A 239 11.86 -11.69 8.29
N SER A 240 11.04 -10.64 8.33
CA SER A 240 11.56 -9.28 8.49
C SER A 240 12.30 -9.07 9.80
N ALA A 241 11.90 -9.77 10.86
CA ALA A 241 12.63 -9.57 12.11
C ALA A 241 14.09 -10.02 11.92
N ASP A 242 14.31 -10.94 10.98
CA ASP A 242 15.69 -11.42 10.76
C ASP A 242 16.57 -10.34 10.12
N TRP A 243 15.98 -9.35 9.46
CA TRP A 243 16.79 -8.25 8.92
C TRP A 243 17.54 -7.61 10.12
N TYR A 244 16.90 -7.61 11.29
CA TYR A 244 17.53 -7.02 12.46
C TYR A 244 18.80 -7.74 12.92
N ASN A 245 18.96 -8.98 12.49
CA ASN A 245 20.16 -9.74 12.85
C ASN A 245 21.28 -9.54 11.81
N SER A 246 21.01 -8.76 10.77
CA SER A 246 22.01 -8.52 9.71
C SER A 246 22.85 -7.30 10.01
N SER A 247 24.13 -7.34 9.64
CA SER A 247 24.99 -6.18 9.86
C SER A 247 25.36 -5.45 8.55
N TYR A 248 24.86 -5.94 7.41
CA TYR A 248 25.11 -5.26 6.12
C TYR A 248 23.98 -5.66 5.16
N ILE A 249 23.16 -4.67 4.78
CA ILE A 249 22.02 -4.94 3.92
C ILE A 249 21.99 -4.06 2.65
N ILE A 250 21.74 -4.70 1.52
CA ILE A 250 21.58 -3.96 0.30
C ILE A 250 20.11 -4.16 -0.10
N ALA A 251 19.38 -3.06 -0.31
CA ALA A 251 17.96 -3.12 -0.73
C ALA A 251 18.10 -2.86 -2.24
N TRP A 252 17.89 -3.89 -3.03
CA TRP A 252 18.14 -3.86 -4.45
C TRP A 252 16.86 -4.06 -5.25
N GLY A 253 16.34 -3.01 -5.88
CA GLY A 253 15.08 -3.16 -6.63
C GLY A 253 13.90 -3.52 -5.72
N SER A 254 13.97 -3.08 -4.46
CA SER A 254 12.91 -3.33 -3.44
C SER A 254 12.65 -2.00 -2.76
N ASN A 255 11.44 -1.48 -2.88
CA ASN A 255 11.13 -0.15 -2.35
C ASN A 255 10.53 -0.31 -0.94
N VAL A 256 11.36 -0.82 -0.01
CA VAL A 256 10.91 -1.16 1.34
C VAL A 256 9.86 -0.27 2.02
N PRO A 257 10.12 1.04 2.15
CA PRO A 257 9.12 1.87 2.81
C PRO A 257 7.74 1.91 2.18
N GLN A 258 7.71 1.75 0.87
CA GLN A 258 6.48 1.82 0.10
C GLN A 258 5.77 0.48 -0.08
N THR A 259 6.55 -0.57 -0.32
CA THR A 259 5.99 -1.89 -0.57
C THR A 259 6.14 -2.92 0.52
N ARG A 260 6.80 -2.57 1.62
CA ARG A 260 6.91 -3.53 2.74
C ARG A 260 6.67 -2.63 3.98
N THR A 261 5.77 -1.66 3.81
CA THR A 261 5.47 -0.67 4.83
C THR A 261 5.44 -1.12 6.32
N PRO A 262 4.60 -2.11 6.67
CA PRO A 262 4.54 -2.56 8.09
C PRO A 262 5.81 -3.18 8.64
N ASP A 263 6.74 -3.56 7.77
CA ASP A 263 8.00 -4.16 8.19
C ASP A 263 9.19 -3.22 8.10
N ALA A 264 8.99 -2.08 7.45
CA ALA A 264 10.08 -1.15 7.23
C ALA A 264 10.83 -0.73 8.48
N HIS A 265 10.15 -0.67 9.64
CA HIS A 265 10.87 -0.26 10.85
C HIS A 265 12.03 -1.17 11.20
N PHE A 266 11.99 -2.45 10.81
CA PHE A 266 13.13 -3.32 11.15
C PHE A 266 14.36 -2.82 10.41
N PHE A 267 14.12 -2.29 9.22
CA PHE A 267 15.20 -1.77 8.39
C PHE A 267 15.67 -0.41 8.94
N THR A 268 14.77 0.48 9.33
CA THR A 268 15.22 1.76 9.84
C THR A 268 15.88 1.60 11.22
N GLU A 269 15.34 0.69 12.02
CA GLU A 269 15.86 0.46 13.38
C GLU A 269 17.20 -0.29 13.42
N VAL A 270 17.42 -1.23 12.51
CA VAL A 270 18.68 -1.97 12.53
C VAL A 270 19.87 -1.07 12.24
N ARG A 271 19.64 0.06 11.57
CA ARG A 271 20.72 1.00 11.31
C ARG A 271 21.28 1.51 12.65
N TYR A 272 20.45 1.60 13.68
CA TYR A 272 20.92 2.10 14.98
C TYR A 272 21.81 1.10 15.72
N LYS A 273 21.76 -0.17 15.29
CA LYS A 273 22.58 -1.25 15.86
C LYS A 273 23.94 -1.30 15.10
N GLY A 274 24.17 -0.32 14.22
CA GLY A 274 25.41 -0.25 13.46
C GLY A 274 25.38 -0.84 12.05
N THR A 275 24.23 -1.33 11.63
CA THR A 275 24.11 -1.93 10.32
C THR A 275 24.15 -0.91 9.19
N LYS A 276 24.98 -1.16 8.18
CA LYS A 276 25.08 -0.24 7.03
C LYS A 276 24.07 -0.69 5.98
N THR A 277 23.45 0.26 5.31
CA THR A 277 22.44 -0.08 4.31
C THR A 277 22.74 0.63 2.99
N VAL A 278 22.45 -0.03 1.87
CA VAL A 278 22.68 0.52 0.52
C VAL A 278 21.43 0.31 -0.34
N ALA A 279 20.98 1.36 -1.00
CA ALA A 279 19.83 1.32 -1.89
C ALA A 279 20.36 1.29 -3.32
N VAL A 280 19.85 0.36 -4.13
CA VAL A 280 20.24 0.27 -5.55
C VAL A 280 18.97 0.40 -6.38
N THR A 281 18.71 1.62 -6.85
CA THR A 281 17.51 1.91 -7.65
C THR A 281 17.90 2.96 -8.70
N PRO A 282 17.34 2.87 -9.92
CA PRO A 282 17.67 3.84 -10.97
C PRO A 282 17.12 5.23 -10.68
N ASP A 283 16.01 5.31 -9.95
CA ASP A 283 15.39 6.58 -9.58
C ASP A 283 15.72 6.87 -8.10
N TYR A 284 15.45 8.09 -7.63
CA TYR A 284 15.64 8.38 -6.20
C TYR A 284 14.31 7.90 -5.60
N ALA A 285 14.29 6.63 -5.23
CA ALA A 285 13.09 6.02 -4.68
C ALA A 285 12.96 6.27 -3.16
N GLU A 286 11.79 5.97 -2.61
CA GLU A 286 11.60 6.15 -1.18
C GLU A 286 12.66 5.37 -0.40
N ILE A 287 13.01 4.18 -0.88
CA ILE A 287 14.02 3.39 -0.18
C ILE A 287 15.35 4.15 -0.01
N ALA A 288 15.73 4.98 -0.96
CA ALA A 288 17.00 5.68 -0.82
C ALA A 288 17.02 6.60 0.39
N LYS A 289 15.84 7.15 0.75
CA LYS A 289 15.74 8.08 1.86
C LYS A 289 16.23 7.41 3.15
N LEU A 290 16.12 6.08 3.22
CA LEU A 290 16.53 5.34 4.40
C LEU A 290 17.93 4.77 4.42
N CYS A 291 18.67 4.85 3.31
CA CYS A 291 19.97 4.21 3.30
C CYS A 291 21.19 5.11 3.46
N ASP A 292 22.35 4.48 3.59
CA ASP A 292 23.60 5.21 3.78
C ASP A 292 24.25 5.56 2.47
N LEU A 293 23.88 4.81 1.42
CA LEU A 293 24.46 5.06 0.11
C LEU A 293 23.42 4.78 -0.96
N TRP A 294 23.34 5.62 -1.99
CA TRP A 294 22.39 5.40 -3.10
C TRP A 294 23.15 5.15 -4.38
N LEU A 295 23.02 3.95 -4.95
CA LEU A 295 23.66 3.59 -6.23
C LEU A 295 22.51 3.54 -7.26
N ALA A 296 22.74 4.11 -8.44
CA ALA A 296 21.67 4.20 -9.43
C ALA A 296 21.98 3.62 -10.80
N PRO A 297 22.14 2.30 -10.88
CA PRO A 297 22.43 1.69 -12.19
C PRO A 297 21.29 1.92 -13.18
N LYS A 298 21.62 1.88 -14.48
CA LYS A 298 20.61 2.02 -15.53
C LYS A 298 19.65 0.85 -15.26
N GLN A 299 18.34 1.10 -15.30
CA GLN A 299 17.38 0.03 -15.04
C GLN A 299 17.59 -1.15 -16.03
N GLY A 300 17.38 -2.37 -15.55
CA GLY A 300 17.53 -3.54 -16.39
C GLY A 300 18.95 -4.06 -16.53
N THR A 301 19.93 -3.34 -15.99
CA THR A 301 21.33 -3.74 -16.14
C THR A 301 21.94 -4.23 -14.85
N ASP A 302 21.10 -4.48 -13.84
CA ASP A 302 21.62 -4.90 -12.53
C ASP A 302 22.54 -6.14 -12.49
N ALA A 303 22.26 -7.12 -13.33
CA ALA A 303 23.06 -8.33 -13.32
C ALA A 303 24.53 -7.98 -13.61
N ALA A 304 24.76 -6.96 -14.44
CA ALA A 304 26.13 -6.56 -14.76
C ALA A 304 26.83 -6.09 -13.50
N MET A 305 26.13 -5.29 -12.69
CA MET A 305 26.74 -4.80 -11.46
C MET A 305 27.00 -5.95 -10.52
N ALA A 306 26.04 -6.87 -10.40
CA ALA A 306 26.18 -8.04 -9.53
C ALA A 306 27.36 -8.94 -9.95
N LEU A 307 27.55 -9.12 -11.27
CA LEU A 307 28.67 -9.95 -11.75
C LEU A 307 30.01 -9.34 -11.35
N ALA A 308 30.16 -8.04 -11.53
CA ALA A 308 31.39 -7.34 -11.19
C ALA A 308 31.69 -7.43 -9.69
N MET A 309 30.64 -7.35 -8.86
CA MET A 309 30.82 -7.44 -7.41
C MET A 309 31.26 -8.83 -7.01
N GLY A 310 30.68 -9.84 -7.66
CA GLY A 310 31.06 -11.22 -7.38
C GLY A 310 32.51 -11.44 -7.80
N HIS A 311 32.91 -10.77 -8.88
CA HIS A 311 34.28 -10.87 -9.41
C HIS A 311 35.25 -10.37 -8.34
N VAL A 312 34.96 -9.21 -7.77
CA VAL A 312 35.81 -8.67 -6.73
C VAL A 312 35.83 -9.62 -5.53
N MET A 313 34.65 -10.13 -5.17
CA MET A 313 34.57 -11.04 -4.02
C MET A 313 35.40 -12.31 -4.24
N LEU A 314 35.27 -12.92 -5.41
CA LEU A 314 36.04 -14.13 -5.70
C LEU A 314 37.53 -13.83 -5.66
N ARG A 315 37.93 -12.78 -6.40
CA ARG A 315 39.32 -12.37 -6.45
C ARG A 315 39.94 -12.15 -5.07
N GLU A 316 39.26 -11.39 -4.24
CA GLU A 316 39.83 -11.06 -2.94
C GLU A 316 39.60 -11.98 -1.76
N PHE A 317 38.45 -12.65 -1.70
CA PHE A 317 38.14 -13.51 -0.55
C PHE A 317 38.18 -15.01 -0.80
N HIS A 318 38.34 -15.39 -2.06
CA HIS A 318 38.44 -16.80 -2.40
C HIS A 318 39.82 -17.14 -2.99
N LEU A 319 40.31 -16.27 -3.87
CA LEU A 319 41.61 -16.49 -4.51
C LEU A 319 42.83 -15.91 -3.76
N ASP A 320 42.98 -14.57 -3.73
CA ASP A 320 44.12 -13.93 -3.08
C ASP A 320 44.31 -14.10 -1.58
N ASN A 321 43.24 -14.01 -0.81
CA ASN A 321 43.34 -14.19 0.63
C ASN A 321 42.13 -15.04 1.03
N PRO A 322 42.15 -16.33 0.67
CA PRO A 322 41.05 -17.23 0.99
C PRO A 322 40.44 -17.09 2.37
N SER A 323 39.13 -16.97 2.41
CA SER A 323 38.40 -16.86 3.65
C SER A 323 38.15 -18.27 4.10
N GLN A 324 38.54 -18.58 5.32
CA GLN A 324 38.30 -19.93 5.81
C GLN A 324 36.79 -20.19 5.87
N TYR A 325 36.03 -19.20 6.33
CA TYR A 325 34.59 -19.39 6.42
C TYR A 325 33.98 -19.62 5.04
N PHE A 326 34.30 -18.75 4.09
CA PHE A 326 33.72 -18.89 2.75
C PHE A 326 34.11 -20.14 2.01
N THR A 327 35.38 -20.50 2.12
CA THR A 327 35.87 -21.69 1.41
C THR A 327 35.18 -22.97 1.87
N ASP A 328 35.11 -23.16 3.19
CA ASP A 328 34.43 -24.34 3.74
C ASP A 328 32.95 -24.37 3.31
N TYR A 329 32.32 -23.19 3.33
CA TYR A 329 30.91 -23.06 2.99
C TYR A 329 30.65 -23.49 1.53
N VAL A 330 31.38 -22.93 0.58
CA VAL A 330 31.10 -23.35 -0.80
C VAL A 330 31.47 -24.81 -1.09
N ARG A 331 32.38 -25.35 -0.28
CA ARG A 331 32.83 -26.73 -0.43
C ARG A 331 31.71 -27.68 -0.03
N ARG A 332 31.05 -27.35 1.08
CA ARG A 332 29.98 -28.20 1.57
C ARG A 332 28.56 -27.92 1.11
N TYR A 333 28.26 -26.67 0.75
CA TYR A 333 26.89 -26.31 0.38
C TYR A 333 26.57 -25.91 -1.06
N THR A 334 27.54 -25.99 -1.97
CA THR A 334 27.30 -25.66 -3.38
C THR A 334 27.74 -26.85 -4.26
N ASP A 335 27.41 -26.77 -5.54
CA ASP A 335 27.78 -27.79 -6.49
C ASP A 335 29.14 -27.46 -7.12
N MET A 336 29.86 -26.50 -6.54
CA MET A 336 31.16 -26.10 -7.10
C MET A 336 32.16 -27.25 -7.30
N PRO A 337 32.28 -28.16 -6.32
CA PRO A 337 33.22 -29.27 -6.51
C PRO A 337 32.73 -30.33 -7.51
N MET A 338 31.47 -30.20 -7.93
CA MET A 338 30.90 -31.14 -8.87
C MET A 338 31.59 -31.09 -10.26
N LEU A 339 31.71 -32.26 -10.89
CA LEU A 339 32.37 -32.38 -12.18
C LEU A 339 31.49 -32.20 -13.40
N VAL A 340 31.97 -31.36 -14.32
CA VAL A 340 31.24 -31.11 -15.55
C VAL A 340 32.00 -31.70 -16.73
N MET A 341 31.26 -32.34 -17.64
CA MET A 341 31.83 -32.95 -18.83
C MET A 341 31.97 -31.93 -19.95
N LEU A 342 33.09 -31.96 -20.66
CA LEU A 342 33.34 -31.03 -21.77
C LEU A 342 32.90 -31.65 -23.09
N GLU A 343 32.33 -30.82 -23.95
CA GLU A 343 31.89 -31.29 -25.25
C GLU A 343 32.85 -30.75 -26.31
N GLU A 344 33.23 -31.60 -27.25
CA GLU A 344 34.14 -31.18 -28.30
C GLU A 344 33.43 -30.30 -29.34
N ARG A 345 34.00 -29.13 -29.60
CA ARG A 345 33.49 -28.21 -30.62
C ARG A 345 34.62 -28.02 -31.64
N ASP A 346 34.47 -27.08 -32.58
CA ASP A 346 35.51 -26.85 -33.57
C ASP A 346 36.67 -26.02 -33.02
N GLY A 347 37.70 -26.69 -32.51
CA GLY A 347 38.85 -25.97 -32.00
C GLY A 347 38.84 -25.65 -30.51
N TYR A 348 37.71 -25.91 -29.85
CA TYR A 348 37.58 -25.64 -28.41
C TYR A 348 36.50 -26.53 -27.82
N TYR A 349 36.25 -26.39 -26.53
CA TYR A 349 35.22 -27.19 -25.87
C TYR A 349 34.10 -26.32 -25.32
N ALA A 350 32.95 -26.96 -25.09
CA ALA A 350 31.80 -26.27 -24.50
C ALA A 350 31.46 -27.07 -23.24
N ALA A 351 31.02 -26.39 -22.17
CA ALA A 351 30.64 -27.09 -20.94
C ALA A 351 29.39 -27.90 -21.24
N GLY A 352 29.44 -29.19 -20.93
CA GLY A 352 28.31 -30.07 -21.18
C GLY A 352 27.56 -30.45 -19.91
N ARG A 353 26.89 -31.60 -19.91
CA ARG A 353 26.16 -32.00 -18.72
C ARG A 353 27.09 -32.39 -17.62
N MET A 354 26.58 -32.40 -16.39
CA MET A 354 27.37 -32.76 -15.23
C MET A 354 27.62 -34.27 -15.26
N LEU A 355 28.80 -34.67 -14.78
CA LEU A 355 29.17 -36.09 -14.71
C LEU A 355 28.26 -36.79 -13.72
N ARG A 356 27.83 -38.02 -14.05
CA ARG A 356 26.97 -38.80 -13.17
C ARG A 356 27.70 -40.09 -12.78
N ALA A 357 27.32 -40.70 -11.66
CA ALA A 357 27.98 -41.94 -11.24
C ALA A 357 27.86 -42.97 -12.36
N ALA A 358 26.72 -43.01 -13.04
CA ALA A 358 26.49 -43.96 -14.12
C ALA A 358 27.52 -43.84 -15.24
N ASP A 359 28.20 -42.70 -15.34
CA ASP A 359 29.20 -42.51 -16.40
C ASP A 359 30.50 -43.29 -16.17
N LEU A 360 30.82 -43.60 -14.92
CA LEU A 360 32.03 -44.32 -14.59
C LEU A 360 31.85 -45.84 -14.64
N VAL A 361 32.97 -46.53 -14.85
CA VAL A 361 32.99 -47.98 -14.95
C VAL A 361 32.12 -48.72 -13.92
N ASP A 362 32.54 -48.74 -12.67
CA ASP A 362 31.76 -49.46 -11.67
C ASP A 362 30.57 -48.64 -11.11
N ALA A 363 30.18 -47.57 -11.83
CA ALA A 363 29.09 -46.69 -11.40
C ALA A 363 29.33 -46.22 -9.96
N LEU A 364 30.60 -46.13 -9.60
CA LEU A 364 31.03 -45.70 -8.28
C LEU A 364 30.28 -46.41 -7.17
N GLY A 365 29.93 -47.66 -7.42
CA GLY A 365 29.22 -48.47 -6.43
C GLY A 365 27.75 -48.12 -6.26
N GLN A 366 27.24 -47.31 -7.19
CA GLN A 366 25.85 -46.87 -7.14
C GLN A 366 24.92 -47.75 -7.96
N GLU A 367 24.06 -48.51 -7.32
CA GLU A 367 23.16 -49.32 -8.12
C GLU A 367 21.79 -48.65 -8.27
N ASN A 368 21.42 -47.76 -7.33
CA ASN A 368 20.13 -47.05 -7.43
C ASN A 368 20.35 -45.65 -7.99
N ASN A 369 19.59 -45.30 -9.02
CA ASN A 369 19.67 -43.98 -9.67
C ASN A 369 21.11 -43.48 -9.88
N PRO A 370 22.00 -44.32 -10.44
CA PRO A 370 23.38 -43.83 -10.62
C PRO A 370 23.49 -42.67 -11.60
N GLU A 371 22.51 -42.55 -12.47
CA GLU A 371 22.51 -41.48 -13.45
C GLU A 371 21.98 -40.16 -12.86
N TRP A 372 21.54 -40.19 -11.61
CA TRP A 372 21.02 -38.98 -10.95
C TRP A 372 21.86 -38.58 -9.75
N LYS A 373 23.09 -39.07 -9.71
CA LYS A 373 24.01 -38.73 -8.64
C LYS A 373 25.24 -38.07 -9.23
N THR A 374 25.57 -36.88 -8.72
CA THR A 374 26.71 -36.14 -9.23
C THR A 374 28.02 -36.63 -8.65
N VAL A 375 29.11 -36.21 -9.27
CA VAL A 375 30.46 -36.64 -8.89
C VAL A 375 31.46 -35.53 -8.63
N ALA A 376 32.36 -35.78 -7.68
CA ALA A 376 33.41 -34.82 -7.39
C ALA A 376 34.67 -35.60 -7.05
N PHE A 377 35.77 -34.87 -6.89
CA PHE A 377 37.03 -35.46 -6.51
C PHE A 377 37.23 -35.14 -5.05
N ASN A 378 37.68 -36.10 -4.25
CA ASN A 378 37.96 -35.79 -2.86
C ASN A 378 39.37 -35.19 -2.90
N THR A 379 39.84 -34.69 -1.76
CA THR A 379 41.14 -34.06 -1.73
C THR A 379 42.32 -35.02 -1.95
N ASN A 380 42.02 -36.31 -2.11
CA ASN A 380 43.07 -37.30 -2.37
C ASN A 380 43.02 -37.75 -3.81
N GLY A 381 42.47 -36.91 -4.68
CA GLY A 381 42.37 -37.22 -6.08
C GLY A 381 41.43 -38.35 -6.47
N GLU A 382 40.69 -38.89 -5.51
CA GLU A 382 39.77 -39.97 -5.83
C GLU A 382 38.37 -39.47 -6.17
N MET A 383 37.73 -40.14 -7.12
CA MET A 383 36.39 -39.79 -7.57
C MET A 383 35.37 -40.30 -6.54
N VAL A 384 34.34 -39.52 -6.26
CA VAL A 384 33.33 -39.95 -5.30
C VAL A 384 31.95 -39.39 -5.64
N ALA A 385 30.91 -40.09 -5.21
CA ALA A 385 29.52 -39.64 -5.41
C ALA A 385 29.10 -39.26 -3.98
N PRO A 386 29.21 -37.97 -3.63
CA PRO A 386 28.84 -37.52 -2.28
C PRO A 386 27.35 -37.59 -1.92
N ASN A 387 27.08 -37.80 -0.65
CA ASN A 387 25.70 -37.87 -0.16
C ASN A 387 24.87 -36.67 -0.62
N GLY A 388 23.55 -36.83 -0.67
CA GLY A 388 22.70 -35.70 -0.99
C GLY A 388 22.21 -35.40 -2.39
N SER A 389 22.83 -35.98 -3.42
CA SER A 389 22.38 -35.74 -4.77
C SER A 389 20.97 -36.33 -4.90
N ILE A 390 20.20 -35.81 -5.84
CA ILE A 390 18.82 -36.22 -6.00
C ILE A 390 18.58 -37.71 -6.13
N GLY A 391 19.57 -38.45 -6.64
CA GLY A 391 19.42 -39.89 -6.79
C GLY A 391 19.19 -40.62 -5.49
N PHE A 392 19.75 -40.10 -4.40
CA PHE A 392 19.61 -40.69 -3.07
C PHE A 392 18.29 -40.36 -2.38
N ARG A 393 17.43 -39.56 -3.02
CA ARG A 393 16.16 -39.18 -2.40
C ARG A 393 15.10 -40.24 -2.57
N TRP A 394 15.11 -40.89 -3.74
CA TRP A 394 14.13 -41.90 -4.09
C TRP A 394 14.74 -43.30 -4.32
N GLY A 395 13.98 -44.34 -3.99
CA GLY A 395 14.46 -45.69 -4.20
C GLY A 395 15.41 -46.23 -3.14
N GLU A 396 15.78 -45.38 -2.20
CA GLU A 396 16.66 -45.79 -1.12
C GLU A 396 16.42 -44.81 0.03
N LYS A 397 17.10 -45.01 1.15
CA LYS A 397 16.91 -44.13 2.30
C LYS A 397 18.17 -43.99 3.14
N GLY A 398 18.25 -42.90 3.90
CA GLY A 398 19.39 -42.67 4.77
C GLY A 398 20.58 -41.91 4.25
N LYS A 399 20.61 -41.60 2.95
CA LYS A 399 21.78 -40.91 2.41
C LYS A 399 21.50 -39.56 1.75
N TRP A 400 20.23 -39.17 1.72
CA TRP A 400 19.86 -37.88 1.14
C TRP A 400 20.10 -36.83 2.22
N ASN A 401 21.36 -36.46 2.41
CA ASN A 401 21.75 -35.46 3.40
C ASN A 401 23.04 -34.76 2.94
N LEU A 402 23.43 -33.70 3.65
CA LEU A 402 24.62 -32.94 3.31
C LEU A 402 25.81 -33.23 4.21
N GLU A 403 25.84 -34.44 4.74
CA GLU A 403 26.98 -34.88 5.52
C GLU A 403 28.07 -35.02 4.44
N GLN A 404 29.29 -34.56 4.71
CA GLN A 404 30.31 -34.70 3.68
C GLN A 404 30.79 -36.17 3.73
N ARG A 405 30.03 -37.03 3.06
CA ARG A 405 30.37 -38.45 3.06
C ARG A 405 30.34 -39.06 1.67
N ASP A 406 31.03 -40.18 1.56
CA ASP A 406 31.13 -40.95 0.33
C ASP A 406 29.84 -41.75 0.20
N GLY A 407 29.08 -41.50 -0.86
CA GLY A 407 27.84 -42.19 -1.07
C GLY A 407 27.95 -43.70 -1.23
N LYS A 408 29.18 -44.19 -1.41
CA LYS A 408 29.37 -45.61 -1.57
C LYS A 408 29.90 -46.22 -0.28
N THR A 409 31.04 -45.72 0.19
CA THR A 409 31.68 -46.21 1.40
C THR A 409 31.05 -45.71 2.71
N GLY A 410 30.26 -44.65 2.63
CA GLY A 410 29.65 -44.13 3.85
C GLY A 410 30.70 -43.50 4.73
N GLU A 411 31.89 -43.32 4.19
CA GLU A 411 32.99 -42.74 4.95
C GLU A 411 33.07 -41.22 4.70
N GLU A 412 33.67 -40.51 5.65
CA GLU A 412 33.82 -39.06 5.54
C GLU A 412 34.85 -38.73 4.48
N THR A 413 34.50 -37.79 3.60
CA THR A 413 35.41 -37.38 2.54
C THR A 413 35.47 -35.85 2.53
N GLU A 414 36.46 -35.30 1.85
CA GLU A 414 36.56 -33.86 1.76
C GLU A 414 36.60 -33.57 0.27
N LEU A 415 35.66 -32.77 -0.20
CA LEU A 415 35.62 -32.48 -1.62
C LEU A 415 36.64 -31.43 -2.02
N GLN A 416 37.18 -31.60 -3.22
CA GLN A 416 38.17 -30.68 -3.73
C GLN A 416 37.41 -29.71 -4.61
N LEU A 417 37.77 -28.42 -4.53
CA LEU A 417 37.11 -27.39 -5.32
C LEU A 417 37.70 -27.20 -6.73
N SER A 418 38.96 -26.83 -6.80
CA SER A 418 39.61 -26.57 -8.08
C SER A 418 40.54 -27.69 -8.53
N LEU A 419 40.62 -27.90 -9.84
CA LEU A 419 41.52 -28.90 -10.41
C LEU A 419 42.89 -28.27 -10.70
N LEU A 420 42.97 -26.93 -10.63
CA LEU A 420 44.23 -26.25 -10.87
C LEU A 420 45.29 -26.79 -9.93
N GLY A 421 46.36 -27.34 -10.50
CA GLY A 421 47.42 -27.91 -9.69
C GLY A 421 47.30 -29.42 -9.60
N SER A 422 46.61 -30.00 -10.56
CA SER A 422 46.46 -31.43 -10.59
C SER A 422 45.75 -31.82 -11.88
N GLN A 423 45.77 -30.93 -12.85
CA GLN A 423 45.13 -31.20 -14.12
C GLN A 423 46.04 -32.01 -15.04
N ASP A 424 45.44 -32.81 -15.92
CA ASP A 424 46.20 -33.60 -16.89
C ASP A 424 46.59 -32.66 -18.03
N GLU A 425 45.85 -31.57 -18.17
CA GLU A 425 46.10 -30.59 -19.22
C GLU A 425 45.17 -29.38 -19.09
N ILE A 426 45.43 -28.38 -19.90
CA ILE A 426 44.64 -27.16 -19.93
C ILE A 426 43.84 -27.22 -21.22
N ALA A 427 42.55 -26.95 -21.16
CA ALA A 427 41.71 -26.96 -22.35
C ALA A 427 41.02 -25.62 -22.48
N GLU A 428 40.60 -25.30 -23.69
CA GLU A 428 39.92 -24.03 -23.91
C GLU A 428 38.45 -24.27 -24.07
N VAL A 429 37.69 -23.62 -23.20
CA VAL A 429 36.24 -23.75 -23.15
C VAL A 429 35.62 -22.43 -23.52
N GLY A 430 34.65 -22.46 -24.42
CA GLY A 430 33.98 -21.24 -24.85
C GLY A 430 32.81 -20.91 -23.90
N PHE A 431 32.64 -19.61 -23.61
CA PHE A 431 31.53 -19.15 -22.76
C PHE A 431 30.70 -18.13 -23.55
N PRO A 432 29.37 -18.23 -23.45
CA PRO A 432 28.60 -17.25 -24.20
C PRO A 432 28.73 -15.86 -23.55
N TYR A 433 28.69 -14.82 -24.37
CA TYR A 433 28.77 -13.45 -23.92
C TYR A 433 27.75 -12.65 -24.71
N PHE A 434 26.80 -12.05 -23.99
CA PHE A 434 25.73 -11.30 -24.63
C PHE A 434 25.82 -9.81 -24.36
N GLY A 435 26.85 -9.43 -23.61
CA GLY A 435 27.07 -8.04 -23.24
C GLY A 435 27.23 -7.03 -24.37
N GLY A 436 27.43 -7.53 -25.60
CA GLY A 436 27.60 -6.66 -26.75
C GLY A 436 26.31 -6.53 -27.55
N ASP A 437 25.29 -7.27 -27.13
CA ASP A 437 23.96 -7.23 -27.77
C ASP A 437 23.10 -6.17 -27.02
N GLY A 438 21.89 -5.94 -27.49
CA GLY A 438 21.04 -4.95 -26.83
C GLY A 438 20.48 -3.89 -27.76
N THR A 439 19.53 -3.14 -27.25
CA THR A 439 18.91 -2.10 -28.05
C THR A 439 19.74 -0.82 -27.94
N GLU A 440 19.32 0.20 -28.68
CA GLU A 440 20.01 1.48 -28.67
C GLU A 440 19.85 2.19 -27.31
N HIS A 441 18.92 1.72 -26.48
CA HIS A 441 18.65 2.38 -25.22
C HIS A 441 19.56 2.02 -24.04
N PHE A 442 20.43 1.03 -24.26
CA PHE A 442 21.35 0.58 -23.24
C PHE A 442 22.77 0.53 -23.77
N ASN A 443 23.73 0.83 -22.89
CA ASN A 443 25.14 0.81 -23.26
C ASN A 443 25.52 -0.65 -23.42
N LYS A 444 26.40 -0.91 -24.38
CA LYS A 444 26.86 -2.27 -24.67
C LYS A 444 28.37 -2.30 -24.65
N VAL A 445 28.95 -3.47 -24.42
CA VAL A 445 30.39 -3.60 -24.46
C VAL A 445 30.75 -4.75 -25.38
N GLU A 446 31.33 -4.40 -26.51
CA GLU A 446 31.74 -5.40 -27.49
C GLU A 446 33.00 -6.19 -27.11
N LEU A 447 32.85 -7.50 -27.05
CA LEU A 447 33.99 -8.38 -26.77
C LEU A 447 33.87 -9.42 -27.92
N GLU A 448 33.44 -10.63 -27.63
CA GLU A 448 33.20 -11.65 -28.66
C GLU A 448 31.97 -12.42 -28.19
N ASN A 449 31.19 -12.96 -29.12
CA ASN A 449 29.99 -13.73 -28.76
C ASN A 449 30.37 -14.95 -27.95
N VAL A 450 31.55 -15.51 -28.24
CA VAL A 450 32.04 -16.65 -27.50
C VAL A 450 33.40 -16.26 -26.93
N LEU A 451 33.54 -16.35 -25.62
CA LEU A 451 34.79 -16.01 -24.96
C LEU A 451 35.50 -17.27 -24.56
N LEU A 452 36.71 -17.48 -25.09
CA LEU A 452 37.50 -18.67 -24.76
C LEU A 452 38.32 -18.49 -23.50
N HIS A 453 38.21 -19.45 -22.60
CA HIS A 453 38.95 -19.39 -21.36
C HIS A 453 39.76 -20.68 -21.16
N LYS A 454 40.88 -20.57 -20.47
CA LYS A 454 41.73 -21.73 -20.20
C LYS A 454 41.28 -22.36 -18.90
N LEU A 455 40.83 -23.61 -19.00
CA LEU A 455 40.34 -24.36 -17.86
C LEU A 455 41.20 -25.58 -17.58
N PRO A 456 41.46 -25.88 -16.30
CA PRO A 456 42.26 -27.06 -15.93
C PRO A 456 41.33 -28.28 -16.02
N VAL A 457 41.74 -29.32 -16.74
CA VAL A 457 40.91 -30.50 -16.89
C VAL A 457 41.62 -31.79 -16.52
N LYS A 458 40.85 -32.88 -16.55
CA LYS A 458 41.37 -34.21 -16.28
C LYS A 458 40.65 -35.11 -17.27
N ARG A 459 41.37 -36.08 -17.81
CA ARG A 459 40.73 -36.98 -18.77
C ARG A 459 40.25 -38.18 -17.99
N LEU A 460 39.04 -38.62 -18.29
CA LEU A 460 38.45 -39.78 -17.61
C LEU A 460 38.04 -40.86 -18.61
N GLN A 461 38.09 -42.09 -18.12
CA GLN A 461 37.71 -43.25 -18.91
C GLN A 461 36.28 -43.57 -18.52
N LEU A 462 35.36 -43.41 -19.46
CA LEU A 462 33.98 -43.66 -19.16
C LEU A 462 33.63 -45.15 -19.25
N ALA A 463 32.43 -45.47 -18.77
CA ALA A 463 31.91 -46.81 -18.76
C ALA A 463 31.62 -47.34 -20.15
N ASP A 464 31.31 -46.47 -21.10
CA ASP A 464 31.02 -46.96 -22.45
C ASP A 464 32.30 -47.14 -23.25
N GLY A 465 33.42 -47.02 -22.58
CA GLY A 465 34.70 -47.18 -23.25
C GLY A 465 35.32 -45.92 -23.77
N SER A 466 34.50 -44.90 -24.06
CA SER A 466 35.01 -43.64 -24.58
C SER A 466 35.80 -42.89 -23.50
N THR A 467 36.37 -41.76 -23.90
CA THR A 467 37.15 -40.99 -22.97
C THR A 467 36.50 -39.60 -22.91
N ALA A 468 36.72 -38.86 -21.83
CA ALA A 468 36.13 -37.53 -21.74
C ALA A 468 36.90 -36.59 -20.83
N LEU A 469 36.84 -35.30 -21.12
CA LEU A 469 37.50 -34.28 -20.29
C LEU A 469 36.47 -33.69 -19.31
N VAL A 470 36.88 -33.48 -18.06
CA VAL A 470 35.98 -32.90 -17.07
C VAL A 470 36.67 -31.78 -16.32
N THR A 471 35.87 -30.85 -15.79
CA THR A 471 36.42 -29.78 -14.97
C THR A 471 35.36 -29.59 -13.89
N THR A 472 35.66 -28.80 -12.87
CA THR A 472 34.67 -28.58 -11.81
C THR A 472 33.82 -27.33 -12.06
N VAL A 473 32.66 -27.27 -11.39
CA VAL A 473 31.77 -26.13 -11.52
C VAL A 473 32.55 -24.91 -11.04
N TYR A 474 33.35 -25.13 -10.00
CA TYR A 474 34.16 -24.08 -9.43
C TYR A 474 35.10 -23.42 -10.42
N ASP A 475 35.82 -24.24 -11.18
CA ASP A 475 36.77 -23.70 -12.15
C ASP A 475 36.03 -22.96 -13.27
N LEU A 476 34.93 -23.56 -13.72
CA LEU A 476 34.10 -22.98 -14.77
C LEU A 476 33.59 -21.61 -14.29
N THR A 477 33.21 -21.53 -13.02
CA THR A 477 32.71 -20.28 -12.47
C THR A 477 33.75 -19.18 -12.44
N LEU A 478 34.95 -19.48 -11.93
CA LEU A 478 36.01 -18.46 -11.87
C LEU A 478 36.36 -17.96 -13.27
N ALA A 479 36.29 -18.85 -14.26
CA ALA A 479 36.59 -18.46 -15.63
C ALA A 479 35.47 -17.58 -16.17
N ASN A 480 34.23 -17.98 -15.93
CA ASN A 480 33.07 -17.22 -16.40
C ASN A 480 33.14 -15.77 -15.83
N TYR A 481 33.64 -15.62 -14.59
CA TYR A 481 33.77 -14.29 -14.02
C TYR A 481 34.98 -13.52 -14.56
N GLY A 482 35.84 -14.22 -15.30
CA GLY A 482 37.04 -13.60 -15.89
C GLY A 482 38.21 -13.47 -14.94
N LEU A 483 38.34 -14.40 -13.99
CA LEU A 483 39.42 -14.36 -13.02
C LEU A 483 40.70 -15.04 -13.53
N GLU A 484 41.76 -14.25 -13.70
CA GLU A 484 43.06 -14.79 -14.16
C GLU A 484 43.63 -15.70 -13.09
N ARG A 485 43.98 -16.92 -13.49
CA ARG A 485 44.51 -17.87 -12.54
C ARG A 485 45.93 -18.34 -12.79
N GLY A 486 46.66 -17.61 -13.63
CA GLY A 486 48.04 -17.97 -13.89
C GLY A 486 48.25 -18.71 -15.20
N LEU A 487 47.18 -19.01 -15.92
CA LEU A 487 47.29 -19.70 -17.20
C LEU A 487 47.45 -18.72 -18.35
N ASN A 488 47.52 -17.44 -18.01
CA ASN A 488 47.66 -16.37 -18.99
C ASN A 488 46.55 -16.44 -20.03
N ASP A 489 45.34 -16.22 -19.53
CA ASP A 489 44.11 -16.24 -20.31
C ASP A 489 43.87 -14.80 -20.79
N VAL A 490 43.90 -14.60 -22.10
CA VAL A 490 43.71 -13.28 -22.65
C VAL A 490 42.31 -12.68 -22.36
N ASN A 491 41.34 -13.54 -22.09
CA ASN A 491 40.00 -13.01 -21.81
C ASN A 491 39.74 -12.82 -20.31
N CYS A 492 40.77 -13.04 -19.49
CA CYS A 492 40.64 -12.83 -18.05
C CYS A 492 41.22 -11.44 -17.77
N ALA A 493 40.79 -10.84 -16.67
CA ALA A 493 41.22 -9.50 -16.34
C ALA A 493 42.61 -9.46 -15.71
N THR A 494 43.36 -8.41 -16.04
CA THR A 494 44.68 -8.19 -15.48
C THR A 494 44.51 -7.27 -14.26
N SER A 495 43.33 -6.66 -14.16
CA SER A 495 42.99 -5.77 -13.05
C SER A 495 41.51 -5.42 -13.16
N TYR A 496 41.00 -4.72 -12.15
CA TYR A 496 39.61 -4.31 -12.14
C TYR A 496 39.36 -3.27 -13.23
N ASP A 497 40.42 -2.59 -13.68
CA ASP A 497 40.30 -1.57 -14.71
C ASP A 497 40.28 -2.16 -16.12
N ASP A 498 40.65 -3.44 -16.22
CA ASP A 498 40.66 -4.15 -17.50
C ASP A 498 39.22 -4.43 -17.94
N VAL A 499 38.83 -3.94 -19.11
CA VAL A 499 37.49 -4.18 -19.60
C VAL A 499 37.39 -5.60 -20.12
N LYS A 500 37.06 -6.50 -19.19
CA LYS A 500 36.94 -7.90 -19.52
C LYS A 500 35.62 -8.41 -18.98
N ALA A 501 35.28 -9.62 -19.41
CA ALA A 501 34.02 -10.20 -18.99
C ALA A 501 33.98 -10.69 -17.51
N TYR A 502 33.79 -9.93 -16.52
CA TYR A 502 32.93 -9.23 -15.67
C TYR A 502 33.56 -8.39 -14.61
N THR A 503 34.28 -7.38 -15.09
CA THR A 503 35.04 -6.53 -14.15
C THR A 503 34.31 -5.25 -13.78
N PRO A 504 34.77 -4.60 -12.71
CA PRO A 504 34.16 -3.34 -12.28
C PRO A 504 34.21 -2.31 -13.42
N ALA A 505 35.31 -2.27 -14.17
CA ALA A 505 35.41 -1.33 -15.31
C ALA A 505 34.39 -1.70 -16.39
N TRP A 506 34.24 -2.98 -16.64
CA TRP A 506 33.26 -3.45 -17.61
C TRP A 506 31.83 -3.03 -17.16
N ALA A 507 31.50 -3.26 -15.87
CA ALA A 507 30.15 -2.96 -15.41
C ALA A 507 29.84 -1.47 -15.38
N GLU A 508 30.86 -0.66 -15.14
CA GLU A 508 30.68 0.79 -15.14
C GLU A 508 30.16 1.21 -16.52
N GLN A 509 30.70 0.60 -17.57
CA GLN A 509 30.23 0.95 -18.91
C GLN A 509 28.81 0.51 -19.14
N ILE A 510 28.49 -0.70 -18.69
CA ILE A 510 27.13 -1.21 -18.90
C ILE A 510 26.10 -0.52 -18.02
N THR A 511 26.44 -0.37 -16.73
CA THR A 511 25.47 0.19 -15.77
C THR A 511 25.54 1.66 -15.45
N GLY A 512 26.68 2.28 -15.67
CA GLY A 512 26.84 3.68 -15.35
C GLY A 512 27.22 3.85 -13.87
N VAL A 513 27.27 2.77 -13.09
CA VAL A 513 27.69 2.90 -11.69
C VAL A 513 29.21 2.93 -11.68
N SER A 514 29.76 3.90 -10.96
CA SER A 514 31.19 4.09 -10.85
C SER A 514 31.87 2.81 -10.32
N ARG A 515 32.92 2.38 -11.02
CA ARG A 515 33.64 1.15 -10.61
C ARG A 515 34.17 1.20 -9.17
N SER A 516 34.53 2.35 -8.67
CA SER A 516 35.06 2.38 -7.30
C SER A 516 33.94 2.10 -6.29
N GLN A 517 32.69 2.42 -6.65
CA GLN A 517 31.55 2.13 -5.79
C GLN A 517 31.31 0.63 -5.84
N ILE A 518 31.38 0.05 -7.03
CA ILE A 518 31.20 -1.40 -7.19
C ILE A 518 32.24 -2.15 -6.36
N ILE A 519 33.48 -1.69 -6.42
CA ILE A 519 34.54 -2.33 -5.66
C ILE A 519 34.40 -2.12 -4.13
N ARG A 520 34.14 -0.89 -3.72
CA ARG A 520 34.06 -0.60 -2.28
C ARG A 520 32.93 -1.36 -1.57
N ILE A 521 31.76 -1.41 -2.19
CA ILE A 521 30.62 -2.10 -1.59
C ILE A 521 30.79 -3.61 -1.65
N ALA A 522 31.28 -4.14 -2.78
CA ALA A 522 31.49 -5.59 -2.88
C ALA A 522 32.45 -5.97 -1.74
N ARG A 523 33.50 -5.19 -1.56
CA ARG A 523 34.48 -5.49 -0.51
C ARG A 523 33.87 -5.39 0.91
N GLU A 524 33.17 -4.29 1.18
CA GLU A 524 32.56 -4.12 2.51
C GLU A 524 31.58 -5.24 2.80
N PHE A 525 30.77 -5.58 1.79
CA PHE A 525 29.76 -6.61 1.94
C PHE A 525 30.40 -7.95 2.27
N ALA A 526 31.48 -8.27 1.56
CA ALA A 526 32.16 -9.55 1.78
C ALA A 526 32.94 -9.52 3.10
N ASP A 527 33.58 -8.39 3.40
CA ASP A 527 34.33 -8.29 4.65
C ASP A 527 33.36 -8.47 5.83
N ASN A 528 32.19 -7.84 5.73
CA ASN A 528 31.19 -7.97 6.80
C ASN A 528 30.80 -9.43 6.98
N ALA A 529 30.52 -10.12 5.88
CA ALA A 529 30.12 -11.53 5.93
C ALA A 529 31.20 -12.45 6.51
N ASP A 530 32.45 -12.14 6.21
CA ASP A 530 33.57 -12.94 6.71
C ASP A 530 33.65 -12.80 8.23
N LYS A 531 33.63 -11.57 8.73
CA LYS A 531 33.70 -11.26 10.16
C LYS A 531 32.55 -11.78 10.96
N THR A 532 31.38 -11.88 10.34
CA THR A 532 30.19 -12.30 11.07
C THR A 532 29.70 -13.68 10.70
N HIS A 533 30.43 -14.37 9.83
CA HIS A 533 29.99 -15.68 9.38
C HIS A 533 28.63 -15.64 8.68
N GLY A 534 28.53 -14.77 7.69
CA GLY A 534 27.33 -14.72 6.88
C GLY A 534 26.24 -13.73 7.17
N ARG A 535 26.48 -12.69 7.96
CA ARG A 535 25.40 -11.76 8.24
C ARG A 535 25.29 -10.55 7.31
N SER A 536 25.32 -10.84 6.00
CA SER A 536 25.16 -9.79 4.97
C SER A 536 23.91 -10.23 4.27
N MET A 537 23.01 -9.31 3.97
CA MET A 537 21.76 -9.70 3.34
C MET A 537 21.41 -8.83 2.15
N ILE A 538 20.66 -9.37 1.21
CA ILE A 538 20.19 -8.59 0.08
C ILE A 538 18.68 -8.75 -0.01
N ILE A 539 17.98 -7.62 0.14
CA ILE A 539 16.53 -7.59 0.04
C ILE A 539 16.28 -7.20 -1.41
N VAL A 540 15.58 -8.05 -2.13
CA VAL A 540 15.36 -7.83 -3.54
C VAL A 540 13.88 -7.95 -3.90
N GLY A 541 13.45 -7.19 -4.90
CA GLY A 541 12.05 -7.23 -5.30
C GLY A 541 11.77 -7.18 -6.80
N ALA A 542 10.55 -6.79 -7.15
CA ALA A 542 10.11 -6.73 -8.54
C ALA A 542 10.89 -5.77 -9.42
N GLY A 543 11.70 -4.91 -8.78
CA GLY A 543 12.49 -3.97 -9.54
C GLY A 543 13.45 -4.75 -10.43
N LEU A 544 13.88 -5.92 -9.93
CA LEU A 544 14.78 -6.82 -10.66
C LEU A 544 14.04 -8.03 -11.16
N ASN A 545 13.04 -8.51 -10.40
CA ASN A 545 12.33 -9.71 -10.82
C ASN A 545 11.28 -9.62 -11.92
N HIS A 546 10.98 -8.41 -12.38
CA HIS A 546 9.96 -8.32 -13.44
C HIS A 546 10.55 -8.07 -14.83
N TRP A 547 11.86 -8.26 -14.96
CA TRP A 547 12.55 -8.12 -16.27
C TRP A 547 12.52 -9.51 -16.91
N TYR A 548 12.58 -9.54 -18.23
CA TYR A 548 12.56 -10.81 -18.97
C TYR A 548 13.73 -11.68 -18.52
N HIS A 549 14.87 -11.06 -18.24
CA HIS A 549 16.03 -11.80 -17.79
C HIS A 549 16.14 -11.75 -16.29
N LEU A 550 14.99 -11.88 -15.61
CA LEU A 550 14.98 -11.87 -14.15
C LEU A 550 15.93 -12.92 -13.54
N ASP A 551 16.11 -14.06 -14.21
CA ASP A 551 16.99 -15.09 -13.63
C ASP A 551 18.46 -14.66 -13.55
N MET A 552 18.92 -13.88 -14.53
CA MET A 552 20.31 -13.41 -14.47
C MET A 552 20.41 -12.36 -13.33
N ASN A 553 19.44 -11.46 -13.25
CA ASN A 553 19.46 -10.49 -12.15
C ASN A 553 19.55 -11.25 -10.83
N TYR A 554 18.67 -12.25 -10.64
CA TYR A 554 18.68 -13.00 -9.40
C TYR A 554 19.90 -13.85 -9.15
N ARG A 555 20.33 -14.63 -10.14
CA ARG A 555 21.53 -15.44 -9.90
C ARG A 555 22.76 -14.55 -9.60
N GLY A 556 22.77 -13.32 -10.09
CA GLY A 556 23.91 -12.45 -9.77
C GLY A 556 23.95 -12.12 -8.28
N LEU A 557 22.78 -11.79 -7.72
CA LEU A 557 22.68 -11.49 -6.30
C LEU A 557 22.88 -12.78 -5.49
N ILE A 558 22.30 -13.87 -5.97
CA ILE A 558 22.39 -15.14 -5.27
C ILE A 558 23.85 -15.62 -5.18
N ASN A 559 24.60 -15.50 -6.28
CA ASN A 559 26.01 -15.89 -6.25
C ASN A 559 26.79 -15.06 -5.22
N MET A 560 26.52 -13.75 -5.14
CA MET A 560 27.21 -12.91 -4.16
C MET A 560 27.01 -13.46 -2.74
N LEU A 561 25.78 -13.84 -2.43
CA LEU A 561 25.43 -14.34 -1.11
C LEU A 561 26.04 -15.72 -0.84
N ILE A 562 26.04 -16.57 -1.86
CA ILE A 562 26.63 -17.90 -1.72
C ILE A 562 28.15 -17.81 -1.54
N PHE A 563 28.82 -16.98 -2.34
CA PHE A 563 30.27 -16.82 -2.24
C PHE A 563 30.66 -16.32 -0.86
N CYS A 564 29.75 -15.64 -0.17
CA CYS A 564 30.06 -15.10 1.15
C CYS A 564 29.41 -15.90 2.29
N GLY A 565 28.98 -17.13 1.99
CA GLY A 565 28.34 -17.97 3.01
C GLY A 565 27.19 -17.32 3.75
N CYS A 566 26.33 -16.59 3.05
CA CYS A 566 25.21 -15.90 3.70
C CYS A 566 23.88 -16.62 3.73
N VAL A 567 23.65 -17.52 2.77
CA VAL A 567 22.40 -18.25 2.74
C VAL A 567 22.35 -19.27 3.86
N GLY A 568 21.25 -19.30 4.62
CA GLY A 568 21.14 -20.24 5.71
C GLY A 568 21.67 -19.77 7.06
N GLN A 569 22.14 -18.53 7.16
CA GLN A 569 22.61 -18.01 8.45
C GLN A 569 21.70 -16.83 8.84
N SER A 570 21.24 -16.82 10.09
CA SER A 570 20.39 -15.74 10.56
C SER A 570 21.12 -14.41 10.36
N GLY A 571 20.40 -13.42 9.81
CA GLY A 571 21.02 -12.12 9.55
C GLY A 571 21.61 -12.07 8.14
N GLY A 572 21.51 -13.18 7.42
CA GLY A 572 22.08 -13.18 6.09
C GLY A 572 21.27 -13.87 5.03
N GLY A 573 21.60 -13.65 3.76
CA GLY A 573 20.90 -14.34 2.70
C GLY A 573 20.10 -13.57 1.68
N TRP A 574 19.35 -14.34 0.89
CA TRP A 574 18.50 -13.85 -0.17
C TRP A 574 17.11 -13.54 0.40
N ALA A 575 16.76 -12.26 0.48
CA ALA A 575 15.45 -11.90 1.03
C ALA A 575 14.58 -11.31 -0.08
N HIS A 576 13.91 -12.20 -0.80
CA HIS A 576 13.04 -11.86 -1.91
C HIS A 576 11.62 -11.60 -1.41
N TYR A 577 11.12 -10.38 -1.60
CA TYR A 577 9.74 -10.11 -1.17
C TYR A 577 8.99 -9.52 -2.36
N VAL A 578 7.86 -10.13 -2.67
CA VAL A 578 7.02 -9.69 -3.76
C VAL A 578 5.62 -9.84 -3.18
N GLY A 579 4.90 -10.87 -3.62
CA GLY A 579 3.56 -11.13 -3.12
C GLY A 579 3.53 -11.95 -1.83
N GLN A 580 2.33 -12.10 -1.28
CA GLN A 580 2.16 -12.83 -0.03
C GLN A 580 2.07 -14.31 -0.35
N GLU A 581 3.16 -14.89 -0.84
CA GLU A 581 3.12 -16.29 -1.24
C GLU A 581 3.16 -17.33 -0.10
N LYS A 582 3.63 -16.94 1.07
CA LYS A 582 3.72 -17.91 2.12
C LYS A 582 2.47 -18.24 2.94
N LEU A 583 1.74 -19.25 2.48
CA LEU A 583 0.60 -19.73 3.20
C LEU A 583 1.30 -20.77 4.08
N ARG A 584 1.49 -20.42 5.34
CA ARG A 584 2.24 -21.30 6.20
C ARG A 584 1.74 -22.75 6.43
N PRO A 585 0.47 -22.96 6.83
CA PRO A 585 -0.08 -24.31 7.06
C PRO A 585 -0.46 -24.95 5.72
N GLN A 586 0.55 -25.04 4.86
CA GLN A 586 0.39 -25.55 3.51
C GLN A 586 -0.31 -26.90 3.35
N THR A 587 0.17 -27.94 4.03
CA THR A 587 -0.44 -29.25 3.83
C THR A 587 -1.77 -29.41 4.52
N GLY A 588 -2.19 -28.39 5.27
CA GLY A 588 -3.48 -28.45 5.93
C GLY A 588 -4.51 -27.83 5.01
N TRP A 589 -4.04 -26.83 4.27
CA TRP A 589 -4.87 -26.08 3.35
C TRP A 589 -5.01 -26.74 1.96
N GLN A 590 -3.93 -27.35 1.46
CA GLN A 590 -4.04 -27.97 0.11
C GLN A 590 -5.18 -28.99 -0.08
N PRO A 591 -5.35 -29.91 0.87
CA PRO A 591 -6.44 -30.88 0.68
C PRO A 591 -7.80 -30.17 0.64
N LEU A 592 -7.97 -29.15 1.46
CA LEU A 592 -9.22 -28.39 1.46
C LEU A 592 -9.43 -27.72 0.12
N ALA A 593 -8.44 -26.93 -0.28
CA ALA A 593 -8.56 -26.17 -1.51
C ALA A 593 -8.73 -26.96 -2.79
N PHE A 594 -8.04 -28.07 -2.92
CA PHE A 594 -8.15 -28.80 -4.15
C PHE A 594 -8.91 -30.12 -4.05
N ALA A 595 -9.69 -30.25 -2.98
CA ALA A 595 -10.54 -31.42 -2.74
C ALA A 595 -9.77 -32.72 -2.77
N LEU A 596 -8.55 -32.69 -2.26
CA LEU A 596 -7.71 -33.88 -2.23
C LEU A 596 -8.17 -34.85 -1.14
N ASP A 597 -9.09 -34.39 -0.31
CA ASP A 597 -9.65 -35.26 0.71
C ASP A 597 -10.65 -36.20 0.03
N TRP A 598 -11.08 -35.86 -1.18
CA TRP A 598 -12.04 -36.68 -1.92
C TRP A 598 -11.54 -37.32 -3.22
N GLN A 599 -10.76 -36.57 -3.99
CA GLN A 599 -10.28 -37.03 -5.30
C GLN A 599 -8.87 -36.51 -5.56
N ARG A 600 -8.05 -37.34 -6.22
CA ARG A 600 -6.67 -36.99 -6.54
C ARG A 600 -6.35 -37.52 -7.95
N PRO A 601 -5.75 -36.71 -8.84
CA PRO A 601 -5.35 -35.31 -8.59
C PRO A 601 -6.38 -34.31 -9.10
N ALA A 602 -6.10 -33.05 -8.79
CA ALA A 602 -6.92 -31.92 -9.24
C ALA A 602 -6.30 -31.52 -10.60
N ARG A 603 -6.79 -30.43 -11.19
CA ARG A 603 -6.30 -29.96 -12.49
C ARG A 603 -5.62 -28.57 -12.39
N HIS A 604 -4.38 -28.53 -11.95
CA HIS A 604 -3.64 -27.27 -11.84
C HIS A 604 -3.11 -26.88 -13.23
N MET A 605 -3.00 -25.58 -13.48
CA MET A 605 -2.49 -25.05 -14.75
C MET A 605 -1.61 -23.82 -14.54
N ASN A 606 -0.54 -23.67 -15.33
CA ASN A 606 0.34 -22.51 -15.17
C ASN A 606 -0.25 -21.41 -16.05
N SER A 607 -0.68 -20.33 -15.40
CA SER A 607 -1.39 -19.26 -16.10
C SER A 607 -0.75 -18.46 -17.23
N THR A 608 0.55 -18.22 -17.17
CA THR A 608 1.20 -17.46 -18.24
C THR A 608 1.03 -18.22 -19.57
N SER A 609 1.28 -19.52 -19.58
CA SER A 609 1.10 -20.29 -20.84
C SER A 609 -0.39 -20.30 -21.23
N TYR A 610 -1.24 -20.42 -20.22
CA TYR A 610 -2.69 -20.45 -20.45
C TYR A 610 -3.19 -19.18 -21.10
N PHE A 611 -2.77 -18.02 -20.61
CA PHE A 611 -3.26 -16.79 -21.25
C PHE A 611 -2.52 -16.49 -22.56
N TYR A 612 -1.28 -16.89 -22.64
CA TYR A 612 -0.49 -16.66 -23.87
C TYR A 612 -1.23 -17.38 -24.99
N ASN A 613 -1.75 -18.55 -24.64
CA ASN A 613 -2.47 -19.39 -25.59
C ASN A 613 -3.89 -18.90 -25.85
N HIS A 614 -4.75 -18.90 -24.82
CA HIS A 614 -6.14 -18.52 -25.07
C HIS A 614 -6.46 -17.08 -25.35
N SER A 615 -5.66 -16.12 -24.88
CA SER A 615 -5.97 -14.74 -25.25
C SER A 615 -5.17 -14.43 -26.55
N SER A 616 -4.60 -15.50 -27.13
CA SER A 616 -3.90 -15.45 -28.41
C SER A 616 -2.79 -14.44 -28.57
N GLN A 617 -2.08 -14.18 -27.48
CA GLN A 617 -0.98 -13.22 -27.56
C GLN A 617 0.19 -13.80 -28.39
N TRP A 618 0.24 -15.14 -28.51
CA TRP A 618 1.26 -15.78 -29.33
C TRP A 618 1.08 -15.36 -30.80
N ARG A 619 -0.14 -14.99 -31.19
CA ARG A 619 -0.39 -14.59 -32.60
C ARG A 619 0.29 -13.27 -32.96
N TYR A 620 0.87 -12.60 -31.97
CA TYR A 620 1.52 -11.33 -32.18
C TYR A 620 2.96 -11.37 -31.69
N GLU A 621 3.50 -12.55 -31.43
CA GLU A 621 4.86 -12.65 -30.88
C GLU A 621 5.95 -12.03 -31.78
N THR A 622 6.87 -11.30 -31.16
CA THR A 622 7.94 -10.64 -31.90
C THR A 622 9.30 -11.20 -31.49
N VAL A 623 9.35 -11.90 -30.35
CA VAL A 623 10.59 -12.48 -29.84
C VAL A 623 10.71 -13.92 -30.35
N THR A 624 11.90 -14.29 -30.81
CA THR A 624 12.11 -15.66 -31.32
C THR A 624 13.05 -16.38 -30.40
N ALA A 625 12.87 -17.69 -30.31
CA ALA A 625 13.73 -18.51 -29.47
C ALA A 625 15.12 -18.45 -30.07
N GLU A 626 15.17 -18.37 -31.39
CA GLU A 626 16.45 -18.34 -32.07
C GLU A 626 17.33 -17.22 -31.53
N GLU A 627 16.77 -16.02 -31.38
CA GLU A 627 17.58 -14.93 -30.88
C GLU A 627 18.00 -15.01 -29.40
N LEU A 628 17.57 -16.05 -28.69
CA LEU A 628 17.92 -16.26 -27.28
C LEU A 628 18.93 -17.40 -27.09
N LEU A 629 19.19 -18.18 -28.13
CA LEU A 629 20.12 -19.30 -28.00
C LEU A 629 21.58 -18.91 -27.75
N SER A 630 22.30 -19.83 -27.10
CA SER A 630 23.72 -19.65 -26.88
C SER A 630 24.32 -19.68 -28.29
N PRO A 631 25.38 -18.89 -28.54
CA PRO A 631 25.95 -18.93 -29.88
C PRO A 631 26.55 -20.31 -30.14
N MET A 632 26.72 -21.10 -29.08
CA MET A 632 27.28 -22.42 -29.22
C MET A 632 26.25 -23.53 -29.36
N ALA A 633 24.98 -23.17 -29.52
CA ALA A 633 23.93 -24.17 -29.68
C ALA A 633 23.66 -24.45 -31.16
N ASP A 634 23.09 -25.61 -31.44
CA ASP A 634 22.75 -26.01 -32.81
C ASP A 634 21.40 -25.39 -33.16
N LYS A 635 21.41 -24.22 -33.79
CA LYS A 635 20.18 -23.52 -34.14
C LYS A 635 19.09 -24.38 -34.76
N SER A 636 19.50 -25.35 -35.59
CA SER A 636 18.52 -26.20 -36.26
C SER A 636 17.82 -27.15 -35.31
N ARG A 637 18.33 -27.34 -34.09
CA ARG A 637 17.61 -28.23 -33.16
C ARG A 637 16.56 -27.47 -32.33
N TYR A 638 16.44 -26.16 -32.57
CA TYR A 638 15.49 -25.34 -31.81
C TYR A 638 14.68 -24.39 -32.68
N THR A 639 14.03 -24.92 -33.70
CA THR A 639 13.23 -24.07 -34.56
C THR A 639 11.80 -24.05 -34.04
N GLY A 640 11.03 -23.06 -34.50
CA GLY A 640 9.65 -22.95 -34.08
C GLY A 640 9.37 -21.72 -33.25
N HIS A 641 8.08 -21.41 -33.17
CA HIS A 641 7.54 -20.28 -32.42
C HIS A 641 7.71 -20.58 -30.93
N LEU A 642 7.75 -19.54 -30.09
CA LEU A 642 7.89 -19.79 -28.66
C LEU A 642 6.73 -20.71 -28.18
N ILE A 643 5.53 -20.55 -28.74
CA ILE A 643 4.43 -21.41 -28.32
C ILE A 643 4.68 -22.88 -28.68
N ASP A 644 5.49 -23.13 -29.70
CA ASP A 644 5.81 -24.53 -30.09
C ASP A 644 6.62 -25.16 -28.98
N PHE A 645 7.48 -24.37 -28.34
CA PHE A 645 8.26 -24.92 -27.25
C PHE A 645 7.32 -25.28 -26.09
N ASN A 646 6.25 -24.50 -25.93
CA ASN A 646 5.36 -24.81 -24.83
C ASN A 646 4.59 -26.09 -25.13
N VAL A 647 4.08 -26.23 -26.35
CA VAL A 647 3.35 -27.43 -26.74
C VAL A 647 4.19 -28.68 -26.51
N ARG A 648 5.48 -28.60 -26.89
CA ARG A 648 6.42 -29.70 -26.72
C ARG A 648 6.63 -29.97 -25.25
N ALA A 649 6.79 -28.91 -24.45
CA ALA A 649 6.96 -29.13 -23.00
C ALA A 649 5.71 -29.85 -22.45
N GLU A 650 4.53 -29.45 -22.91
CA GLU A 650 3.29 -30.09 -22.44
C GLU A 650 3.22 -31.59 -22.77
N ARG A 651 3.46 -31.96 -24.04
CA ARG A 651 3.39 -33.38 -24.38
C ARG A 651 4.50 -34.21 -23.75
N MET A 652 5.57 -33.57 -23.26
CA MET A 652 6.65 -34.34 -22.58
C MET A 652 6.42 -34.40 -21.07
N GLY A 653 5.26 -33.91 -20.62
CA GLY A 653 4.95 -33.94 -19.19
C GLY A 653 5.70 -32.90 -18.36
N TRP A 654 6.32 -31.91 -19.00
CA TRP A 654 7.06 -30.89 -18.27
C TRP A 654 6.15 -29.82 -17.62
N LEU A 655 5.14 -29.39 -18.37
CA LEU A 655 4.18 -28.38 -17.94
C LEU A 655 2.76 -28.91 -18.09
N PRO A 656 1.83 -28.39 -17.28
CA PRO A 656 0.43 -28.82 -17.36
C PRO A 656 -0.24 -28.25 -18.61
N SER A 657 -1.41 -28.76 -18.95
CA SER A 657 -2.17 -28.29 -20.11
C SER A 657 -3.58 -27.91 -19.69
N ALA A 658 -4.22 -26.99 -20.38
CA ALA A 658 -5.61 -26.67 -20.08
C ALA A 658 -6.27 -25.85 -21.18
N PRO A 659 -7.31 -26.39 -21.85
CA PRO A 659 -7.93 -27.71 -21.69
C PRO A 659 -6.81 -28.71 -21.99
N GLN A 660 -6.96 -29.94 -21.56
CA GLN A 660 -5.91 -30.91 -21.72
C GLN A 660 -5.86 -31.63 -23.07
N LEU A 661 -6.95 -32.34 -23.39
CA LEU A 661 -7.04 -33.11 -24.62
C LEU A 661 -8.07 -32.52 -25.53
N GLY A 662 -7.95 -32.83 -26.82
CA GLY A 662 -8.88 -32.33 -27.81
C GLY A 662 -10.21 -33.05 -27.84
N THR A 663 -10.45 -33.93 -26.89
CA THR A 663 -11.72 -34.64 -26.82
C THR A 663 -12.18 -34.63 -25.35
N ASN A 664 -13.48 -34.59 -25.12
CA ASN A 664 -14.04 -34.53 -23.77
C ASN A 664 -13.50 -35.69 -22.93
N PRO A 665 -12.62 -35.39 -21.97
CA PRO A 665 -12.02 -36.41 -21.10
C PRO A 665 -12.98 -37.29 -20.30
N LEU A 666 -14.27 -36.95 -20.30
CA LEU A 666 -15.27 -37.76 -19.61
C LEU A 666 -15.71 -38.91 -20.54
N THR A 667 -15.42 -38.76 -21.85
CA THR A 667 -15.84 -39.75 -22.85
C THR A 667 -14.81 -40.80 -23.22
N ILE A 668 -13.57 -40.62 -22.78
CA ILE A 668 -12.50 -41.55 -23.12
C ILE A 668 -12.67 -42.94 -22.54
N ALA A 669 -13.06 -43.04 -21.27
CA ALA A 669 -13.25 -44.34 -20.63
C ALA A 669 -14.28 -45.20 -21.36
N GLY A 670 -15.32 -44.55 -21.89
CA GLY A 670 -16.34 -45.30 -22.61
C GLY A 670 -15.78 -45.90 -23.89
N GLU A 671 -14.95 -45.12 -24.58
CA GLU A 671 -14.34 -45.56 -25.82
C GLU A 671 -13.29 -46.63 -25.56
N ALA A 672 -12.62 -46.53 -24.42
CA ALA A 672 -11.60 -47.52 -24.06
C ALA A 672 -12.24 -48.88 -23.80
N GLU A 673 -13.43 -48.87 -23.22
CA GLU A 673 -14.15 -50.10 -22.92
C GLU A 673 -14.69 -50.75 -24.19
N LYS A 674 -15.11 -49.93 -25.15
CA LYS A 674 -15.62 -50.44 -26.42
C LYS A 674 -14.48 -50.97 -27.27
N ALA A 675 -13.24 -50.60 -26.92
CA ALA A 675 -12.07 -51.07 -27.67
C ALA A 675 -11.35 -52.16 -26.90
N GLY A 676 -11.93 -52.57 -25.79
CA GLY A 676 -11.36 -53.64 -25.00
C GLY A 676 -10.04 -53.40 -24.28
N MET A 677 -9.76 -52.15 -23.89
CA MET A 677 -8.52 -51.87 -23.18
C MET A 677 -8.84 -50.95 -22.02
N ASN A 678 -7.97 -50.89 -21.01
CA ASN A 678 -8.25 -49.99 -19.90
C ASN A 678 -7.99 -48.56 -20.43
N PRO A 679 -8.67 -47.56 -19.82
CA PRO A 679 -8.51 -46.16 -20.25
C PRO A 679 -7.11 -45.60 -20.41
N VAL A 680 -6.20 -45.94 -19.51
CA VAL A 680 -4.84 -45.41 -19.64
C VAL A 680 -4.19 -45.91 -20.93
N ASP A 681 -4.22 -47.23 -21.17
CA ASP A 681 -3.61 -47.77 -22.38
C ASP A 681 -4.29 -47.25 -23.63
N TYR A 682 -5.60 -47.11 -23.57
CA TYR A 682 -6.30 -46.64 -24.75
C TYR A 682 -5.88 -45.20 -25.07
N THR A 683 -5.68 -44.41 -24.02
CA THR A 683 -5.29 -43.02 -24.18
C THR A 683 -3.87 -42.96 -24.76
N VAL A 684 -2.95 -43.75 -24.23
CA VAL A 684 -1.58 -43.72 -24.74
C VAL A 684 -1.50 -44.14 -26.21
N LYS A 685 -2.37 -45.07 -26.61
CA LYS A 685 -2.40 -45.58 -27.96
C LYS A 685 -2.97 -44.54 -28.88
N SER A 686 -4.04 -43.90 -28.42
CA SER A 686 -4.68 -42.89 -29.23
C SER A 686 -3.72 -41.69 -29.41
N LEU A 687 -2.96 -41.36 -28.38
CA LEU A 687 -2.01 -40.25 -28.44
C LEU A 687 -0.92 -40.54 -29.49
N LYS A 688 -0.39 -41.77 -29.45
CA LYS A 688 0.65 -42.20 -30.39
C LYS A 688 0.14 -42.14 -31.83
N GLU A 689 -1.08 -42.62 -32.06
CA GLU A 689 -1.69 -42.63 -33.39
C GLU A 689 -2.26 -41.31 -33.83
N GLY A 690 -2.43 -40.40 -32.88
CA GLY A 690 -2.98 -39.10 -33.22
C GLY A 690 -4.51 -39.09 -33.32
N SER A 691 -5.15 -40.12 -32.77
CA SER A 691 -6.61 -40.18 -32.79
C SER A 691 -7.14 -39.31 -31.63
N ILE A 692 -6.29 -39.11 -30.61
CA ILE A 692 -6.58 -38.20 -29.51
C ILE A 692 -5.37 -37.27 -29.50
N ARG A 693 -5.60 -35.95 -29.49
CA ARG A 693 -4.49 -35.01 -29.50
C ARG A 693 -4.52 -34.03 -28.31
N PHE A 694 -3.34 -33.52 -27.94
CA PHE A 694 -3.25 -32.52 -26.88
C PHE A 694 -3.98 -31.31 -27.44
N ALA A 695 -4.84 -30.70 -26.62
CA ALA A 695 -5.65 -29.57 -27.08
C ALA A 695 -4.81 -28.36 -27.49
N ALA A 696 -3.62 -28.23 -26.93
CA ALA A 696 -2.75 -27.09 -27.24
C ALA A 696 -2.37 -27.02 -28.74
N GLU A 697 -2.41 -28.16 -29.43
CA GLU A 697 -2.08 -28.18 -30.88
C GLU A 697 -3.11 -27.45 -31.72
N GLN A 698 -4.34 -27.39 -31.24
CA GLN A 698 -5.41 -26.74 -32.00
C GLN A 698 -6.30 -25.91 -31.07
N PRO A 699 -5.75 -24.85 -30.51
CA PRO A 699 -6.46 -23.96 -29.58
C PRO A 699 -7.66 -23.21 -30.12
N GLU A 700 -7.82 -23.17 -31.44
CA GLU A 700 -8.89 -22.40 -32.05
C GLU A 700 -9.92 -23.22 -32.83
N ASN A 701 -9.92 -24.54 -32.67
CA ASN A 701 -10.86 -25.37 -33.44
C ASN A 701 -12.32 -25.32 -32.94
N GLY A 702 -12.57 -24.63 -31.82
CA GLY A 702 -13.94 -24.51 -31.35
C GLY A 702 -14.28 -25.39 -30.16
N LYS A 703 -13.38 -26.28 -29.79
CA LYS A 703 -13.61 -27.16 -28.65
C LYS A 703 -12.46 -27.14 -27.67
N ASN A 704 -11.37 -26.45 -28.00
CA ASN A 704 -10.19 -26.48 -27.13
C ASN A 704 -9.87 -25.23 -26.31
N HIS A 705 -10.86 -24.35 -26.18
CA HIS A 705 -10.70 -23.12 -25.38
C HIS A 705 -11.59 -23.15 -24.13
N PRO A 706 -11.19 -22.42 -23.07
CA PRO A 706 -12.00 -22.38 -21.85
C PRO A 706 -13.31 -21.67 -22.23
N ARG A 707 -14.42 -22.08 -21.59
CA ARG A 707 -15.71 -21.49 -21.88
C ARG A 707 -16.38 -20.81 -20.69
N ASN A 708 -16.03 -21.24 -19.49
CA ASN A 708 -16.62 -20.65 -18.28
C ASN A 708 -15.45 -20.22 -17.39
N LEU A 709 -15.47 -18.97 -16.93
CA LEU A 709 -14.38 -18.51 -16.08
C LEU A 709 -14.93 -17.77 -14.87
N PHE A 710 -14.50 -18.26 -13.72
CA PHE A 710 -14.83 -17.68 -12.42
C PHE A 710 -13.62 -16.83 -12.01
N ILE A 711 -13.88 -15.62 -11.55
CA ILE A 711 -12.81 -14.72 -11.12
C ILE A 711 -13.20 -14.21 -9.72
N TRP A 712 -12.31 -14.39 -8.73
CA TRP A 712 -12.64 -13.90 -7.37
C TRP A 712 -11.34 -13.58 -6.64
N ARG A 713 -11.35 -12.53 -5.83
CA ARG A 713 -10.14 -12.08 -5.13
C ARG A 713 -9.09 -11.67 -6.18
N SER A 714 -9.55 -11.24 -7.34
CA SER A 714 -8.68 -10.89 -8.47
C SER A 714 -9.33 -9.84 -9.33
N ASN A 715 -8.49 -8.98 -9.92
CA ASN A 715 -9.00 -7.99 -10.84
C ASN A 715 -8.22 -8.25 -12.17
N LEU A 716 -8.20 -9.51 -12.59
CA LEU A 716 -7.49 -9.96 -13.80
C LEU A 716 -7.56 -8.97 -14.97
N LEU A 717 -8.74 -8.42 -15.24
CA LEU A 717 -8.91 -7.46 -16.35
C LEU A 717 -8.73 -5.97 -15.99
N GLY A 718 -7.91 -5.65 -15.01
CA GLY A 718 -7.73 -4.26 -14.66
C GLY A 718 -6.45 -4.17 -13.89
N SER A 719 -5.87 -5.32 -13.62
CA SER A 719 -4.67 -5.28 -12.86
C SER A 719 -3.60 -6.19 -13.40
N SER A 720 -3.75 -7.48 -13.14
CA SER A 720 -2.73 -8.42 -13.55
C SER A 720 -2.71 -8.91 -14.97
N GLY A 721 -3.79 -8.69 -15.71
CA GLY A 721 -3.83 -9.19 -17.07
C GLY A 721 -2.90 -8.54 -18.07
N LYS A 722 -1.66 -9.03 -18.17
CA LYS A 722 -0.74 -8.49 -19.17
C LYS A 722 -1.43 -8.71 -20.51
N GLY A 723 -1.30 -7.75 -21.44
CA GLY A 723 -1.95 -7.92 -22.73
C GLY A 723 -3.45 -7.72 -22.61
N HIS A 724 -3.85 -6.69 -21.87
CA HIS A 724 -5.25 -6.36 -21.63
C HIS A 724 -6.10 -6.30 -22.91
N GLU A 725 -5.60 -5.69 -23.97
CA GLU A 725 -6.43 -5.57 -25.17
C GLU A 725 -6.62 -6.91 -25.89
N PHE A 726 -5.66 -7.82 -25.74
CA PHE A 726 -5.77 -9.16 -26.34
C PHE A 726 -6.83 -9.95 -25.55
N MET A 727 -6.87 -9.74 -24.24
CA MET A 727 -7.85 -10.45 -23.43
C MET A 727 -9.23 -9.98 -23.82
N LEU A 728 -9.40 -8.68 -24.05
CA LEU A 728 -10.69 -8.13 -24.45
C LEU A 728 -11.13 -8.68 -25.81
N LYS A 729 -10.22 -8.70 -26.76
CA LYS A 729 -10.57 -9.20 -28.08
C LYS A 729 -10.81 -10.72 -28.16
N TYR A 730 -9.84 -11.51 -27.69
CA TYR A 730 -9.92 -12.95 -27.80
C TYR A 730 -10.69 -13.71 -26.72
N LEU A 731 -10.64 -13.26 -25.48
CA LEU A 731 -11.39 -13.94 -24.43
C LEU A 731 -12.80 -13.41 -24.33
N LEU A 732 -12.92 -12.08 -24.38
CA LEU A 732 -14.21 -11.42 -24.23
C LEU A 732 -15.06 -11.18 -25.48
N GLY A 733 -14.42 -10.95 -26.63
CA GLY A 733 -15.18 -10.71 -27.84
C GLY A 733 -15.69 -9.27 -27.91
N THR A 734 -14.99 -8.34 -27.27
CA THR A 734 -15.42 -6.94 -27.29
C THR A 734 -14.49 -6.07 -28.10
N GLU A 735 -14.80 -4.79 -28.24
CA GLU A 735 -13.89 -3.88 -28.93
C GLU A 735 -12.57 -3.92 -28.18
N HIS A 736 -11.47 -3.55 -28.84
CA HIS A 736 -10.19 -3.62 -28.17
C HIS A 736 -9.30 -2.56 -28.80
N GLY A 737 -8.17 -2.28 -28.16
CA GLY A 737 -7.27 -1.26 -28.70
C GLY A 737 -5.96 -1.77 -29.27
N ILE A 738 -5.90 -3.05 -29.68
CA ILE A 738 -4.64 -3.54 -30.26
C ILE A 738 -4.32 -2.69 -31.48
N GLN A 739 -3.06 -2.26 -31.59
CA GLN A 739 -2.64 -1.39 -32.70
C GLN A 739 -1.87 -2.11 -33.80
N GLY A 740 -1.11 -3.14 -33.42
CA GLY A 740 -0.30 -3.87 -34.39
C GLY A 740 -1.01 -4.96 -35.18
N LYS A 741 -0.30 -5.52 -36.16
CA LYS A 741 -0.80 -6.61 -37.01
C LYS A 741 -0.28 -7.91 -36.45
N ASP A 742 -1.02 -9.01 -36.64
CA ASP A 742 -0.58 -10.31 -36.15
C ASP A 742 0.39 -10.99 -37.15
N LEU A 743 1.00 -12.10 -36.74
CA LEU A 743 1.94 -12.86 -37.58
C LEU A 743 1.40 -13.03 -39.02
N GLY A 744 0.13 -13.40 -39.12
CA GLY A 744 -0.48 -13.62 -40.43
C GLY A 744 -0.56 -12.39 -41.31
N GLN A 745 -0.98 -11.26 -40.74
CA GLN A 745 -1.07 -10.01 -41.49
C GLN A 745 0.31 -9.52 -41.92
N GLN A 746 1.34 -9.94 -41.20
CA GLN A 746 2.70 -9.55 -41.55
C GLN A 746 3.39 -10.60 -42.44
N GLY A 747 2.68 -11.67 -42.74
CA GLY A 747 3.25 -12.73 -43.57
C GLY A 747 4.41 -13.43 -42.86
N GLY A 748 4.35 -13.48 -41.53
CA GLY A 748 5.42 -14.13 -40.77
C GLY A 748 5.39 -15.65 -40.78
N VAL A 749 6.36 -16.26 -40.11
CA VAL A 749 6.43 -17.71 -40.04
C VAL A 749 5.45 -18.26 -39.00
N LYS A 750 4.59 -19.14 -39.44
CA LYS A 750 3.60 -19.76 -38.58
C LYS A 750 4.26 -20.85 -37.73
N PRO A 751 3.73 -21.13 -36.52
CA PRO A 751 4.30 -22.17 -35.65
C PRO A 751 4.31 -23.57 -36.30
N GLU A 752 5.19 -24.45 -35.83
CA GLU A 752 5.21 -25.79 -36.41
C GLU A 752 4.40 -26.82 -35.63
N GLU A 753 3.92 -26.45 -34.43
CA GLU A 753 3.18 -27.39 -33.59
C GLU A 753 1.72 -27.00 -33.39
N VAL A 754 1.37 -25.79 -33.79
CA VAL A 754 0.05 -25.27 -33.60
C VAL A 754 -0.62 -24.84 -34.90
N ASP A 755 -1.87 -25.19 -35.09
CA ASP A 755 -2.59 -24.79 -36.30
C ASP A 755 -2.68 -23.28 -36.41
N TRP A 756 -2.77 -22.79 -37.63
CA TRP A 756 -2.89 -21.36 -37.89
C TRP A 756 -4.14 -21.02 -38.66
N GLN A 757 -4.78 -19.91 -38.33
CA GLN A 757 -5.92 -19.46 -39.11
C GLN A 757 -5.80 -17.94 -39.13
N ASP A 758 -6.06 -17.35 -40.29
CA ASP A 758 -5.93 -15.90 -40.45
C ASP A 758 -6.84 -15.08 -39.56
N ASN A 759 -8.05 -15.54 -39.34
CA ASN A 759 -8.97 -14.81 -38.48
C ASN A 759 -9.13 -15.60 -37.21
N GLY A 760 -8.41 -15.19 -36.18
CA GLY A 760 -8.45 -15.90 -34.91
C GLY A 760 -9.82 -15.94 -34.26
N LEU A 761 -10.10 -17.05 -33.57
CA LEU A 761 -11.36 -17.21 -32.85
C LEU A 761 -11.42 -16.13 -31.74
N GLU A 762 -12.52 -15.37 -31.69
CA GLU A 762 -12.72 -14.31 -30.69
C GLU A 762 -13.90 -14.66 -29.77
N GLY A 763 -14.04 -13.91 -28.67
CA GLY A 763 -15.11 -14.16 -27.72
C GLY A 763 -15.19 -15.58 -27.21
N LYS A 764 -14.06 -16.16 -26.86
CA LYS A 764 -14.04 -17.54 -26.39
C LYS A 764 -14.84 -17.83 -25.13
N LEU A 765 -14.80 -16.93 -24.14
CA LEU A 765 -15.53 -17.21 -22.91
C LEU A 765 -17.04 -17.02 -23.11
N ASP A 766 -17.80 -18.07 -22.80
CA ASP A 766 -19.27 -18.07 -22.88
C ASP A 766 -19.85 -17.39 -21.60
N LEU A 767 -19.12 -17.45 -20.49
CA LEU A 767 -19.62 -16.87 -19.23
C LEU A 767 -18.47 -16.45 -18.34
N VAL A 768 -18.51 -15.19 -17.92
CA VAL A 768 -17.50 -14.67 -17.02
C VAL A 768 -18.24 -14.25 -15.75
N VAL A 769 -17.88 -14.88 -14.64
CA VAL A 769 -18.51 -14.62 -13.36
C VAL A 769 -17.47 -14.05 -12.40
N THR A 770 -17.72 -12.85 -11.88
CA THR A 770 -16.74 -12.25 -10.94
C THR A 770 -17.38 -11.98 -9.60
N LEU A 771 -16.68 -12.34 -8.51
CA LEU A 771 -17.15 -12.11 -7.13
C LEU A 771 -16.32 -10.94 -6.59
N ASP A 772 -16.97 -9.86 -6.12
CA ASP A 772 -16.21 -8.74 -5.54
C ASP A 772 -17.12 -7.93 -4.60
N PHE A 773 -16.52 -7.03 -3.83
CA PHE A 773 -17.32 -6.16 -2.94
C PHE A 773 -17.38 -4.73 -3.52
N ARG A 774 -16.54 -4.44 -4.54
CA ARG A 774 -16.55 -3.12 -5.19
C ARG A 774 -16.66 -3.39 -6.70
N LEU A 775 -17.25 -2.50 -7.46
CA LEU A 775 -17.37 -2.76 -8.90
C LEU A 775 -16.02 -2.41 -9.56
N SER A 776 -15.20 -3.45 -9.74
CA SER A 776 -13.86 -3.32 -10.33
C SER A 776 -13.92 -3.31 -11.85
N SER A 777 -12.77 -3.06 -12.47
CA SER A 777 -12.70 -3.08 -13.92
C SER A 777 -13.12 -4.47 -14.43
N THR A 778 -12.73 -5.50 -13.70
CA THR A 778 -13.10 -6.87 -14.12
C THR A 778 -14.62 -7.04 -14.07
N CYS A 779 -15.25 -6.55 -12.99
CA CYS A 779 -16.71 -6.64 -12.87
C CYS A 779 -17.37 -5.91 -14.02
N LEU A 780 -16.83 -4.75 -14.38
CA LEU A 780 -17.40 -3.97 -15.45
C LEU A 780 -17.50 -4.75 -16.77
N TYR A 781 -16.60 -5.72 -16.96
CA TYR A 781 -16.55 -6.53 -18.20
C TYR A 781 -17.12 -7.94 -18.08
N SER A 782 -17.74 -8.21 -16.94
CA SER A 782 -18.30 -9.52 -16.68
C SER A 782 -19.76 -9.66 -17.12
N ASP A 783 -20.25 -10.90 -17.12
CA ASP A 783 -21.64 -11.17 -17.48
C ASP A 783 -22.53 -11.18 -16.21
N ILE A 784 -21.95 -11.67 -15.12
CA ILE A 784 -22.61 -11.77 -13.81
C ILE A 784 -21.61 -11.30 -12.74
N ILE A 785 -22.07 -10.45 -11.83
CA ILE A 785 -21.25 -9.93 -10.72
C ILE A 785 -21.98 -10.41 -9.45
N LEU A 786 -21.25 -11.06 -8.56
CA LEU A 786 -21.82 -11.59 -7.32
C LEU A 786 -21.24 -10.77 -6.19
N PRO A 787 -22.09 -10.16 -5.35
CA PRO A 787 -21.57 -9.35 -4.23
C PRO A 787 -20.97 -10.20 -3.12
N THR A 788 -19.71 -9.94 -2.79
CA THR A 788 -19.07 -10.73 -1.78
C THR A 788 -18.88 -9.92 -0.49
N ALA A 789 -18.71 -10.63 0.61
CA ALA A 789 -18.49 -9.99 1.90
C ALA A 789 -17.11 -9.36 1.93
N THR A 790 -17.00 -8.19 2.54
CA THR A 790 -15.69 -7.55 2.70
C THR A 790 -14.94 -8.31 3.78
N TRP A 791 -13.67 -7.94 3.98
CA TRP A 791 -12.83 -8.61 4.98
C TRP A 791 -13.30 -8.35 6.40
N TYR A 792 -14.17 -7.37 6.60
CA TYR A 792 -14.68 -7.06 7.93
C TYR A 792 -16.05 -7.72 8.14
N GLU A 793 -16.44 -8.57 7.19
CA GLU A 793 -17.74 -9.24 7.26
C GLU A 793 -17.67 -10.76 7.13
N LYS A 794 -16.51 -11.37 7.36
CA LYS A 794 -16.45 -12.83 7.20
C LYS A 794 -15.28 -13.37 7.96
N ASP A 795 -15.32 -14.67 8.23
CA ASP A 795 -14.24 -15.36 8.95
C ASP A 795 -13.30 -16.03 7.99
N ASP A 796 -12.01 -15.97 8.28
CA ASP A 796 -10.99 -16.60 7.45
C ASP A 796 -9.69 -16.46 8.19
N MET A 797 -8.60 -16.95 7.60
CA MET A 797 -7.26 -16.85 8.22
C MET A 797 -6.23 -16.28 7.22
N ASN A 798 -5.12 -15.79 7.75
CA ASN A 798 -4.10 -15.10 6.96
C ASN A 798 -2.69 -15.33 7.53
N THR A 799 -1.70 -15.56 6.66
CA THR A 799 -0.30 -15.70 7.11
C THR A 799 0.56 -15.00 6.07
N SER A 800 1.82 -14.78 6.39
CA SER A 800 2.71 -14.11 5.45
C SER A 800 4.18 -14.55 5.63
N ASP A 801 4.99 -14.27 4.61
CA ASP A 801 6.42 -14.56 4.64
C ASP A 801 7.08 -13.61 5.64
N MET A 802 6.47 -12.46 5.91
CA MET A 802 7.12 -11.46 6.77
C MET A 802 7.25 -11.74 8.24
N HIS A 803 6.26 -12.43 8.81
CA HIS A 803 6.31 -12.73 10.23
C HIS A 803 5.75 -14.15 10.42
N PRO A 804 5.90 -14.71 11.62
CA PRO A 804 5.42 -16.07 11.88
C PRO A 804 4.06 -16.25 12.53
N PHE A 805 3.21 -15.24 12.44
CA PHE A 805 1.89 -15.33 13.09
C PHE A 805 0.74 -15.71 12.20
N ILE A 806 -0.19 -16.53 12.72
CA ILE A 806 -1.38 -16.82 11.94
C ILE A 806 -2.49 -16.09 12.72
N HIS A 807 -3.36 -15.38 12.01
CA HIS A 807 -4.40 -14.63 12.69
C HIS A 807 -5.61 -14.60 11.78
N PRO A 808 -6.76 -14.17 12.30
CA PRO A 808 -7.97 -14.18 11.48
C PRO A 808 -8.61 -12.97 10.86
N LEU A 809 -9.46 -13.25 9.86
CA LEU A 809 -10.36 -12.26 9.32
C LEU A 809 -11.59 -12.64 10.18
N SER A 810 -12.36 -11.67 10.67
CA SER A 810 -13.58 -11.99 11.44
C SER A 810 -14.67 -11.07 11.00
N ALA A 811 -15.91 -11.54 11.15
CA ALA A 811 -17.05 -10.74 10.74
C ALA A 811 -17.41 -9.78 11.87
N ALA A 812 -17.23 -8.47 11.64
CA ALA A 812 -17.56 -7.48 12.66
C ALA A 812 -19.08 -7.35 12.69
N VAL A 813 -19.71 -7.53 11.52
CA VAL A 813 -21.16 -7.50 11.39
C VAL A 813 -21.48 -8.41 10.19
N ASP A 814 -22.72 -8.93 10.14
CA ASP A 814 -23.13 -9.77 9.01
C ASP A 814 -22.95 -8.97 7.69
N PRO A 815 -22.58 -9.65 6.59
CA PRO A 815 -22.39 -8.96 5.30
C PRO A 815 -23.58 -8.04 4.99
N ALA A 816 -23.31 -6.85 4.51
CA ALA A 816 -24.36 -5.87 4.21
C ALA A 816 -25.16 -6.23 2.95
N TRP A 817 -26.35 -5.66 2.84
CA TRP A 817 -27.23 -5.90 1.72
C TRP A 817 -27.33 -7.39 1.41
N GLU A 818 -27.11 -7.80 0.16
CA GLU A 818 -27.23 -9.21 -0.17
C GLU A 818 -25.89 -9.91 -0.37
N ALA A 819 -24.82 -9.30 0.11
CA ALA A 819 -23.51 -9.90 -0.04
C ALA A 819 -23.39 -11.18 0.76
N LYS A 820 -22.52 -12.08 0.32
CA LYS A 820 -22.25 -13.35 1.00
C LYS A 820 -20.75 -13.60 0.95
N SER A 821 -20.22 -14.36 1.90
CA SER A 821 -18.79 -14.66 1.84
C SER A 821 -18.51 -15.52 0.61
N ASP A 822 -17.26 -15.58 0.18
CA ASP A 822 -16.85 -16.42 -0.95
C ASP A 822 -17.19 -17.89 -0.64
N TRP A 823 -16.94 -18.33 0.59
CA TRP A 823 -17.25 -19.70 0.99
C TRP A 823 -18.74 -20.01 0.77
N GLU A 824 -19.62 -19.11 1.24
CA GLU A 824 -21.06 -19.31 1.09
C GLU A 824 -21.54 -19.19 -0.38
N ILE A 825 -20.88 -18.36 -1.16
CA ILE A 825 -21.27 -18.21 -2.57
C ILE A 825 -21.03 -19.52 -3.34
N TYR A 826 -19.83 -20.05 -3.21
CA TYR A 826 -19.47 -21.31 -3.89
C TYR A 826 -20.22 -22.50 -3.28
N LYS A 827 -20.51 -22.44 -1.98
CA LYS A 827 -21.29 -23.52 -1.35
C LYS A 827 -22.65 -23.55 -2.04
N ALA A 828 -23.26 -22.39 -2.22
CA ALA A 828 -24.57 -22.32 -2.85
C ALA A 828 -24.53 -22.72 -4.35
N ILE A 829 -23.44 -22.38 -5.04
CA ILE A 829 -23.29 -22.78 -6.44
C ILE A 829 -23.13 -24.30 -6.46
N ALA A 830 -22.33 -24.84 -5.56
CA ALA A 830 -22.14 -26.27 -5.52
C ALA A 830 -23.49 -26.96 -5.27
N LYS A 831 -24.32 -26.34 -4.45
CA LYS A 831 -25.62 -26.92 -4.15
C LYS A 831 -26.56 -26.90 -5.36
N LYS A 832 -26.61 -25.78 -6.08
CA LYS A 832 -27.49 -25.70 -7.22
C LYS A 832 -26.98 -26.63 -8.36
N PHE A 833 -25.67 -26.67 -8.52
CA PHE A 833 -25.03 -27.51 -9.53
C PHE A 833 -25.44 -28.97 -9.32
N SER A 834 -25.36 -29.40 -8.06
CA SER A 834 -25.67 -30.78 -7.68
C SER A 834 -27.08 -31.19 -8.06
N GLU A 835 -28.00 -30.23 -8.05
CA GLU A 835 -29.36 -30.56 -8.43
C GLU A 835 -29.56 -30.40 -9.96
N VAL A 836 -28.99 -29.37 -10.55
CA VAL A 836 -29.12 -29.11 -11.99
C VAL A 836 -28.43 -30.16 -12.88
N CYS A 837 -27.39 -30.79 -12.37
CA CYS A 837 -26.67 -31.76 -13.19
C CYS A 837 -27.35 -33.14 -13.28
N VAL A 838 -28.32 -33.40 -12.40
CA VAL A 838 -28.99 -34.70 -12.37
C VAL A 838 -29.62 -35.01 -13.72
N GLY A 839 -29.25 -36.16 -14.29
CA GLY A 839 -29.79 -36.53 -15.59
C GLY A 839 -28.86 -36.11 -16.71
N HIS A 840 -27.82 -35.35 -16.38
CA HIS A 840 -26.86 -34.88 -17.38
C HIS A 840 -25.49 -35.44 -17.07
N LEU A 841 -25.14 -35.43 -15.80
CA LEU A 841 -23.86 -35.93 -15.38
C LEU A 841 -24.13 -36.78 -14.13
N GLY A 842 -23.52 -37.96 -14.06
CA GLY A 842 -23.73 -38.82 -12.90
C GLY A 842 -22.39 -39.20 -12.30
N LYS A 843 -22.21 -40.50 -12.10
CA LYS A 843 -20.94 -40.98 -11.58
C LYS A 843 -20.14 -41.13 -12.86
N GLU A 844 -19.19 -40.22 -13.07
CA GLU A 844 -18.40 -40.24 -14.30
C GLU A 844 -16.97 -40.67 -14.07
N THR A 845 -16.29 -41.00 -15.16
CA THR A 845 -14.89 -41.40 -15.08
C THR A 845 -14.14 -40.38 -15.94
N ASP A 846 -13.15 -39.72 -15.34
CA ASP A 846 -12.40 -38.66 -16.01
C ASP A 846 -10.96 -39.07 -16.25
N ILE A 847 -10.44 -38.77 -17.44
CA ILE A 847 -9.04 -39.06 -17.72
C ILE A 847 -8.35 -37.69 -17.55
N VAL A 848 -7.41 -37.64 -16.63
CA VAL A 848 -6.72 -36.41 -16.29
C VAL A 848 -5.22 -36.51 -16.54
N THR A 849 -4.66 -35.56 -17.32
CA THR A 849 -3.21 -35.56 -17.51
C THR A 849 -2.64 -34.82 -16.31
N LEU A 850 -1.43 -35.17 -15.93
CA LEU A 850 -0.74 -34.58 -14.78
C LEU A 850 0.73 -34.50 -15.09
N PRO A 851 1.32 -33.29 -15.08
CA PRO A 851 2.75 -33.24 -15.38
C PRO A 851 3.59 -33.92 -14.32
N ILE A 852 4.83 -34.24 -14.70
CA ILE A 852 5.78 -34.86 -13.80
C ILE A 852 6.04 -33.85 -12.69
N GLN A 853 5.80 -34.25 -11.45
CA GLN A 853 5.92 -33.34 -10.32
C GLN A 853 7.25 -33.28 -9.58
N HIS A 854 7.70 -32.05 -9.32
CA HIS A 854 8.90 -31.83 -8.51
C HIS A 854 8.47 -32.40 -7.14
N ASP A 855 9.42 -32.89 -6.36
CA ASP A 855 9.13 -33.51 -5.06
C ASP A 855 8.35 -34.83 -5.09
N SER A 856 8.46 -35.56 -6.20
CA SER A 856 7.84 -36.89 -6.34
C SER A 856 8.98 -37.72 -7.00
N ALA A 857 8.95 -39.04 -6.82
CA ALA A 857 9.99 -39.88 -7.41
C ALA A 857 10.11 -39.63 -8.91
N ALA A 858 8.98 -39.37 -9.55
CA ALA A 858 8.96 -39.13 -11.00
C ALA A 858 9.82 -37.93 -11.46
N GLU A 859 10.27 -37.07 -10.54
CA GLU A 859 11.08 -35.91 -10.94
C GLU A 859 12.35 -36.37 -11.63
N LEU A 860 12.70 -37.64 -11.42
CA LEU A 860 13.90 -38.27 -11.99
C LEU A 860 13.49 -38.83 -13.35
N ALA A 861 13.04 -37.96 -14.25
CA ALA A 861 12.53 -38.36 -15.54
C ALA A 861 13.53 -38.55 -16.69
N GLN A 862 14.07 -37.46 -17.21
CA GLN A 862 15.03 -37.50 -18.32
C GLN A 862 16.37 -37.05 -17.76
N PRO A 863 17.22 -38.01 -17.39
CA PRO A 863 18.53 -37.69 -16.82
C PRO A 863 19.66 -37.07 -17.63
N LEU A 864 19.77 -37.37 -18.92
CA LEU A 864 20.91 -36.84 -19.64
C LEU A 864 20.65 -35.98 -20.84
N ASP A 865 19.44 -36.00 -21.36
CA ASP A 865 19.13 -35.18 -22.50
C ASP A 865 17.63 -35.09 -22.66
N VAL A 866 17.20 -34.52 -23.76
CA VAL A 866 15.78 -34.33 -23.99
C VAL A 866 15.30 -35.14 -25.17
N LYS A 867 14.35 -36.04 -24.92
CA LYS A 867 13.75 -36.88 -25.95
C LYS A 867 12.25 -36.59 -26.09
N ASP A 868 11.82 -36.33 -27.32
CA ASP A 868 10.44 -36.01 -27.65
C ASP A 868 9.77 -37.25 -28.27
N TRP A 869 8.82 -37.84 -27.56
CA TRP A 869 8.17 -39.04 -28.08
C TRP A 869 7.45 -38.81 -29.39
N LYS A 870 6.90 -37.61 -29.62
CA LYS A 870 6.18 -37.37 -30.86
C LYS A 870 7.15 -37.37 -32.07
N LYS A 871 8.44 -37.17 -31.81
CA LYS A 871 9.45 -37.17 -32.86
C LYS A 871 10.04 -38.58 -32.99
N GLY A 872 9.55 -39.49 -32.16
CA GLY A 872 10.02 -40.86 -32.19
C GLY A 872 11.35 -41.06 -31.50
N GLU A 873 11.81 -40.07 -30.74
CA GLU A 873 13.10 -40.20 -30.06
C GLU A 873 13.05 -41.11 -28.84
N CYS A 874 11.85 -41.50 -28.46
CA CYS A 874 11.67 -42.39 -27.32
C CYS A 874 10.19 -42.79 -27.32
N ASP A 875 9.85 -43.72 -26.46
CA ASP A 875 8.46 -44.16 -26.36
C ASP A 875 7.68 -43.14 -25.50
N LEU A 876 6.35 -43.14 -25.64
CA LEU A 876 5.48 -42.26 -24.85
C LEU A 876 5.21 -43.03 -23.56
N ILE A 877 5.94 -42.67 -22.52
CA ILE A 877 5.85 -43.30 -21.20
C ILE A 877 5.28 -42.29 -20.20
N PRO A 878 3.95 -42.35 -19.97
CA PRO A 878 3.34 -41.40 -19.02
C PRO A 878 4.07 -41.36 -17.71
N GLY A 879 4.39 -40.16 -17.24
CA GLY A 879 5.07 -40.05 -15.97
C GLY A 879 6.58 -40.02 -16.10
N LYS A 880 7.09 -40.15 -17.32
CA LYS A 880 8.53 -40.09 -17.54
C LYS A 880 8.94 -39.28 -18.78
N THR A 881 8.34 -39.58 -19.92
CA THR A 881 8.65 -38.84 -21.14
C THR A 881 7.38 -38.16 -21.64
N ALA A 882 6.35 -38.22 -20.80
CA ALA A 882 5.06 -37.62 -21.10
C ALA A 882 4.36 -37.38 -19.76
N PRO A 883 3.20 -36.71 -19.75
CA PRO A 883 2.59 -36.54 -18.42
C PRO A 883 1.92 -37.82 -17.94
N HIS A 884 1.77 -37.96 -16.61
CA HIS A 884 1.06 -39.11 -16.07
C HIS A 884 -0.36 -39.04 -16.65
N ILE A 885 -1.00 -40.18 -16.81
CA ILE A 885 -2.37 -40.21 -17.30
C ILE A 885 -3.08 -40.90 -16.13
N MET A 886 -3.99 -40.15 -15.50
CA MET A 886 -4.72 -40.59 -14.31
C MET A 886 -6.22 -40.74 -14.52
N VAL A 887 -6.80 -41.67 -13.78
CA VAL A 887 -8.23 -41.92 -13.83
C VAL A 887 -8.81 -41.31 -12.56
N VAL A 888 -9.82 -40.48 -12.73
CA VAL A 888 -10.45 -39.84 -11.58
C VAL A 888 -11.95 -40.04 -11.64
N GLU A 889 -12.51 -40.66 -10.60
CA GLU A 889 -13.96 -40.85 -10.60
C GLU A 889 -14.65 -39.63 -10.01
N ARG A 890 -15.66 -39.12 -10.68
CA ARG A 890 -16.39 -37.96 -10.16
C ARG A 890 -17.87 -38.29 -9.98
N ASP A 891 -18.40 -37.95 -8.81
CA ASP A 891 -19.80 -38.18 -8.49
C ASP A 891 -20.44 -36.80 -8.55
N TYR A 892 -20.81 -36.38 -9.75
CA TYR A 892 -21.35 -35.05 -9.92
C TYR A 892 -22.58 -34.71 -9.05
N PRO A 893 -23.51 -35.65 -8.88
CA PRO A 893 -24.66 -35.26 -8.04
C PRO A 893 -24.26 -35.04 -6.57
N ALA A 894 -23.15 -35.60 -6.17
CA ALA A 894 -22.67 -35.48 -4.80
C ALA A 894 -21.73 -34.30 -4.56
N THR A 895 -21.55 -33.44 -5.56
CA THR A 895 -20.62 -32.32 -5.43
C THR A 895 -20.80 -31.53 -4.14
N TYR A 896 -22.04 -31.17 -3.82
CA TYR A 896 -22.31 -30.40 -2.61
C TYR A 896 -22.02 -31.20 -1.34
N GLU A 897 -22.47 -32.46 -1.27
CA GLU A 897 -22.19 -33.23 -0.06
C GLU A 897 -20.69 -33.41 0.11
N ARG A 898 -19.94 -33.44 -1.00
CA ARG A 898 -18.47 -33.58 -0.85
C ARG A 898 -17.86 -32.23 -0.44
N PHE A 899 -18.37 -31.17 -1.04
CA PHE A 899 -17.85 -29.84 -0.80
C PHE A 899 -17.95 -29.58 0.70
N THR A 900 -19.11 -29.98 1.25
CA THR A 900 -19.39 -29.77 2.67
C THR A 900 -18.95 -30.81 3.70
N SER A 901 -17.99 -31.65 3.33
CA SER A 901 -17.50 -32.62 4.29
C SER A 901 -16.04 -32.90 4.02
N ILE A 902 -15.31 -33.31 5.05
CA ILE A 902 -13.91 -33.66 4.82
C ILE A 902 -13.89 -35.12 4.32
N GLY A 903 -13.49 -35.30 3.06
CA GLY A 903 -13.46 -36.60 2.41
C GLY A 903 -12.67 -37.75 3.01
N PRO A 904 -12.88 -38.99 2.54
CA PRO A 904 -12.19 -40.18 3.06
C PRO A 904 -10.71 -40.45 2.73
N LEU A 905 -10.13 -39.71 1.77
CA LEU A 905 -8.73 -39.96 1.43
C LEU A 905 -7.71 -39.56 2.50
N MET A 906 -8.06 -38.62 3.38
CA MET A 906 -7.13 -38.23 4.43
C MET A 906 -6.91 -39.47 5.31
N GLU A 907 -7.98 -40.23 5.52
CA GLU A 907 -7.90 -41.44 6.32
C GLU A 907 -7.38 -42.65 5.53
N LYS A 908 -7.85 -42.81 4.30
CA LYS A 908 -7.42 -43.94 3.49
C LYS A 908 -5.98 -43.84 3.00
N ILE A 909 -5.58 -42.66 2.54
CA ILE A 909 -4.23 -42.47 2.02
C ILE A 909 -3.29 -41.71 2.96
N GLY A 910 -3.81 -40.66 3.62
CA GLY A 910 -2.97 -39.88 4.52
C GLY A 910 -2.80 -38.46 3.98
N ASN A 911 -1.77 -37.77 4.44
CA ASN A 911 -1.53 -36.40 3.99
C ASN A 911 -0.03 -36.18 3.82
N GLY A 912 0.36 -35.08 3.20
CA GLY A 912 1.77 -34.81 3.03
C GLY A 912 2.08 -33.76 1.98
N GLY A 913 3.35 -33.51 1.73
CA GLY A 913 3.75 -32.53 0.73
C GLY A 913 5.25 -32.39 0.76
N LYS A 914 5.80 -31.68 -0.24
CA LYS A 914 7.24 -31.48 -0.34
C LYS A 914 7.99 -32.81 -0.22
N GLY A 915 7.45 -33.86 -0.83
CA GLY A 915 8.12 -35.15 -0.82
C GLY A 915 8.00 -36.08 0.39
N ILE A 916 7.23 -35.71 1.41
CA ILE A 916 7.06 -36.58 2.58
C ILE A 916 5.57 -36.76 2.80
N ALA A 917 5.20 -37.82 3.50
CA ALA A 917 3.79 -38.10 3.78
C ALA A 917 3.65 -38.66 5.18
N TRP A 918 2.44 -38.61 5.74
CA TRP A 918 2.25 -39.12 7.10
C TRP A 918 0.82 -39.52 7.31
N ASN A 919 0.58 -40.21 8.43
CA ASN A 919 -0.76 -40.68 8.78
C ASN A 919 -1.48 -39.55 9.50
N THR A 920 -2.71 -39.24 9.12
CA THR A 920 -3.42 -38.16 9.81
C THR A 920 -4.77 -38.58 10.43
N GLN A 921 -4.85 -39.84 10.84
CA GLN A 921 -6.07 -40.37 11.44
C GLN A 921 -6.51 -39.65 12.71
N SER A 922 -5.59 -39.45 13.64
CA SER A 922 -5.94 -38.78 14.88
C SER A 922 -6.49 -37.38 14.65
N GLU A 923 -6.02 -36.70 13.59
CA GLU A 923 -6.49 -35.36 13.27
C GLU A 923 -7.91 -35.41 12.76
N MET A 924 -8.19 -36.43 11.96
CA MET A 924 -9.53 -36.61 11.44
C MET A 924 -10.47 -36.96 12.61
N ASP A 925 -9.95 -37.70 13.58
CA ASP A 925 -10.76 -38.08 14.75
C ASP A 925 -11.16 -36.79 15.50
N LEU A 926 -10.19 -35.89 15.72
CA LEU A 926 -10.43 -34.62 16.40
C LEU A 926 -11.44 -33.79 15.63
N LEU A 927 -11.26 -33.74 14.31
CA LEU A 927 -12.15 -32.97 13.47
C LEU A 927 -13.60 -33.44 13.50
N ARG A 928 -13.83 -34.72 13.74
CA ARG A 928 -15.20 -35.21 13.83
C ARG A 928 -15.84 -34.56 15.07
N LYS A 929 -15.04 -34.33 16.09
CA LYS A 929 -15.56 -33.73 17.33
C LYS A 929 -15.73 -32.23 17.24
N LEU A 930 -14.86 -31.56 16.50
CA LEU A 930 -14.92 -30.11 16.39
C LEU A 930 -15.93 -29.61 15.38
N ASN A 931 -16.03 -30.31 14.25
CA ASN A 931 -16.95 -29.87 13.22
C ASN A 931 -18.27 -30.63 13.21
N TYR A 932 -18.36 -31.72 13.98
CA TYR A 932 -19.55 -32.58 14.00
C TYR A 932 -19.49 -33.38 12.71
N THR A 933 -20.43 -34.29 12.48
CA THR A 933 -20.36 -35.14 11.28
C THR A 933 -21.63 -35.24 10.51
N LYS A 934 -21.51 -35.61 9.23
CA LYS A 934 -22.68 -35.78 8.39
C LYS A 934 -23.59 -36.88 8.97
N ALA A 935 -24.89 -36.60 9.08
CA ALA A 935 -25.85 -37.58 9.63
C ALA A 935 -26.23 -38.67 8.63
N GLU A 936 -26.23 -38.33 7.34
CA GLU A 936 -26.56 -39.30 6.29
C GLU A 936 -26.06 -38.82 4.93
N GLY A 937 -26.50 -39.52 3.87
CA GLY A 937 -26.08 -39.18 2.51
C GLY A 937 -24.72 -39.75 2.15
N PRO A 938 -24.18 -39.37 0.96
CA PRO A 938 -22.88 -39.83 0.44
C PRO A 938 -21.69 -39.74 1.40
N ALA A 939 -21.64 -38.68 2.22
CA ALA A 939 -20.53 -38.49 3.14
C ALA A 939 -20.85 -38.80 4.60
N LYS A 940 -21.89 -39.59 4.82
CA LYS A 940 -22.27 -39.97 6.18
C LYS A 940 -21.08 -40.33 7.07
N GLY A 941 -21.00 -39.72 8.25
CA GLY A 941 -19.92 -40.03 9.16
C GLY A 941 -18.64 -39.19 9.02
N GLN A 942 -18.54 -38.43 7.92
CA GLN A 942 -17.36 -37.60 7.71
C GLN A 942 -17.48 -36.26 8.44
N PRO A 943 -16.35 -35.65 8.83
CA PRO A 943 -16.46 -34.35 9.50
C PRO A 943 -17.12 -33.36 8.54
N MET A 944 -17.80 -32.38 9.12
CA MET A 944 -18.48 -31.38 8.32
C MET A 944 -17.63 -30.20 7.95
N LEU A 945 -17.94 -29.62 6.79
CA LEU A 945 -17.33 -28.38 6.32
C LEU A 945 -18.54 -27.52 5.94
N ASN A 946 -19.32 -27.10 6.93
CA ASN A 946 -20.47 -26.25 6.63
C ASN A 946 -20.11 -24.75 6.63
N THR A 947 -19.39 -24.31 7.66
CA THR A 947 -19.03 -22.90 7.82
C THR A 947 -17.56 -22.67 7.48
N ALA A 948 -17.20 -21.42 7.27
CA ALA A 948 -15.81 -21.07 7.00
C ALA A 948 -14.96 -21.44 8.23
N ILE A 949 -15.53 -21.31 9.43
CA ILE A 949 -14.75 -21.67 10.60
C ILE A 949 -14.45 -23.18 10.59
N ASP A 950 -15.40 -24.00 10.17
CA ASP A 950 -15.14 -25.45 10.10
C ASP A 950 -13.94 -25.69 9.18
N ALA A 951 -13.93 -24.94 8.09
CA ALA A 951 -12.86 -25.05 7.08
C ALA A 951 -11.54 -24.59 7.67
N ALA A 952 -11.57 -23.50 8.44
CA ALA A 952 -10.34 -23.01 9.05
C ALA A 952 -9.81 -24.03 10.07
N GLU A 953 -10.70 -24.66 10.84
CA GLU A 953 -10.26 -25.64 11.82
C GLU A 953 -9.67 -26.86 11.11
N MET A 954 -10.18 -27.18 9.92
CA MET A 954 -9.61 -28.30 9.17
C MET A 954 -8.16 -27.96 8.86
N ILE A 955 -7.92 -26.77 8.32
CA ILE A 955 -6.57 -26.33 7.98
C ILE A 955 -5.64 -26.34 9.19
N LEU A 956 -6.11 -25.78 10.31
CA LEU A 956 -5.30 -25.70 11.53
C LEU A 956 -4.97 -27.08 12.12
N THR A 957 -5.95 -27.96 12.12
CA THR A 957 -5.74 -29.29 12.70
C THR A 957 -4.85 -30.20 11.86
N LEU A 958 -4.95 -30.10 10.53
CA LEU A 958 -4.15 -30.95 9.65
C LEU A 958 -2.71 -30.49 9.42
N ALA A 959 -2.45 -29.19 9.51
CA ALA A 959 -1.09 -28.72 9.24
C ALA A 959 -0.08 -28.88 10.35
N PRO A 960 1.17 -29.17 9.96
CA PRO A 960 2.25 -29.33 10.92
C PRO A 960 2.65 -27.97 11.52
N GLU A 961 2.38 -26.89 10.79
CA GLU A 961 2.73 -25.58 11.29
C GLU A 961 1.79 -25.20 12.45
N THR A 962 0.59 -25.78 12.48
CA THR A 962 -0.38 -25.41 13.50
C THR A 962 -0.80 -26.51 14.47
N ASN A 963 -0.23 -27.70 14.29
CA ASN A 963 -0.54 -28.84 15.18
C ASN A 963 0.75 -29.59 15.47
N GLY A 964 1.28 -29.41 16.69
CA GLY A 964 2.52 -30.03 17.11
C GLY A 964 2.57 -31.54 16.86
N GLN A 965 1.43 -32.19 17.00
CA GLN A 965 1.35 -33.62 16.76
C GLN A 965 1.72 -33.92 15.29
N VAL A 966 1.15 -33.16 14.37
CA VAL A 966 1.46 -33.37 12.98
C VAL A 966 2.90 -32.93 12.68
N ALA A 967 3.36 -31.86 13.33
CA ALA A 967 4.72 -31.41 13.10
C ALA A 967 5.73 -32.52 13.41
N VAL A 968 5.54 -33.24 14.52
CA VAL A 968 6.48 -34.30 14.86
C VAL A 968 6.39 -35.47 13.87
N LYS A 969 5.19 -35.79 13.39
CA LYS A 969 5.00 -36.87 12.42
C LYS A 969 5.62 -36.49 11.07
N ALA A 970 5.55 -35.20 10.75
CA ALA A 970 6.11 -34.67 9.51
C ALA A 970 7.63 -34.71 9.55
N TRP A 971 8.23 -34.27 10.66
CA TRP A 971 9.68 -34.29 10.79
C TRP A 971 10.18 -35.74 10.84
N ALA A 972 9.36 -36.64 11.36
CA ALA A 972 9.74 -38.06 11.43
C ALA A 972 9.80 -38.62 10.01
N ALA A 973 8.80 -38.29 9.20
CA ALA A 973 8.79 -38.77 7.81
C ALA A 973 10.04 -38.26 7.07
N LEU A 974 10.40 -36.99 7.27
CA LEU A 974 11.58 -36.46 6.60
C LEU A 974 12.83 -37.20 7.05
N SER A 975 12.93 -37.45 8.35
CA SER A 975 14.06 -38.16 8.93
C SER A 975 14.38 -39.50 8.26
N GLU A 976 13.37 -40.14 7.68
CA GLU A 976 13.56 -41.41 6.99
C GLU A 976 14.48 -41.22 5.80
N PHE A 977 14.25 -40.12 5.07
CA PHE A 977 15.04 -39.78 3.87
C PHE A 977 16.46 -39.38 4.18
N THR A 978 16.63 -38.54 5.18
CA THR A 978 17.94 -38.02 5.52
C THR A 978 18.75 -38.88 6.45
N GLY A 979 18.10 -39.80 7.16
CA GLY A 979 18.86 -40.62 8.08
C GLY A 979 19.34 -39.82 9.28
N ARG A 980 18.83 -38.60 9.44
CA ARG A 980 19.19 -37.74 10.57
C ARG A 980 17.90 -37.42 11.33
N ASP A 981 17.96 -37.36 12.66
CA ASP A 981 16.73 -37.05 13.40
C ASP A 981 16.40 -35.58 13.29
N HIS A 982 15.15 -35.30 12.96
CA HIS A 982 14.74 -33.92 12.87
C HIS A 982 13.56 -33.64 13.81
N THR A 983 13.04 -34.69 14.43
CA THR A 983 11.90 -34.54 15.32
C THR A 983 12.20 -33.60 16.49
N HIS A 984 13.48 -33.44 16.82
CA HIS A 984 13.85 -32.55 17.92
C HIS A 984 13.44 -31.11 17.58
N LEU A 985 13.10 -30.86 16.31
CA LEU A 985 12.71 -29.52 15.89
C LEU A 985 11.28 -29.14 16.32
N ALA A 986 10.47 -30.12 16.69
CA ALA A 986 9.10 -29.88 17.09
C ALA A 986 8.67 -30.62 18.38
N LEU A 987 9.56 -31.43 18.97
CA LEU A 987 9.18 -32.15 20.18
C LEU A 987 8.77 -31.23 21.33
N ASN A 988 9.50 -30.14 21.54
CA ASN A 988 9.14 -29.24 22.63
C ASN A 988 7.82 -28.48 22.41
N LYS A 989 7.13 -28.73 21.30
CA LYS A 989 5.84 -28.08 21.02
C LYS A 989 4.86 -29.12 20.56
N GLU A 990 5.11 -30.36 20.93
CA GLU A 990 4.22 -31.41 20.44
C GLU A 990 2.77 -31.33 20.91
N ASP A 991 2.53 -30.70 22.05
CA ASP A 991 1.18 -30.57 22.55
C ASP A 991 0.46 -29.32 22.01
N GLU A 992 1.17 -28.47 21.29
CA GLU A 992 0.57 -27.26 20.76
C GLU A 992 -0.46 -27.49 19.63
N LYS A 993 -1.63 -26.89 19.76
CA LYS A 993 -2.68 -26.96 18.73
C LYS A 993 -3.34 -25.61 18.59
N ILE A 994 -3.10 -24.95 17.48
CA ILE A 994 -3.69 -23.65 17.27
C ILE A 994 -5.15 -23.78 16.85
N ARG A 995 -6.02 -23.05 17.57
CA ARG A 995 -7.46 -23.05 17.31
C ARG A 995 -7.92 -21.70 16.78
N PHE A 996 -8.92 -21.73 15.94
CA PHE A 996 -9.45 -20.50 15.35
C PHE A 996 -9.86 -19.49 16.42
N ARG A 997 -10.63 -19.93 17.43
CA ARG A 997 -11.03 -18.97 18.45
C ARG A 997 -9.85 -18.43 19.28
N ASP A 998 -8.77 -19.19 19.40
CA ASP A 998 -7.64 -18.66 20.15
C ASP A 998 -6.93 -17.57 19.33
N ILE A 999 -6.85 -17.72 18.00
CA ILE A 999 -6.16 -16.67 17.27
C ILE A 999 -7.03 -15.40 17.20
N GLN A 1000 -8.34 -15.52 17.41
CA GLN A 1000 -9.15 -14.29 17.43
C GLN A 1000 -8.77 -13.53 18.71
N ALA A 1001 -8.38 -14.26 19.77
CA ALA A 1001 -8.01 -13.63 21.04
C ALA A 1001 -6.58 -13.08 20.96
N GLN A 1002 -5.66 -13.82 20.33
CA GLN A 1002 -4.29 -13.29 20.14
C GLN A 1002 -3.59 -14.04 19.01
N PRO A 1003 -3.00 -13.33 18.04
CA PRO A 1003 -2.30 -14.03 16.94
C PRO A 1003 -1.31 -15.01 17.57
N ARG A 1004 -1.13 -16.17 16.95
CA ARG A 1004 -0.22 -17.20 17.46
C ARG A 1004 0.96 -17.48 16.51
N LYS A 1005 2.15 -17.67 17.09
CA LYS A 1005 3.35 -18.00 16.30
C LYS A 1005 3.25 -19.47 15.89
N ILE A 1006 3.53 -19.78 14.62
CA ILE A 1006 3.42 -21.16 14.16
C ILE A 1006 4.61 -22.06 14.57
N ILE A 1007 4.53 -23.34 14.21
CA ILE A 1007 5.54 -24.33 14.60
C ILE A 1007 6.54 -24.71 13.47
N SER A 1008 7.81 -24.93 13.83
CA SER A 1008 8.85 -25.32 12.86
C SER A 1008 8.31 -26.54 12.12
N SER A 1009 8.37 -26.49 10.79
CA SER A 1009 7.84 -27.55 9.95
C SER A 1009 8.79 -27.87 8.79
N PRO A 1010 8.80 -29.14 8.34
CA PRO A 1010 9.67 -29.59 7.24
C PRO A 1010 9.22 -28.99 5.90
N THR A 1011 8.02 -28.40 5.89
CA THR A 1011 7.51 -27.75 4.69
C THR A 1011 8.39 -26.53 4.38
N TRP A 1012 9.08 -26.03 5.39
CA TRP A 1012 9.92 -24.83 5.28
C TRP A 1012 11.38 -25.06 5.68
N SER A 1013 12.26 -24.08 5.50
CA SER A 1013 13.66 -24.33 5.80
C SER A 1013 14.28 -23.46 6.87
N GLY A 1014 13.43 -22.69 7.54
CA GLY A 1014 13.90 -21.85 8.63
C GLY A 1014 13.18 -22.35 9.86
N LEU A 1015 13.56 -21.87 11.03
CA LEU A 1015 12.95 -22.30 12.26
C LEU A 1015 12.14 -21.21 12.97
N GLU A 1016 11.11 -21.63 13.70
CA GLU A 1016 10.27 -20.73 14.51
C GLU A 1016 10.83 -21.11 15.87
N ASP A 1017 11.62 -20.21 16.42
CA ASP A 1017 12.34 -20.53 17.63
C ASP A 1017 12.48 -19.29 18.48
N GLU A 1018 12.67 -19.47 19.79
CA GLU A 1018 12.79 -18.30 20.66
C GLU A 1018 14.21 -17.76 20.77
N HIS A 1019 15.19 -18.46 20.21
CA HIS A 1019 16.58 -17.98 20.26
C HIS A 1019 17.17 -17.61 18.90
N VAL A 1020 16.55 -18.06 17.82
CA VAL A 1020 17.03 -17.70 16.50
C VAL A 1020 15.81 -17.33 15.65
N SER A 1021 15.94 -16.26 14.87
CA SER A 1021 14.86 -15.82 14.00
C SER A 1021 14.75 -16.76 12.81
N TYR A 1022 13.64 -16.67 12.09
CA TYR A 1022 13.39 -17.49 10.92
C TYR A 1022 14.23 -16.98 9.74
N ASN A 1023 15.05 -17.88 9.21
CA ASN A 1023 15.95 -17.58 8.11
C ASN A 1023 15.95 -18.73 7.11
N ALA A 1024 15.63 -18.46 5.84
CA ALA A 1024 15.54 -19.54 4.87
C ALA A 1024 16.89 -20.23 4.65
N GLY A 1025 16.82 -21.55 4.44
CA GLY A 1025 18.03 -22.32 4.23
C GLY A 1025 18.72 -22.70 5.53
N TYR A 1026 18.19 -22.23 6.64
CA TYR A 1026 18.79 -22.52 7.92
C TYR A 1026 18.85 -24.03 8.20
N THR A 1027 17.78 -24.78 7.87
CA THR A 1027 17.77 -26.21 8.11
C THR A 1027 18.70 -26.94 7.15
N ASN A 1028 18.85 -26.43 5.93
CA ASN A 1028 19.76 -27.05 4.98
C ASN A 1028 21.16 -26.95 5.54
N VAL A 1029 21.54 -25.75 5.97
CA VAL A 1029 22.86 -25.50 6.51
C VAL A 1029 23.13 -26.13 7.87
N HIS A 1030 22.12 -26.08 8.76
CA HIS A 1030 22.28 -26.61 10.10
C HIS A 1030 21.77 -28.00 10.42
N GLU A 1031 20.83 -28.50 9.65
CA GLU A 1031 20.33 -29.86 9.90
C GLU A 1031 20.86 -30.79 8.79
N LEU A 1032 21.60 -30.22 7.84
CA LEU A 1032 22.17 -31.00 6.74
C LEU A 1032 21.15 -31.67 5.82
N ILE A 1033 19.99 -31.02 5.68
CA ILE A 1033 18.93 -31.50 4.80
C ILE A 1033 19.30 -30.95 3.43
N PRO A 1034 19.30 -31.78 2.38
CA PRO A 1034 19.67 -31.23 1.07
C PRO A 1034 18.64 -30.29 0.46
N TRP A 1035 19.11 -29.43 -0.44
CA TRP A 1035 18.23 -28.56 -1.21
C TRP A 1035 17.71 -29.56 -2.26
N ARG A 1036 16.46 -29.40 -2.71
CA ARG A 1036 15.90 -30.34 -3.66
C ARG A 1036 16.35 -30.10 -5.10
N THR A 1037 17.66 -30.19 -5.29
CA THR A 1037 18.29 -29.99 -6.60
C THR A 1037 19.01 -31.26 -7.05
N LEU A 1038 19.36 -31.32 -8.35
CA LEU A 1038 20.10 -32.45 -8.89
C LEU A 1038 21.28 -32.84 -8.00
N SER A 1039 22.08 -31.87 -7.56
CA SER A 1039 23.25 -32.16 -6.71
C SER A 1039 23.00 -32.17 -5.20
N GLY A 1040 21.84 -31.66 -4.77
CA GLY A 1040 21.53 -31.59 -3.35
C GLY A 1040 22.09 -30.32 -2.73
N ARG A 1041 22.88 -29.59 -3.51
CA ARG A 1041 23.47 -28.35 -3.03
C ARG A 1041 22.91 -27.13 -3.76
N GLN A 1042 23.33 -25.94 -3.35
CA GLN A 1042 22.88 -24.74 -4.02
C GLN A 1042 23.56 -24.90 -5.41
N GLN A 1043 22.73 -24.96 -6.45
CA GLN A 1043 23.16 -25.19 -7.82
C GLN A 1043 23.58 -24.02 -8.66
N LEU A 1044 24.89 -23.78 -8.75
CA LEU A 1044 25.40 -22.70 -9.58
C LEU A 1044 25.37 -23.10 -11.06
N TYR A 1045 25.50 -24.41 -11.33
CA TYR A 1045 25.52 -24.90 -12.71
C TYR A 1045 24.22 -25.58 -13.14
N GLN A 1046 23.59 -25.04 -14.17
CA GLN A 1046 22.34 -25.58 -14.68
C GLN A 1046 22.67 -26.41 -15.94
N ASP A 1047 22.70 -27.74 -15.79
CA ASP A 1047 23.09 -28.60 -16.90
C ASP A 1047 22.02 -29.19 -17.81
N HIS A 1048 20.76 -28.86 -17.56
CA HIS A 1048 19.72 -29.35 -18.44
C HIS A 1048 20.03 -28.88 -19.86
N GLN A 1049 19.74 -29.73 -20.84
CA GLN A 1049 20.01 -29.40 -22.25
C GLN A 1049 19.51 -28.01 -22.64
N TRP A 1050 18.27 -27.67 -22.30
CA TRP A 1050 17.76 -26.37 -22.67
C TRP A 1050 18.46 -25.21 -21.96
N MET A 1051 18.88 -25.41 -20.71
CA MET A 1051 19.58 -24.33 -20.00
C MET A 1051 20.92 -24.07 -20.70
N ARG A 1052 21.61 -25.16 -21.06
CA ARG A 1052 22.90 -25.05 -21.72
C ARG A 1052 22.74 -24.35 -23.07
N ASP A 1053 21.82 -24.85 -23.88
CA ASP A 1053 21.62 -24.26 -25.21
C ASP A 1053 21.01 -22.86 -25.27
N PHE A 1054 20.33 -22.45 -24.20
CA PHE A 1054 19.81 -21.10 -24.20
C PHE A 1054 20.80 -20.18 -23.50
N GLY A 1055 22.00 -20.70 -23.29
CA GLY A 1055 23.07 -19.89 -22.73
C GLY A 1055 23.07 -19.58 -21.25
N GLU A 1056 22.35 -20.38 -20.47
CA GLU A 1056 22.26 -20.11 -19.04
C GLU A 1056 22.75 -21.18 -18.08
N SER A 1057 23.73 -21.98 -18.51
CA SER A 1057 24.26 -23.00 -17.63
C SER A 1057 24.93 -22.24 -16.47
N LEU A 1058 25.49 -21.08 -16.76
CA LEU A 1058 26.07 -20.28 -15.71
C LEU A 1058 25.48 -18.89 -15.82
N LEU A 1059 25.54 -18.15 -14.72
CA LEU A 1059 25.08 -16.78 -14.71
C LEU A 1059 25.84 -15.99 -15.81
N VAL A 1060 25.15 -15.19 -16.61
CA VAL A 1060 25.79 -14.33 -17.63
C VAL A 1060 24.97 -13.07 -17.76
N TYR A 1061 25.59 -11.98 -18.17
CA TYR A 1061 24.84 -10.75 -18.36
C TYR A 1061 23.97 -10.78 -19.62
N ARG A 1062 22.70 -10.40 -19.48
CA ARG A 1062 21.81 -10.38 -20.64
C ARG A 1062 21.04 -9.08 -20.68
N PRO A 1063 21.21 -8.31 -21.76
CA PRO A 1063 20.53 -7.02 -21.90
C PRO A 1063 19.03 -7.11 -22.07
N PRO A 1064 18.32 -6.04 -21.68
CA PRO A 1064 16.86 -6.00 -21.81
C PRO A 1064 16.48 -6.44 -23.24
N ILE A 1065 15.39 -7.19 -23.39
CA ILE A 1065 15.03 -7.62 -24.74
C ILE A 1065 14.32 -6.53 -25.52
N ASP A 1066 14.34 -6.66 -26.84
CA ASP A 1066 13.65 -5.72 -27.71
C ASP A 1066 12.25 -6.31 -27.97
N THR A 1067 11.18 -5.65 -27.50
CA THR A 1067 9.86 -6.20 -27.74
C THR A 1067 9.33 -5.76 -29.09
N ARG A 1068 10.03 -4.82 -29.73
CA ARG A 1068 9.64 -4.32 -31.04
C ARG A 1068 8.20 -3.84 -31.09
N SER A 1069 7.75 -3.21 -29.99
CA SER A 1069 6.37 -2.74 -29.92
C SER A 1069 6.14 -1.29 -30.32
N VAL A 1070 7.21 -0.55 -30.62
CA VAL A 1070 7.06 0.86 -30.92
C VAL A 1070 7.28 1.36 -32.35
N LYS A 1071 8.34 0.90 -32.98
CA LYS A 1071 8.66 1.40 -34.31
C LYS A 1071 7.58 1.26 -35.39
N GLU A 1072 6.71 0.27 -35.26
CA GLU A 1072 5.66 0.05 -36.23
C GLU A 1072 4.46 0.98 -36.04
N VAL A 1073 4.35 1.65 -34.88
CA VAL A 1073 3.21 2.53 -34.66
C VAL A 1073 3.52 4.00 -34.40
N ILE A 1074 4.74 4.29 -33.96
CA ILE A 1074 5.06 5.67 -33.67
C ILE A 1074 4.86 6.55 -34.94
N GLY A 1075 4.19 7.69 -34.76
CA GLY A 1075 3.94 8.60 -35.85
C GLY A 1075 2.79 8.24 -36.79
N GLN A 1076 2.19 7.07 -36.60
CA GLN A 1076 1.10 6.62 -37.48
C GLN A 1076 -0.27 7.27 -37.25
N LYS A 1077 -0.47 7.88 -36.09
CA LYS A 1077 -1.76 8.52 -35.78
C LYS A 1077 -1.50 9.82 -35.01
N SER A 1078 -0.73 10.71 -35.61
CA SER A 1078 -0.38 11.96 -34.99
C SER A 1078 -1.50 12.89 -34.55
N ASN A 1079 -1.33 13.52 -33.40
CA ASN A 1079 -2.32 14.47 -32.94
C ASN A 1079 -1.63 15.84 -33.02
N GLY A 1080 -0.46 15.86 -33.65
CA GLY A 1080 0.30 17.11 -33.79
C GLY A 1080 1.35 17.38 -32.73
N ASN A 1081 1.35 16.61 -31.65
CA ASN A 1081 2.35 16.83 -30.60
C ASN A 1081 3.49 15.82 -30.75
N GLN A 1082 4.67 16.21 -30.27
CA GLN A 1082 5.83 15.36 -30.36
C GLN A 1082 5.65 14.04 -29.63
N GLU A 1083 6.22 12.98 -30.21
CA GLU A 1083 6.15 11.64 -29.65
C GLU A 1083 7.56 11.17 -29.34
N LYS A 1084 7.73 10.35 -28.32
CA LYS A 1084 9.07 9.87 -28.01
C LYS A 1084 8.94 8.51 -27.34
N ALA A 1085 9.90 7.63 -27.61
CA ALA A 1085 9.90 6.28 -27.04
C ALA A 1085 10.59 6.30 -25.67
N LEU A 1086 10.02 5.65 -24.67
CA LEU A 1086 10.60 5.60 -23.33
C LEU A 1086 10.37 4.20 -22.72
N ASN A 1087 11.26 3.80 -21.83
CA ASN A 1087 11.17 2.50 -21.12
C ASN A 1087 9.95 2.64 -20.16
N PHE A 1088 9.00 1.71 -20.22
CA PHE A 1088 7.79 1.78 -19.41
C PHE A 1088 7.87 0.83 -18.22
N LEU A 1089 8.14 1.37 -17.03
CA LEU A 1089 8.25 0.58 -15.80
C LEU A 1089 6.96 0.69 -15.01
N THR A 1090 6.60 -0.37 -14.31
CA THR A 1090 5.36 -0.36 -13.56
C THR A 1090 5.56 -0.85 -12.13
N PRO A 1091 6.40 -0.17 -11.33
CA PRO A 1091 6.63 -0.59 -9.95
C PRO A 1091 5.34 -0.44 -9.14
N HIS A 1092 5.24 -1.10 -8.00
CA HIS A 1092 3.99 -1.04 -7.26
C HIS A 1092 3.71 0.26 -6.55
N GLN A 1093 2.46 0.69 -6.68
CA GLN A 1093 2.04 1.99 -6.19
C GLN A 1093 1.91 2.23 -4.69
N LYS A 1094 1.92 3.50 -4.34
CA LYS A 1094 1.80 3.94 -2.96
C LYS A 1094 0.32 4.13 -2.57
N TRP A 1095 -0.55 4.31 -3.55
CA TRP A 1095 -1.98 4.56 -3.25
C TRP A 1095 -2.94 3.42 -3.55
N GLY A 1096 -2.46 2.19 -3.34
CA GLY A 1096 -3.30 1.02 -3.56
C GLY A 1096 -2.40 -0.18 -3.39
N ILE A 1097 -2.98 -1.37 -3.30
CA ILE A 1097 -2.20 -2.61 -3.25
C ILE A 1097 -2.73 -3.19 -4.57
N HIS A 1098 -1.88 -3.20 -5.60
CA HIS A 1098 -2.33 -3.59 -6.96
C HIS A 1098 -3.45 -2.61 -7.25
N SER A 1099 -4.62 -3.09 -7.66
CA SER A 1099 -5.73 -2.16 -7.93
C SER A 1099 -6.67 -2.04 -6.72
N THR A 1100 -6.48 -2.88 -5.70
CA THR A 1100 -7.38 -2.75 -4.54
C THR A 1100 -7.06 -1.41 -3.89
N TYR A 1101 -8.11 -0.72 -3.45
CA TYR A 1101 -8.03 0.63 -2.86
C TYR A 1101 -7.77 1.70 -3.93
N SER A 1102 -7.58 1.33 -5.20
CA SER A 1102 -7.28 2.36 -6.19
C SER A 1102 -8.47 3.28 -6.38
N ASP A 1103 -9.67 2.75 -6.16
CA ASP A 1103 -10.89 3.55 -6.30
C ASP A 1103 -11.32 4.13 -4.93
N ASN A 1104 -10.57 3.80 -3.89
CA ASN A 1104 -10.89 4.25 -2.54
C ASN A 1104 -10.64 5.79 -2.45
N LEU A 1105 -11.65 6.57 -2.04
CA LEU A 1105 -11.48 8.02 -2.05
C LEU A 1105 -10.34 8.55 -1.17
N LEU A 1106 -10.06 7.89 -0.04
CA LEU A 1106 -8.93 8.34 0.80
C LEU A 1106 -7.62 8.26 -0.01
N MET A 1107 -7.41 7.13 -0.68
CA MET A 1107 -6.20 6.93 -1.45
C MET A 1107 -6.18 7.87 -2.67
N LEU A 1108 -7.33 8.09 -3.30
CA LEU A 1108 -7.37 8.97 -4.46
C LEU A 1108 -7.07 10.43 -4.05
N THR A 1109 -7.43 10.77 -2.83
CA THR A 1109 -7.23 12.12 -2.35
C THR A 1109 -5.78 12.35 -1.92
N LEU A 1110 -5.13 11.33 -1.36
CA LEU A 1110 -3.73 11.48 -0.93
C LEU A 1110 -2.81 11.28 -2.12
N GLY A 1111 -3.36 10.64 -3.17
CA GLY A 1111 -2.57 10.49 -4.40
C GLY A 1111 -2.79 11.71 -5.27
N ARG A 1112 -2.99 11.48 -6.57
CA ARG A 1112 -3.26 12.54 -7.51
C ARG A 1112 -4.65 12.42 -8.16
N GLY A 1113 -5.59 11.85 -7.44
CA GLY A 1113 -6.95 11.78 -7.95
C GLY A 1113 -7.24 10.86 -9.13
N GLY A 1114 -6.39 9.89 -9.40
CA GLY A 1114 -6.70 9.01 -10.52
C GLY A 1114 -5.41 8.59 -11.22
N PRO A 1115 -5.52 7.80 -12.31
CA PRO A 1115 -4.39 7.28 -13.09
C PRO A 1115 -3.37 8.35 -13.51
N VAL A 1116 -2.12 8.16 -13.11
CA VAL A 1116 -1.07 9.12 -13.46
C VAL A 1116 0.16 8.32 -13.85
N VAL A 1117 1.07 8.99 -14.55
CA VAL A 1117 2.31 8.39 -15.01
C VAL A 1117 3.45 9.36 -14.67
N TRP A 1118 4.54 8.86 -14.10
CA TRP A 1118 5.68 9.69 -13.75
C TRP A 1118 6.70 9.79 -14.90
N LEU A 1119 7.12 11.02 -15.19
CA LEU A 1119 8.11 11.32 -16.23
C LEU A 1119 9.21 12.21 -15.66
N SER A 1120 10.41 12.10 -16.22
CA SER A 1120 11.51 12.95 -15.80
C SER A 1120 11.21 14.36 -16.27
N GLU A 1121 11.80 15.35 -15.63
CA GLU A 1121 11.61 16.73 -16.06
C GLU A 1121 12.12 16.91 -17.50
N ALA A 1122 13.26 16.30 -17.84
CA ALA A 1122 13.83 16.45 -19.19
C ALA A 1122 12.92 15.86 -20.26
N ASP A 1123 12.45 14.64 -20.04
CA ASP A 1123 11.55 14.05 -21.05
C ASP A 1123 10.24 14.86 -21.17
N ALA A 1124 9.66 15.29 -20.03
CA ALA A 1124 8.41 16.05 -20.14
C ALA A 1124 8.64 17.40 -20.87
N LYS A 1125 9.75 18.07 -20.59
CA LYS A 1125 10.01 19.34 -21.27
C LYS A 1125 10.22 19.13 -22.76
N ASP A 1126 10.93 18.07 -23.11
CA ASP A 1126 11.16 17.73 -24.51
C ASP A 1126 9.81 17.54 -25.23
N LEU A 1127 8.87 16.88 -24.54
CA LEU A 1127 7.55 16.62 -25.10
C LEU A 1127 6.53 17.75 -24.93
N GLY A 1128 6.91 18.84 -24.27
CA GLY A 1128 5.95 19.93 -24.08
C GLY A 1128 4.89 19.58 -23.01
N ILE A 1129 5.22 18.65 -22.13
CA ILE A 1129 4.29 18.23 -21.07
C ILE A 1129 4.56 18.96 -19.76
N ALA A 1130 3.51 19.55 -19.18
CA ALA A 1130 3.61 20.24 -17.87
C ALA A 1130 3.04 19.26 -16.85
N ASP A 1131 3.37 19.46 -15.57
CA ASP A 1131 2.87 18.61 -14.50
C ASP A 1131 1.34 18.58 -14.57
N ASN A 1132 0.76 17.38 -14.47
CA ASN A 1132 -0.69 17.17 -14.51
C ASN A 1132 -1.37 17.30 -15.87
N ASP A 1133 -0.59 17.43 -16.94
CA ASP A 1133 -1.15 17.47 -18.28
C ASP A 1133 -1.68 16.06 -18.64
N TRP A 1134 -2.75 16.01 -19.45
CA TRP A 1134 -3.24 14.72 -19.93
C TRP A 1134 -2.24 14.23 -20.97
N ILE A 1135 -1.80 12.98 -20.82
CA ILE A 1135 -0.88 12.36 -21.75
C ILE A 1135 -1.43 11.02 -22.21
N GLU A 1136 -0.87 10.52 -23.31
CA GLU A 1136 -1.28 9.24 -23.86
C GLU A 1136 0.02 8.44 -24.08
N VAL A 1137 0.00 7.17 -23.69
CA VAL A 1137 1.14 6.26 -23.75
C VAL A 1137 0.64 5.06 -24.55
N PHE A 1138 1.36 4.70 -25.62
CA PHE A 1138 0.87 3.61 -26.48
C PHE A 1138 1.97 2.91 -27.24
N ASN A 1139 1.66 1.71 -27.72
CA ASN A 1139 2.56 0.94 -28.57
C ASN A 1139 1.69 -0.06 -29.36
N SER A 1140 2.31 -1.09 -29.93
CA SER A 1140 1.54 -2.06 -30.74
C SER A 1140 0.45 -2.80 -29.99
N ASN A 1141 0.66 -2.93 -28.69
CA ASN A 1141 -0.27 -3.65 -27.81
C ASN A 1141 -1.54 -2.94 -27.43
N GLY A 1142 -1.50 -1.61 -27.42
CA GLY A 1142 -2.68 -0.84 -27.03
C GLY A 1142 -2.30 0.56 -26.56
N ALA A 1143 -3.22 1.23 -25.89
CA ALA A 1143 -2.97 2.62 -25.47
C ALA A 1143 -3.63 2.92 -24.13
N LEU A 1144 -3.05 3.89 -23.39
CA LEU A 1144 -3.61 4.27 -22.11
C LEU A 1144 -3.57 5.81 -22.02
N THR A 1145 -4.47 6.39 -21.21
CA THR A 1145 -4.51 7.83 -20.99
C THR A 1145 -4.27 8.02 -19.47
N ALA A 1146 -3.67 9.15 -19.11
CA ALA A 1146 -3.38 9.40 -17.70
C ALA A 1146 -2.87 10.82 -17.60
N ARG A 1147 -2.58 11.29 -16.40
CA ARG A 1147 -2.01 12.63 -16.23
C ARG A 1147 -0.55 12.48 -15.82
N ALA A 1148 0.27 13.45 -16.23
CA ALA A 1148 1.68 13.37 -15.90
C ALA A 1148 2.01 13.87 -14.49
N VAL A 1149 3.00 13.24 -13.88
CA VAL A 1149 3.57 13.73 -12.64
C VAL A 1149 5.00 13.98 -13.17
N VAL A 1150 5.44 15.24 -13.19
CA VAL A 1150 6.78 15.54 -13.68
C VAL A 1150 7.69 15.65 -12.47
N SER A 1151 8.85 15.00 -12.52
CA SER A 1151 9.73 15.00 -11.37
C SER A 1151 11.21 14.83 -11.66
N GLN A 1152 12.02 15.48 -10.85
CA GLN A 1152 13.46 15.35 -10.98
C GLN A 1152 13.93 13.95 -10.60
N ARG A 1153 13.17 13.23 -9.78
CA ARG A 1153 13.70 11.95 -9.33
C ARG A 1153 13.61 10.79 -10.30
N VAL A 1154 12.96 11.00 -11.44
CA VAL A 1154 12.83 9.97 -12.47
C VAL A 1154 13.96 10.27 -13.46
N PRO A 1155 14.84 9.29 -13.73
CA PRO A 1155 15.93 9.58 -14.66
C PRO A 1155 15.44 9.64 -16.10
N ALA A 1156 16.11 10.45 -16.91
CA ALA A 1156 15.73 10.54 -18.32
C ALA A 1156 15.74 9.14 -18.95
N GLY A 1157 14.82 8.88 -19.87
CA GLY A 1157 14.77 7.60 -20.54
C GLY A 1157 13.76 6.60 -20.00
N MET A 1158 13.22 6.86 -18.82
CA MET A 1158 12.25 5.93 -18.28
C MET A 1158 11.02 6.65 -17.79
N THR A 1159 9.92 5.91 -17.79
CA THR A 1159 8.68 6.46 -17.28
C THR A 1159 8.19 5.41 -16.29
N MET A 1160 7.47 5.85 -15.26
CA MET A 1160 6.93 4.90 -14.28
C MET A 1160 5.44 5.12 -14.11
N MET A 1161 4.66 4.10 -14.43
CA MET A 1161 3.24 4.20 -14.17
C MET A 1161 3.07 3.16 -13.07
N TYR A 1162 2.94 3.63 -11.83
CA TYR A 1162 2.84 2.70 -10.72
C TYR A 1162 1.65 1.74 -10.84
N HIS A 1163 1.95 0.52 -10.46
CA HIS A 1163 1.16 -0.66 -10.55
C HIS A 1163 -0.19 -0.50 -9.76
N ALA A 1164 -1.23 -1.00 -10.21
CA ALA A 1164 -2.49 -0.87 -10.85
C ALA A 1164 -3.49 0.15 -10.49
N GLN A 1165 -3.62 1.14 -11.39
CA GLN A 1165 -4.55 2.24 -11.18
C GLN A 1165 -5.87 1.98 -11.88
N GLU A 1166 -5.87 0.87 -12.62
CA GLU A 1166 -7.01 0.35 -13.36
C GLU A 1166 -7.88 1.23 -14.25
N ARG A 1167 -9.05 0.71 -14.65
CA ARG A 1167 -9.86 1.37 -15.66
C ARG A 1167 -11.22 1.95 -15.30
N ILE A 1168 -11.46 2.24 -14.02
CA ILE A 1168 -12.79 2.72 -13.69
C ILE A 1168 -12.91 4.17 -13.25
N VAL A 1169 -11.79 4.77 -12.87
CA VAL A 1169 -11.83 6.13 -12.38
C VAL A 1169 -11.03 7.17 -13.19
N ASN A 1170 -11.69 8.27 -13.50
CA ASN A 1170 -11.07 9.43 -14.10
C ASN A 1170 -10.16 9.18 -15.30
N LEU A 1171 -10.70 8.55 -16.34
CA LEU A 1171 -9.98 8.25 -17.57
C LEU A 1171 -10.79 8.75 -18.74
N PRO A 1172 -10.18 9.60 -19.57
CA PRO A 1172 -10.90 10.11 -20.73
C PRO A 1172 -10.68 9.14 -21.91
N GLY A 1173 -11.35 9.43 -23.03
CA GLY A 1173 -11.17 8.61 -24.21
C GLY A 1173 -9.78 8.81 -24.80
N SER A 1174 -9.35 7.80 -25.53
CA SER A 1174 -8.04 7.78 -26.18
C SER A 1174 -8.11 8.36 -27.58
N GLU A 1175 -7.13 9.17 -27.95
CA GLU A 1175 -7.09 9.72 -29.31
C GLU A 1175 -6.54 8.65 -30.26
N ILE A 1176 -5.92 7.61 -29.73
CA ILE A 1176 -5.36 6.54 -30.54
C ILE A 1176 -6.41 5.49 -30.95
N THR A 1177 -7.21 5.05 -29.98
CA THR A 1177 -8.22 4.00 -30.21
C THR A 1177 -9.65 4.49 -30.34
N GLN A 1178 -9.92 5.73 -29.95
CA GLN A 1178 -11.28 6.29 -29.98
C GLN A 1178 -12.18 5.56 -28.99
N GLN A 1179 -11.55 4.88 -28.03
CA GLN A 1179 -12.27 4.15 -27.00
C GLN A 1179 -11.85 4.76 -25.66
N ARG A 1180 -12.42 4.25 -24.57
CA ARG A 1180 -12.04 4.69 -23.24
C ARG A 1180 -10.53 4.41 -23.15
N GLY A 1181 -9.78 5.31 -22.50
CA GLY A 1181 -8.34 5.06 -22.37
C GLY A 1181 -8.10 3.71 -21.71
N GLY A 1182 -6.96 3.09 -22.04
CA GLY A 1182 -6.63 1.79 -21.46
C GLY A 1182 -5.89 1.90 -20.14
N ILE A 1183 -5.22 0.82 -19.75
CA ILE A 1183 -4.50 0.77 -18.47
C ILE A 1183 -3.05 0.41 -18.75
N HIS A 1184 -2.23 0.30 -17.69
CA HIS A 1184 -0.85 -0.04 -17.89
C HIS A 1184 -0.68 -1.34 -18.65
N ASN A 1185 -1.55 -2.32 -18.42
CA ASN A 1185 -1.38 -3.54 -19.18
C ASN A 1185 -1.99 -3.51 -20.59
N SER A 1186 -2.47 -2.35 -21.02
CA SER A 1186 -2.94 -2.21 -22.40
C SER A 1186 -1.68 -2.05 -23.29
N VAL A 1187 -0.54 -1.74 -22.69
CA VAL A 1187 0.69 -1.59 -23.48
C VAL A 1187 1.68 -2.72 -23.33
N THR A 1188 1.31 -3.76 -22.58
CA THR A 1188 2.21 -4.90 -22.40
C THR A 1188 1.66 -6.12 -23.16
N ARG A 1189 2.47 -7.16 -23.28
CA ARG A 1189 2.04 -8.41 -23.94
C ARG A 1189 2.90 -9.52 -23.38
N ILE A 1190 2.32 -10.69 -23.21
CA ILE A 1190 3.08 -11.84 -22.70
C ILE A 1190 4.10 -12.37 -23.74
N THR A 1191 5.31 -12.63 -23.28
CA THR A 1191 6.35 -13.25 -24.08
C THR A 1191 7.02 -14.20 -23.12
N PRO A 1192 6.82 -15.49 -23.33
CA PRO A 1192 7.40 -16.52 -22.46
C PRO A 1192 8.88 -16.73 -22.74
N LYS A 1193 9.54 -17.39 -21.80
CA LYS A 1193 10.95 -17.71 -21.96
C LYS A 1193 11.06 -19.25 -21.89
N PRO A 1194 11.73 -19.89 -22.88
CA PRO A 1194 11.85 -21.36 -22.88
C PRO A 1194 12.44 -22.01 -21.66
N THR A 1195 13.40 -21.37 -21.02
CA THR A 1195 14.02 -21.96 -19.84
C THR A 1195 13.04 -22.12 -18.68
N HIS A 1196 11.89 -21.46 -18.76
CA HIS A 1196 10.91 -21.53 -17.69
C HIS A 1196 9.88 -22.61 -18.02
N MET A 1197 10.06 -23.28 -19.16
CA MET A 1197 9.14 -24.35 -19.56
C MET A 1197 9.73 -25.73 -19.26
N ILE A 1198 10.96 -25.76 -18.75
CA ILE A 1198 11.68 -27.02 -18.47
C ILE A 1198 11.09 -27.85 -17.33
N GLY A 1199 10.86 -29.13 -17.58
CA GLY A 1199 10.31 -30.05 -16.58
C GLY A 1199 11.01 -31.40 -16.61
N GLY A 1200 10.49 -32.34 -15.82
CA GLY A 1200 11.05 -33.69 -15.72
C GLY A 1200 12.52 -33.72 -15.39
N TYR A 1201 12.99 -32.76 -14.60
CA TYR A 1201 14.41 -32.71 -14.32
C TYR A 1201 14.81 -32.28 -12.91
N ALA A 1202 14.54 -33.15 -11.93
CA ALA A 1202 14.87 -32.88 -10.52
C ALA A 1202 14.29 -31.53 -10.07
N HIS A 1203 15.15 -30.54 -9.81
CA HIS A 1203 14.70 -29.22 -9.37
C HIS A 1203 13.91 -28.51 -10.48
N LEU A 1204 14.12 -28.89 -11.74
CA LEU A 1204 13.35 -28.26 -12.78
C LEU A 1204 12.27 -29.27 -13.18
N ALA A 1205 11.24 -29.37 -12.34
CA ALA A 1205 10.09 -30.25 -12.58
C ALA A 1205 8.90 -29.44 -12.07
N TYR A 1206 7.72 -29.72 -12.58
CA TYR A 1206 6.56 -28.93 -12.22
C TYR A 1206 6.00 -28.95 -10.81
N GLY A 1207 5.32 -27.84 -10.49
CA GLY A 1207 4.64 -27.67 -9.23
C GLY A 1207 3.73 -26.47 -9.42
N PHE A 1208 2.52 -26.53 -8.86
CA PHE A 1208 1.58 -25.40 -8.93
C PHE A 1208 2.31 -24.22 -8.29
N ASN A 1209 2.54 -23.18 -9.08
CA ASN A 1209 3.24 -21.97 -8.61
C ASN A 1209 4.73 -22.16 -8.32
N TYR A 1210 5.26 -23.35 -8.56
CA TYR A 1210 6.67 -23.64 -8.32
C TYR A 1210 7.56 -23.37 -9.55
N TYR A 1211 7.04 -23.64 -10.75
CA TYR A 1211 7.76 -23.37 -11.99
C TYR A 1211 6.77 -23.05 -13.08
N GLY A 1212 7.25 -22.56 -14.22
CA GLY A 1212 6.36 -22.21 -15.31
C GLY A 1212 6.75 -20.85 -15.88
N THR A 1213 6.17 -20.51 -17.01
CA THR A 1213 6.51 -19.24 -17.65
C THR A 1213 6.05 -18.05 -16.78
N VAL A 1214 6.73 -16.92 -16.88
CA VAL A 1214 6.41 -15.76 -16.05
C VAL A 1214 5.96 -14.53 -16.81
N GLY A 1215 5.13 -13.71 -16.17
CA GLY A 1215 4.62 -12.53 -16.82
C GLY A 1215 5.52 -11.32 -16.68
N SER A 1216 6.78 -11.46 -17.11
CA SER A 1216 7.74 -10.36 -17.03
C SER A 1216 7.20 -9.19 -17.87
N ASN A 1217 7.63 -7.96 -17.55
CA ASN A 1217 7.07 -6.80 -18.26
C ASN A 1217 7.94 -5.51 -18.29
N ARG A 1218 9.02 -5.44 -17.54
CA ARG A 1218 9.78 -4.20 -17.48
C ARG A 1218 10.59 -3.82 -18.74
N ASP A 1219 10.84 -4.78 -19.64
CA ASP A 1219 11.61 -4.48 -20.87
C ASP A 1219 10.81 -3.63 -21.87
N GLU A 1220 9.51 -3.48 -21.60
CA GLU A 1220 8.64 -2.76 -22.51
C GLU A 1220 8.95 -1.29 -22.78
N PHE A 1221 8.77 -0.88 -24.04
CA PHE A 1221 8.95 0.53 -24.42
C PHE A 1221 7.61 1.04 -24.96
N VAL A 1222 7.38 2.34 -24.82
CA VAL A 1222 6.13 2.90 -25.24
C VAL A 1222 6.39 4.25 -25.86
N VAL A 1223 5.41 4.73 -26.60
CA VAL A 1223 5.50 6.05 -27.19
C VAL A 1223 4.72 6.93 -26.20
N VAL A 1224 5.24 8.12 -25.90
CA VAL A 1224 4.55 9.04 -25.01
C VAL A 1224 4.35 10.37 -25.72
N ARG A 1225 3.22 11.00 -25.43
CA ARG A 1225 2.92 12.30 -26.01
C ARG A 1225 1.85 13.01 -25.22
N LYS A 1226 1.85 14.33 -25.31
CA LYS A 1226 0.81 15.12 -24.69
C LYS A 1226 -0.52 14.97 -25.46
N MET A 1227 -1.65 14.87 -24.76
CA MET A 1227 -2.90 14.73 -25.49
C MET A 1227 -3.39 16.10 -25.98
N LYS A 1228 -4.23 16.08 -27.01
CA LYS A 1228 -4.78 17.30 -27.55
C LYS A 1228 -6.27 17.39 -27.14
N ASN A 1229 -7.09 16.52 -27.74
CA ASN A 1229 -8.52 16.48 -27.45
C ASN A 1229 -8.77 15.60 -26.25
N ILE A 1230 -9.52 16.12 -25.28
CA ILE A 1230 -9.86 15.34 -24.09
C ILE A 1230 -11.37 15.16 -24.12
N ASP A 1231 -11.77 14.08 -24.77
CA ASP A 1231 -13.18 13.73 -24.95
C ASP A 1231 -13.52 12.61 -23.98
N TRP A 1232 -14.57 12.80 -23.21
CA TRP A 1232 -14.93 11.80 -22.23
C TRP A 1232 -15.89 10.71 -22.72
N LEU A 1233 -16.44 10.88 -23.93
CA LEU A 1233 -17.29 9.85 -24.51
C LEU A 1233 -18.51 9.47 -23.67
N ASP A 1234 -19.07 10.43 -22.95
CA ASP A 1234 -20.19 10.13 -22.08
C ASP A 1234 -21.44 10.92 -22.35
N GLY A 1235 -21.43 11.75 -23.38
CA GLY A 1235 -22.61 12.54 -23.70
C GLY A 1235 -22.85 13.73 -22.79
N GLU A 1236 -21.91 14.01 -21.88
CA GLU A 1236 -22.09 15.14 -20.98
C GLU A 1236 -21.78 16.49 -21.62
N GLY A 1237 -21.08 16.47 -22.76
CA GLY A 1237 -20.73 17.72 -23.41
C GLY A 1237 -19.76 18.52 -22.56
N ASN A 1238 -18.90 17.80 -21.86
CA ASN A 1238 -17.94 18.44 -20.98
C ASN A 1238 -16.54 17.94 -21.31
N ASP A 1239 -16.09 18.28 -22.51
CA ASP A 1239 -14.80 17.86 -23.01
C ASP A 1239 -13.86 19.05 -23.07
N GLN A 1240 -12.56 18.79 -23.10
CA GLN A 1240 -11.59 19.85 -23.15
C GLN A 1240 -10.63 19.68 -24.30
N VAL A 1241 -9.87 20.73 -24.57
CA VAL A 1241 -8.82 20.68 -25.59
C VAL A 1241 -7.55 21.23 -24.93
N GLN A 1242 -6.45 20.47 -24.92
CA GLN A 1242 -5.21 21.00 -24.35
C GLN A 1242 -4.53 21.71 -25.51
N GLU A 1243 -4.09 22.94 -25.25
CA GLU A 1243 -3.47 23.71 -26.30
C GLU A 1243 -2.00 23.41 -26.48
N SER A 1244 -1.55 23.32 -27.73
CA SER A 1244 -0.14 23.06 -28.06
C SER A 1244 0.44 21.83 -27.36
N MET B 1 6.74 31.24 39.50
CA MET B 1 6.85 29.77 39.32
C MET B 1 5.47 29.12 39.48
N LYS B 2 4.96 28.56 38.37
CA LYS B 2 3.67 27.88 38.36
C LYS B 2 3.86 26.70 37.46
N ILE B 3 3.94 25.53 38.04
CA ILE B 3 4.18 24.36 37.25
C ILE B 3 2.91 23.76 36.63
N ARG B 4 2.98 23.43 35.35
CA ARG B 4 1.85 22.77 34.70
C ARG B 4 2.46 21.59 33.92
N SER B 5 1.63 20.66 33.50
CA SER B 5 2.12 19.50 32.78
C SER B 5 1.39 19.34 31.46
N GLN B 6 2.06 18.65 30.55
CA GLN B 6 1.52 18.41 29.23
C GLN B 6 2.15 17.17 28.63
N VAL B 7 1.38 16.44 27.84
CA VAL B 7 1.94 15.30 27.18
C VAL B 7 2.50 15.85 25.85
N GLY B 8 3.82 15.93 25.74
CA GLY B 8 4.44 16.40 24.53
C GLY B 8 4.66 15.24 23.57
N MET B 9 5.04 15.53 22.33
CA MET B 9 5.29 14.50 21.35
C MET B 9 6.63 14.75 20.63
N VAL B 10 7.35 13.67 20.34
CA VAL B 10 8.56 13.78 19.55
C VAL B 10 8.38 12.84 18.34
N LEU B 11 8.69 13.36 17.15
CA LEU B 11 8.60 12.54 15.94
C LEU B 11 10.04 12.32 15.44
N ASN B 12 10.45 11.07 15.29
CA ASN B 12 11.79 10.80 14.79
C ASN B 12 11.77 10.75 13.23
N LEU B 13 12.09 11.88 12.60
CA LEU B 13 12.07 11.98 11.14
C LEU B 13 13.03 11.03 10.49
N ASP B 14 14.05 10.60 11.23
CA ASP B 14 15.00 9.65 10.67
C ASP B 14 14.32 8.31 10.40
N LYS B 15 13.27 7.97 11.14
CA LYS B 15 12.58 6.69 10.90
C LYS B 15 11.31 6.83 10.07
N CYS B 16 10.92 8.06 9.73
CA CYS B 16 9.67 8.24 8.99
C CYS B 16 9.78 7.69 7.58
N ILE B 17 8.82 6.88 7.20
CA ILE B 17 8.82 6.26 5.88
C ILE B 17 7.78 6.90 4.96
N GLY B 18 7.27 8.09 5.35
CA GLY B 18 6.29 8.85 4.59
C GLY B 18 5.06 8.11 4.08
N CYS B 19 4.52 7.21 4.91
CA CYS B 19 3.38 6.42 4.47
C CYS B 19 1.99 7.05 4.66
N HIS B 20 1.87 8.09 5.49
CA HIS B 20 0.56 8.74 5.69
C HIS B 20 -0.47 7.91 6.48
N THR B 21 -0.09 6.76 7.04
CA THR B 21 -1.09 6.01 7.79
C THR B 21 -1.72 6.88 8.90
N CYS B 22 -0.88 7.64 9.60
CA CYS B 22 -1.26 8.60 10.65
C CYS B 22 -2.34 9.55 10.13
N SER B 23 -2.23 9.98 8.88
CA SER B 23 -3.20 10.87 8.29
C SER B 23 -4.56 10.20 8.02
N VAL B 24 -4.52 8.97 7.55
CA VAL B 24 -5.76 8.25 7.23
C VAL B 24 -6.53 7.90 8.49
N THR B 25 -5.84 7.43 9.51
CA THR B 25 -6.58 7.08 10.71
C THR B 25 -7.22 8.32 11.37
N CYS B 26 -6.47 9.41 11.46
CA CYS B 26 -7.03 10.66 12.01
C CYS B 26 -8.28 11.09 11.22
N LYS B 27 -8.16 11.11 9.89
CA LYS B 27 -9.28 11.48 9.02
C LYS B 27 -10.54 10.62 9.26
N ASN B 28 -10.38 9.30 9.32
CA ASN B 28 -11.51 8.39 9.52
C ASN B 28 -12.20 8.67 10.84
N VAL B 29 -11.41 8.92 11.86
CA VAL B 29 -12.04 9.17 13.13
C VAL B 29 -12.64 10.57 13.28
N TRP B 30 -11.84 11.59 13.01
CA TRP B 30 -12.24 12.96 13.31
C TRP B 30 -12.75 13.92 12.26
N THR B 31 -12.38 13.74 10.99
CA THR B 31 -12.74 14.74 10.00
C THR B 31 -13.37 14.23 8.72
N SER B 32 -14.22 13.21 8.82
CA SER B 32 -14.84 12.66 7.62
C SER B 32 -16.21 13.33 7.35
N ARG B 33 -16.51 14.35 8.12
CA ARG B 33 -17.77 15.08 7.95
C ARG B 33 -17.68 16.11 6.84
N GLU B 34 -18.83 16.40 6.21
CA GLU B 34 -18.92 17.46 5.21
C GLU B 34 -18.60 18.74 6.00
N GLY B 35 -17.75 19.60 5.44
CA GLY B 35 -17.38 20.82 6.12
C GLY B 35 -15.91 20.78 6.49
N VAL B 36 -15.42 19.57 6.82
CA VAL B 36 -14.01 19.39 7.15
C VAL B 36 -13.41 18.24 6.34
N GLU B 37 -14.08 17.80 5.26
CA GLU B 37 -13.54 16.72 4.44
C GLU B 37 -12.18 17.14 3.89
N TYR B 38 -12.00 18.44 3.66
CA TYR B 38 -10.70 18.93 3.10
C TYR B 38 -9.63 19.13 4.19
N ALA B 39 -10.03 19.03 5.46
CA ALA B 39 -9.10 19.29 6.59
C ALA B 39 -8.35 18.06 7.07
N TRP B 40 -7.02 18.13 7.08
CA TRP B 40 -6.23 16.99 7.53
C TRP B 40 -5.48 17.39 8.82
N PHE B 41 -6.07 17.11 10.00
CA PHE B 41 -5.47 17.48 11.28
C PHE B 41 -4.02 17.03 11.34
N ASN B 42 -3.77 15.79 10.89
CA ASN B 42 -2.41 15.27 10.77
C ASN B 42 -2.21 15.22 9.25
N ASN B 43 -1.13 15.78 8.73
CA ASN B 43 -0.87 15.66 7.29
C ASN B 43 0.63 15.49 7.17
N VAL B 44 1.04 14.83 6.10
CA VAL B 44 2.45 14.57 5.87
C VAL B 44 2.84 15.23 4.55
N GLU B 45 3.93 15.96 4.60
CA GLU B 45 4.43 16.68 3.43
C GLU B 45 5.79 16.18 3.03
N THR B 46 6.02 16.05 1.73
CA THR B 46 7.35 15.68 1.27
C THR B 46 8.12 17.01 1.06
N LYS B 47 9.36 17.05 1.54
CA LYS B 47 10.20 18.25 1.38
C LYS B 47 11.33 17.87 0.45
N PRO B 48 11.79 18.82 -0.40
CA PRO B 48 11.32 20.21 -0.56
C PRO B 48 9.91 20.28 -1.10
N GLY B 49 9.19 21.31 -0.69
CA GLY B 49 7.83 21.49 -1.12
C GLY B 49 7.21 22.67 -0.39
N GLN B 50 6.04 23.11 -0.84
CA GLN B 50 5.37 24.25 -0.23
C GLN B 50 4.31 23.81 0.77
N GLY B 51 3.90 22.55 0.68
CA GLY B 51 3.00 22.03 1.68
C GLY B 51 1.52 22.33 1.59
N PHE B 52 0.86 22.14 2.73
CA PHE B 52 -0.60 22.24 2.83
C PHE B 52 -1.00 23.04 4.07
N PRO B 53 -1.65 24.22 3.92
CA PRO B 53 -2.01 24.87 2.66
C PRO B 53 -0.69 25.32 2.00
N THR B 54 -0.74 25.64 0.72
CA THR B 54 0.44 26.02 -0.03
C THR B 54 1.22 27.19 0.55
N ASP B 55 2.50 26.95 0.84
CA ASP B 55 3.44 27.96 1.35
C ASP B 55 3.07 28.41 2.76
N TRP B 56 2.54 27.49 3.56
CA TRP B 56 2.12 27.84 4.92
C TRP B 56 3.25 28.42 5.77
N GLU B 57 4.50 28.05 5.48
CA GLU B 57 5.64 28.56 6.25
C GLU B 57 5.99 30.03 5.93
N ASN B 58 5.39 30.55 4.86
CA ASN B 58 5.65 31.94 4.45
C ASN B 58 4.81 32.89 5.31
N GLN B 59 5.36 33.36 6.43
CA GLN B 59 4.59 34.22 7.29
C GLN B 59 4.43 35.66 6.76
N GLU B 60 5.28 36.07 5.81
CA GLU B 60 5.11 37.40 5.24
C GLU B 60 3.78 37.43 4.47
N LYS B 61 3.44 36.29 3.88
CA LYS B 61 2.20 36.16 3.12
C LYS B 61 0.99 35.82 4.01
N TYR B 62 1.14 34.84 4.89
CA TYR B 62 0.05 34.39 5.73
C TYR B 62 -0.14 35.11 7.07
N LYS B 63 0.90 35.78 7.54
CA LYS B 63 0.84 36.55 8.79
C LYS B 63 0.59 35.78 10.06
N GLY B 64 1.16 34.59 10.15
CA GLY B 64 0.98 33.81 11.34
C GLY B 64 2.03 34.04 12.39
N GLY B 65 1.73 33.59 13.60
CA GLY B 65 2.69 33.70 14.67
C GLY B 65 2.80 35.04 15.35
N TRP B 66 3.89 35.19 16.09
CA TRP B 66 4.17 36.39 16.85
C TRP B 66 5.36 37.18 16.33
N ILE B 67 5.36 38.47 16.65
CA ILE B 67 6.52 39.30 16.37
C ILE B 67 6.91 39.89 17.73
N ARG B 68 8.18 40.23 17.86
CA ARG B 68 8.66 40.87 19.08
C ARG B 68 8.89 42.33 18.65
N LYS B 69 8.13 43.25 19.23
CA LYS B 69 8.25 44.67 18.90
C LYS B 69 9.56 45.25 19.43
N ILE B 70 9.89 46.46 18.98
CA ILE B 70 11.10 47.14 19.41
C ILE B 70 11.13 47.35 20.92
N ASN B 71 9.96 47.59 21.51
CA ASN B 71 9.92 47.78 22.96
C ASN B 71 10.03 46.44 23.69
N GLY B 72 10.23 45.34 22.96
CA GLY B 72 10.36 44.04 23.61
C GLY B 72 9.07 43.24 23.89
N LYS B 73 7.92 43.84 23.63
CA LYS B 73 6.64 43.20 23.87
C LYS B 73 6.24 42.33 22.69
N LEU B 74 5.48 41.26 22.96
CA LEU B 74 5.01 40.34 21.93
C LEU B 74 3.69 40.86 21.35
N GLN B 75 3.49 40.65 20.06
CA GLN B 75 2.25 41.03 19.39
C GLN B 75 2.01 40.02 18.26
N PRO B 76 0.76 39.59 18.06
CA PRO B 76 0.58 38.64 16.95
C PRO B 76 1.01 39.33 15.67
N ARG B 77 1.62 38.60 14.74
CA ARG B 77 2.02 39.20 13.49
C ARG B 77 0.80 39.79 12.75
N MET B 78 -0.38 39.19 12.92
CA MET B 78 -1.62 39.67 12.26
C MET B 78 -2.06 41.03 12.77
N GLY B 79 -1.55 41.44 13.92
CA GLY B 79 -1.87 42.75 14.46
C GLY B 79 -2.21 42.73 15.92
N ASN B 80 -2.13 43.88 16.58
CA ASN B 80 -2.50 43.96 17.99
C ASN B 80 -4.04 43.83 18.09
N ARG B 81 -4.61 43.97 19.27
CA ARG B 81 -6.05 43.75 19.41
C ARG B 81 -6.97 44.58 18.51
N ALA B 82 -6.72 45.89 18.45
CA ALA B 82 -7.51 46.78 17.62
C ALA B 82 -7.27 46.52 16.15
N MET B 83 -6.01 46.31 15.75
CA MET B 83 -5.71 46.02 14.36
C MET B 83 -6.46 44.76 13.91
N LEU B 84 -6.48 43.74 14.77
CA LEU B 84 -7.17 42.49 14.46
C LEU B 84 -8.68 42.69 14.28
N LEU B 85 -9.31 43.40 15.22
CA LEU B 85 -10.75 43.66 15.16
C LEU B 85 -11.06 44.43 13.88
N GLY B 86 -10.16 45.34 13.51
CA GLY B 86 -10.37 46.11 12.28
C GLY B 86 -10.36 45.25 11.03
N LYS B 87 -9.92 44.00 11.12
CA LYS B 87 -9.88 43.15 9.94
C LYS B 87 -11.03 42.12 9.96
N ILE B 88 -11.87 42.21 10.98
CA ILE B 88 -12.91 41.19 11.15
C ILE B 88 -13.99 41.06 10.09
N PHE B 89 -14.27 42.11 9.31
CA PHE B 89 -15.35 41.93 8.34
C PHE B 89 -14.93 41.10 7.13
N ALA B 90 -13.61 41.04 6.91
CA ALA B 90 -13.02 40.26 5.83
C ALA B 90 -11.54 40.09 6.17
N ASN B 91 -11.16 38.91 6.70
CA ASN B 91 -9.78 38.66 7.09
C ASN B 91 -8.95 38.76 5.78
N PRO B 92 -8.16 39.84 5.64
CA PRO B 92 -7.38 40.02 4.42
C PRO B 92 -6.26 39.02 4.12
N HIS B 93 -5.91 38.21 5.11
CA HIS B 93 -4.83 37.23 4.96
C HIS B 93 -5.35 35.79 4.87
N LEU B 94 -6.65 35.63 4.95
CA LEU B 94 -7.23 34.30 4.99
C LEU B 94 -6.91 33.34 3.87
N PRO B 95 -6.54 32.08 4.22
CA PRO B 95 -6.24 31.08 3.20
C PRO B 95 -7.59 30.72 2.54
N GLY B 96 -7.60 30.64 1.21
CA GLY B 96 -8.80 30.27 0.47
C GLY B 96 -8.84 28.76 0.28
N ILE B 97 -9.99 28.22 -0.08
CA ILE B 97 -10.10 26.79 -0.24
C ILE B 97 -9.08 26.29 -1.28
N ASP B 98 -8.81 27.08 -2.31
CA ASP B 98 -7.85 26.64 -3.31
C ASP B 98 -6.42 26.60 -2.78
N ASP B 99 -6.15 27.24 -1.64
CA ASP B 99 -4.81 27.16 -1.06
C ASP B 99 -4.64 25.77 -0.42
N TYR B 100 -5.76 25.10 -0.12
CA TYR B 100 -5.72 23.72 0.41
C TYR B 100 -5.89 22.88 -0.88
N TYR B 101 -7.15 22.65 -1.26
CA TYR B 101 -7.50 21.97 -2.52
C TYR B 101 -9.01 21.92 -2.54
N GLU B 102 -9.60 21.77 -3.71
CA GLU B 102 -11.04 21.67 -3.80
C GLU B 102 -11.35 20.18 -3.57
N PRO B 103 -12.01 19.83 -2.44
CA PRO B 103 -12.32 18.42 -2.17
C PRO B 103 -13.24 17.85 -3.24
N PHE B 104 -12.95 16.59 -3.60
CA PHE B 104 -13.66 15.90 -4.66
C PHE B 104 -14.07 14.47 -4.30
N ASP B 105 -14.98 13.92 -5.10
CA ASP B 105 -15.47 12.56 -4.95
C ASP B 105 -15.64 12.13 -6.42
N PHE B 106 -16.09 10.88 -6.66
CA PHE B 106 -16.23 10.43 -8.03
C PHE B 106 -17.60 9.82 -8.18
N ASP B 107 -18.10 9.81 -9.41
CA ASP B 107 -19.42 9.27 -9.66
C ASP B 107 -19.34 7.76 -9.90
N TYR B 108 -19.00 7.02 -8.83
CA TYR B 108 -18.89 5.57 -8.91
C TYR B 108 -20.20 4.94 -9.38
N GLN B 109 -21.34 5.52 -9.02
CA GLN B 109 -22.62 4.92 -9.42
C GLN B 109 -22.80 4.82 -10.94
N ASN B 110 -22.13 5.68 -11.70
CA ASN B 110 -22.24 5.62 -13.14
C ASN B 110 -21.73 4.23 -13.62
N LEU B 111 -20.75 3.65 -12.91
CA LEU B 111 -20.24 2.31 -13.24
C LEU B 111 -21.33 1.27 -13.06
N HIS B 112 -22.20 1.49 -12.07
CA HIS B 112 -23.28 0.56 -11.79
C HIS B 112 -24.51 0.76 -12.66
N THR B 113 -24.87 2.01 -12.88
CA THR B 113 -26.11 2.29 -13.58
C THR B 113 -26.02 2.64 -15.06
N ALA B 114 -24.82 2.67 -15.62
CA ALA B 114 -24.67 3.01 -17.05
C ALA B 114 -25.67 2.17 -17.83
N PRO B 115 -26.38 2.78 -18.79
CA PRO B 115 -27.37 2.06 -19.60
C PRO B 115 -26.86 1.09 -20.63
N GLU B 116 -27.72 0.14 -20.96
CA GLU B 116 -27.41 -0.84 -21.98
C GLU B 116 -27.14 -0.06 -23.28
N GLY B 117 -26.23 -0.58 -24.10
CA GLY B 117 -25.94 0.08 -25.35
C GLY B 117 -25.08 1.33 -25.25
N SER B 118 -24.27 1.44 -24.18
CA SER B 118 -23.39 2.61 -24.07
C SER B 118 -22.39 2.50 -25.22
N LYS B 119 -22.03 3.62 -25.83
CA LYS B 119 -21.07 3.58 -26.92
C LYS B 119 -19.62 3.40 -26.44
N SER B 120 -19.37 3.68 -25.16
CA SER B 120 -18.04 3.51 -24.64
C SER B 120 -18.09 2.92 -23.24
N GLN B 121 -16.96 2.45 -22.75
CA GLN B 121 -16.94 1.88 -21.42
C GLN B 121 -17.28 2.99 -20.41
N PRO B 122 -18.22 2.72 -19.48
CA PRO B 122 -18.53 3.81 -18.53
C PRO B 122 -17.37 4.07 -17.58
N ILE B 123 -17.35 5.27 -17.01
CA ILE B 123 -16.25 5.66 -16.12
C ILE B 123 -16.77 6.56 -14.98
N ALA B 124 -16.00 6.67 -13.90
CA ALA B 124 -16.41 7.50 -12.77
C ALA B 124 -15.63 8.80 -12.84
N ARG B 125 -16.29 9.91 -13.16
CA ARG B 125 -15.60 11.21 -13.25
C ARG B 125 -15.71 11.95 -11.92
N PRO B 126 -14.79 12.91 -11.70
CA PRO B 126 -14.79 13.69 -10.46
C PRO B 126 -15.88 14.73 -10.39
N ARG B 127 -16.26 15.02 -9.16
CA ARG B 127 -17.31 15.99 -8.82
C ARG B 127 -16.82 16.70 -7.56
N SER B 128 -17.11 18.00 -7.47
CA SER B 128 -16.71 18.78 -6.32
C SER B 128 -17.62 18.53 -5.11
N LEU B 129 -17.00 18.43 -3.93
CA LEU B 129 -17.75 18.24 -2.69
C LEU B 129 -18.20 19.60 -2.16
N ILE B 130 -17.78 20.68 -2.82
CA ILE B 130 -18.20 22.04 -2.43
C ILE B 130 -19.43 22.45 -3.26
N THR B 131 -19.42 22.16 -4.56
CA THR B 131 -20.53 22.57 -5.41
C THR B 131 -21.41 21.45 -5.94
N GLY B 132 -20.93 20.21 -5.92
CA GLY B 132 -21.72 19.12 -6.45
C GLY B 132 -21.61 19.03 -7.98
N GLU B 133 -20.81 19.91 -8.58
CA GLU B 133 -20.66 19.92 -10.04
C GLU B 133 -19.55 19.03 -10.56
N ARG B 134 -19.64 18.69 -11.84
CA ARG B 134 -18.60 17.92 -12.49
C ARG B 134 -17.33 18.79 -12.47
N MET B 135 -16.19 18.17 -12.24
CA MET B 135 -14.90 18.86 -12.30
C MET B 135 -14.27 18.34 -13.60
N ALA B 136 -13.78 19.23 -14.45
CA ALA B 136 -13.17 18.79 -15.70
C ALA B 136 -11.87 18.08 -15.39
N LYS B 137 -11.21 18.51 -14.33
CA LYS B 137 -9.92 17.94 -13.98
C LYS B 137 -9.62 18.18 -12.51
N ILE B 138 -8.86 17.27 -11.91
CA ILE B 138 -8.46 17.49 -10.51
C ILE B 138 -7.11 18.16 -10.67
N GLU B 139 -6.94 19.33 -10.06
CA GLU B 139 -5.69 20.05 -10.22
C GLU B 139 -4.87 20.19 -8.97
N LYS B 140 -5.41 19.74 -7.86
CA LYS B 140 -4.68 19.87 -6.60
C LYS B 140 -5.24 18.89 -5.58
N GLY B 141 -4.43 18.59 -4.57
CA GLY B 141 -4.85 17.65 -3.54
C GLY B 141 -4.01 17.99 -2.32
N PRO B 142 -4.33 17.44 -1.14
CA PRO B 142 -3.55 17.76 0.07
C PRO B 142 -2.11 17.23 0.09
N ASN B 143 -1.79 16.26 -0.77
CA ASN B 143 -0.44 15.67 -0.78
C ASN B 143 0.06 15.67 -2.23
N TRP B 144 -0.26 16.74 -2.95
CA TRP B 144 0.07 16.86 -4.37
C TRP B 144 1.55 16.72 -4.75
N GLU B 145 2.42 17.20 -3.85
CA GLU B 145 3.86 17.19 -4.04
C GLU B 145 4.54 15.93 -3.51
N ASP B 146 3.75 14.93 -3.13
CA ASP B 146 4.33 13.70 -2.57
C ASP B 146 5.49 13.18 -3.40
N ASP B 147 6.58 12.82 -2.70
CA ASP B 147 7.77 12.26 -3.36
C ASP B 147 8.29 13.10 -4.57
N LEU B 148 8.48 14.40 -4.34
CA LEU B 148 9.01 15.30 -5.37
C LEU B 148 8.14 15.28 -6.63
N GLY B 149 6.83 15.32 -6.43
CA GLY B 149 5.88 15.36 -7.53
C GLY B 149 5.77 16.82 -7.93
N GLY B 150 6.42 17.17 -9.04
CA GLY B 150 6.43 18.54 -9.51
C GLY B 150 7.85 18.98 -9.91
N GLU B 151 7.98 20.01 -10.76
CA GLU B 151 9.30 20.48 -11.19
C GLU B 151 10.07 21.05 -10.01
N PHE B 152 11.37 20.78 -9.96
CA PHE B 152 12.21 21.28 -8.87
C PHE B 152 12.03 22.80 -8.67
N ASP B 153 11.97 23.57 -9.76
CA ASP B 153 11.84 25.01 -9.62
C ASP B 153 10.58 25.39 -8.85
N LYS B 154 9.56 24.54 -8.90
CA LYS B 154 8.33 24.80 -8.20
C LYS B 154 8.44 24.33 -6.74
N LEU B 155 8.98 23.13 -6.53
CA LEU B 155 9.11 22.61 -5.16
C LEU B 155 10.08 23.47 -4.34
N ALA B 156 11.18 23.88 -4.99
CA ALA B 156 12.22 24.68 -4.34
C ALA B 156 11.79 26.08 -3.92
N LYS B 157 10.55 26.46 -4.20
CA LYS B 157 10.05 27.74 -3.72
C LYS B 157 9.90 27.58 -2.18
N ASP B 158 10.03 26.35 -1.73
CA ASP B 158 9.98 25.95 -0.30
C ASP B 158 10.70 27.04 0.52
N LYS B 159 10.01 27.59 1.51
CA LYS B 159 10.59 28.64 2.36
C LYS B 159 11.91 28.24 3.02
N ASN B 160 12.06 26.96 3.30
CA ASN B 160 13.26 26.51 3.95
C ASN B 160 14.52 26.53 3.10
N PHE B 161 14.38 26.82 1.81
CA PHE B 161 15.56 26.94 0.96
C PHE B 161 16.17 28.35 1.05
N ASP B 162 15.57 29.19 1.90
CA ASP B 162 16.05 30.57 2.12
C ASP B 162 17.52 30.58 2.51
N ASN B 163 18.27 31.47 1.89
CA ASN B 163 19.69 31.58 2.18
C ASN B 163 20.49 30.37 1.74
N ILE B 164 19.94 29.54 0.86
CA ILE B 164 20.69 28.39 0.39
C ILE B 164 20.90 28.48 -1.13
N GLN B 165 22.11 28.22 -1.59
CA GLN B 165 22.36 28.24 -3.04
C GLN B 165 21.80 26.87 -3.42
N LYS B 166 20.61 26.91 -4.00
CA LYS B 166 19.90 25.68 -4.29
C LYS B 166 20.01 25.00 -5.64
N ALA B 167 20.73 25.60 -6.59
CA ALA B 167 20.86 25.05 -7.93
C ALA B 167 21.46 23.65 -7.99
N MET B 168 22.47 23.41 -7.18
CA MET B 168 23.10 22.10 -7.21
C MET B 168 22.09 20.99 -6.90
N TYR B 169 21.04 21.31 -6.15
CA TYR B 169 20.06 20.29 -5.80
C TYR B 169 19.11 19.93 -6.93
N SER B 170 19.18 20.69 -8.03
CA SER B 170 18.33 20.35 -9.16
C SER B 170 19.02 19.29 -10.04
N GLN B 171 20.24 18.91 -9.66
CA GLN B 171 20.95 17.89 -10.44
C GLN B 171 20.57 16.50 -9.97
N PHE B 172 20.29 15.61 -10.90
CA PHE B 172 19.84 14.25 -10.56
C PHE B 172 20.66 13.55 -9.47
N GLU B 173 21.99 13.62 -9.57
CA GLU B 173 22.83 12.93 -8.60
C GLU B 173 22.76 13.56 -7.19
N ASN B 174 22.28 14.79 -7.09
CA ASN B 174 22.21 15.45 -5.75
C ASN B 174 20.81 15.47 -5.18
N THR B 175 19.91 14.72 -5.81
CA THR B 175 18.52 14.66 -5.36
C THR B 175 18.36 14.24 -3.88
N PHE B 176 17.44 14.88 -3.17
CA PHE B 176 17.13 14.41 -1.83
C PHE B 176 15.65 14.70 -1.55
N MET B 177 15.07 13.93 -0.64
CA MET B 177 13.71 14.21 -0.23
C MET B 177 13.58 13.64 1.16
N MET B 178 12.66 14.22 1.92
CA MET B 178 12.41 13.75 3.28
C MET B 178 10.93 13.98 3.55
N TYR B 179 10.46 13.50 4.71
CA TYR B 179 9.05 13.64 5.05
C TYR B 179 8.83 14.46 6.31
N LEU B 180 7.78 15.28 6.30
CA LEU B 180 7.48 16.10 7.44
C LEU B 180 6.00 15.91 7.86
N PRO B 181 5.75 14.94 8.74
CA PRO B 181 4.38 14.72 9.19
C PRO B 181 4.13 15.81 10.22
N ARG B 182 2.93 16.37 10.25
CA ARG B 182 2.68 17.39 11.26
C ARG B 182 1.23 17.47 11.68
N LEU B 183 1.04 17.96 12.89
CA LEU B 183 -0.27 18.08 13.48
C LEU B 183 -0.22 19.40 14.25
N CYS B 184 -1.17 19.65 15.15
CA CYS B 184 -1.11 20.88 15.94
C CYS B 184 0.05 20.73 16.96
N GLU B 185 0.75 21.83 17.26
CA GLU B 185 1.88 21.77 18.19
C GLU B 185 1.48 21.94 19.66
N HIS B 186 0.20 22.22 19.92
CA HIS B 186 -0.34 22.43 21.28
C HIS B 186 0.65 23.26 22.11
N CYS B 187 0.99 24.42 21.55
CA CYS B 187 1.97 25.37 22.06
C CYS B 187 1.77 25.90 23.49
N LEU B 188 2.86 26.35 24.10
CA LEU B 188 2.78 26.96 25.43
C LEU B 188 2.36 28.42 25.26
N ASN B 189 2.69 29.02 24.12
CA ASN B 189 2.32 30.43 23.83
C ASN B 189 1.57 30.45 22.47
N PRO B 190 0.47 29.68 22.36
CA PRO B 190 -0.28 29.62 21.11
C PRO B 190 -0.72 30.97 20.52
N ALA B 191 -0.45 31.16 19.24
CA ALA B 191 -0.85 32.38 18.57
C ALA B 191 -2.37 32.32 18.29
N CYS B 192 -2.94 31.12 18.13
CA CYS B 192 -4.38 31.00 17.86
C CYS B 192 -5.21 31.54 19.02
N VAL B 193 -4.86 31.10 20.22
CA VAL B 193 -5.57 31.53 21.42
C VAL B 193 -5.57 33.05 21.51
N ALA B 194 -4.42 33.66 21.22
CA ALA B 194 -4.25 35.10 21.30
C ALA B 194 -4.96 35.85 20.23
N THR B 195 -5.23 35.20 19.11
CA THR B 195 -5.87 35.88 18.00
C THR B 195 -7.38 35.63 17.82
N CYS B 196 -8.01 34.90 18.74
CA CYS B 196 -9.45 34.65 18.66
C CYS B 196 -10.20 35.75 19.45
N PRO B 197 -10.94 36.62 18.75
CA PRO B 197 -11.67 37.70 19.45
C PRO B 197 -12.72 37.25 20.47
N SER B 198 -13.28 36.05 20.28
CA SER B 198 -14.30 35.58 21.21
C SER B 198 -13.74 34.83 22.41
N GLY B 199 -12.44 34.50 22.37
CA GLY B 199 -11.86 33.80 23.52
C GLY B 199 -12.38 32.37 23.58
N ALA B 200 -12.67 31.81 22.42
CA ALA B 200 -13.19 30.46 22.36
C ALA B 200 -12.09 29.41 22.40
N ILE B 201 -10.84 29.81 22.19
CA ILE B 201 -9.74 28.84 22.17
C ILE B 201 -9.05 28.90 23.53
N TYR B 202 -8.71 27.74 24.08
CA TYR B 202 -8.02 27.69 25.38
C TYR B 202 -7.09 26.50 25.48
N LYS B 203 -6.12 26.61 26.39
CA LYS B 203 -5.19 25.53 26.66
C LYS B 203 -5.73 24.90 27.96
N ARG B 204 -5.85 23.57 27.98
CA ARG B 204 -6.35 22.90 29.19
C ARG B 204 -5.29 22.91 30.28
N GLU B 205 -5.67 23.29 31.48
CA GLU B 205 -4.68 23.38 32.54
C GLU B 205 -4.01 22.07 32.84
N GLU B 206 -4.79 21.00 32.91
CA GLU B 206 -4.23 19.72 33.34
C GLU B 206 -3.37 18.94 32.40
N ASP B 207 -3.52 19.14 31.10
CA ASP B 207 -2.71 18.41 30.17
C ASP B 207 -2.19 19.21 28.99
N GLY B 208 -2.44 20.51 29.00
CA GLY B 208 -1.94 21.39 27.98
C GLY B 208 -2.50 21.27 26.58
N ILE B 209 -3.52 20.44 26.38
CA ILE B 209 -4.10 20.30 25.04
C ILE B 209 -4.86 21.61 24.74
N VAL B 210 -4.70 22.13 23.53
CA VAL B 210 -5.34 23.39 23.12
C VAL B 210 -6.59 23.06 22.31
N LEU B 211 -7.74 23.60 22.71
CA LEU B 211 -9.00 23.30 22.00
C LEU B 211 -9.78 24.53 21.62
N ILE B 212 -10.59 24.36 20.57
CA ILE B 212 -11.49 25.41 20.12
C ILE B 212 -12.87 24.97 20.63
N ASP B 213 -13.41 25.72 21.58
CA ASP B 213 -14.72 25.41 22.18
C ASP B 213 -15.80 25.51 21.08
N GLN B 214 -16.45 24.39 20.74
CA GLN B 214 -17.46 24.40 19.66
C GLN B 214 -18.77 25.11 20.02
N ASP B 215 -18.99 25.36 21.31
CA ASP B 215 -20.16 26.13 21.74
C ASP B 215 -19.84 27.62 21.56
N LYS B 216 -18.74 28.05 22.17
CA LYS B 216 -18.31 29.44 22.21
C LYS B 216 -17.71 30.10 20.96
N CYS B 217 -17.15 29.30 20.06
CA CYS B 217 -16.58 29.83 18.83
C CYS B 217 -17.73 30.52 18.07
N ARG B 218 -17.44 31.69 17.53
CA ARG B 218 -18.45 32.48 16.82
C ARG B 218 -18.12 32.52 15.33
N GLY B 219 -17.07 31.80 14.93
CA GLY B 219 -16.70 31.78 13.52
C GLY B 219 -16.07 33.08 12.97
N TRP B 220 -15.30 33.79 13.80
CA TRP B 220 -14.65 35.03 13.37
C TRP B 220 -13.49 34.73 12.43
N ARG B 221 -13.09 33.47 12.36
CA ARG B 221 -12.02 32.99 11.47
C ARG B 221 -10.73 33.86 11.37
N MET B 222 -10.30 34.38 12.51
CA MET B 222 -9.05 35.16 12.61
C MET B 222 -7.95 34.19 13.09
N CYS B 223 -8.31 33.22 13.92
CA CYS B 223 -7.36 32.24 14.47
C CYS B 223 -6.60 31.47 13.37
N ILE B 224 -7.27 31.20 12.25
CA ILE B 224 -6.66 30.45 11.16
C ILE B 224 -5.40 31.19 10.66
N THR B 225 -5.48 32.52 10.64
CA THR B 225 -4.35 33.33 10.18
C THR B 225 -3.31 33.36 11.28
N GLY B 226 -3.78 33.55 12.51
CA GLY B 226 -2.90 33.59 13.67
C GLY B 226 -1.97 32.38 13.81
N CYS B 227 -2.52 31.19 13.60
CA CYS B 227 -1.71 29.96 13.68
C CYS B 227 -0.65 29.92 12.56
N PRO B 228 0.65 30.03 12.91
CA PRO B 228 1.70 30.00 11.88
C PRO B 228 1.94 28.61 11.27
N TYR B 229 1.39 27.56 11.87
CA TYR B 229 1.55 26.21 11.31
C TYR B 229 0.32 25.88 10.42
N LYS B 230 -0.65 26.80 10.37
CA LYS B 230 -1.89 26.63 9.60
C LYS B 230 -2.56 25.29 9.94
N LYS B 231 -2.65 25.02 11.24
CA LYS B 231 -3.25 23.79 11.72
C LYS B 231 -4.69 23.93 12.23
N ILE B 232 -5.27 25.12 12.06
CA ILE B 232 -6.68 25.30 12.39
C ILE B 232 -7.37 25.36 11.02
N TYR B 233 -8.42 24.55 10.88
CA TYR B 233 -9.16 24.51 9.61
C TYR B 233 -10.60 24.95 9.82
N PHE B 234 -11.04 25.88 8.98
CA PHE B 234 -12.40 26.35 9.03
C PHE B 234 -13.36 25.25 8.59
N ASN B 235 -14.42 25.00 9.36
CA ASN B 235 -15.40 24.00 8.92
C ASN B 235 -16.37 24.87 8.09
N TRP B 236 -16.32 24.77 6.76
CA TRP B 236 -17.13 25.66 5.91
C TRP B 236 -18.63 25.48 6.03
N LYS B 237 -19.05 24.36 6.63
CA LYS B 237 -20.46 24.08 6.81
C LYS B 237 -20.99 24.56 8.16
N SER B 238 -20.34 24.21 9.27
CA SER B 238 -20.80 24.65 10.59
C SER B 238 -20.48 26.15 10.81
N GLY B 239 -19.53 26.67 10.05
CA GLY B 239 -19.12 28.05 10.20
C GLY B 239 -18.20 28.26 11.40
N LYS B 240 -17.70 27.17 11.96
CA LYS B 240 -16.79 27.27 13.11
C LYS B 240 -15.45 26.62 12.75
N SER B 241 -14.38 26.94 13.46
CA SER B 241 -13.09 26.33 13.17
C SER B 241 -12.83 25.09 14.05
N GLU B 242 -12.02 24.16 13.53
CA GLU B 242 -11.66 22.93 14.23
C GLU B 242 -10.19 22.70 14.04
N LYS B 243 -9.63 21.85 14.88
CA LYS B 243 -8.20 21.60 14.82
C LYS B 243 -7.93 20.28 15.54
N CYS B 244 -6.71 19.80 15.38
CA CYS B 244 -6.24 18.60 16.07
C CYS B 244 -6.64 18.77 17.55
N ILE B 245 -7.25 17.75 18.16
CA ILE B 245 -7.66 17.85 19.57
C ILE B 245 -6.72 16.99 20.46
N PHE B 246 -5.58 16.60 19.88
CA PHE B 246 -4.60 15.73 20.52
C PHE B 246 -5.29 14.48 21.06
N CYS B 247 -6.29 13.99 20.33
CA CYS B 247 -7.06 12.84 20.79
C CYS B 247 -7.34 12.88 22.29
N TYR B 248 -7.74 14.03 22.84
CA TYR B 248 -7.97 14.07 24.28
C TYR B 248 -8.88 13.00 24.86
N PRO B 249 -9.89 12.50 24.11
CA PRO B 249 -10.72 11.45 24.74
C PRO B 249 -9.87 10.23 25.10
N ARG B 250 -8.79 9.96 24.36
CA ARG B 250 -7.94 8.79 24.70
C ARG B 250 -6.87 9.17 25.72
N ILE B 251 -6.21 10.30 25.50
CA ILE B 251 -5.16 10.77 26.41
C ILE B 251 -5.69 10.84 27.86
N GLU B 252 -6.95 11.24 28.02
CA GLU B 252 -7.59 11.39 29.34
C GLU B 252 -7.54 10.11 30.20
N ALA B 253 -7.52 8.96 29.55
CA ALA B 253 -7.46 7.72 30.27
C ALA B 253 -6.06 7.10 30.16
N GLY B 254 -5.11 7.83 29.60
CA GLY B 254 -3.74 7.32 29.50
C GLY B 254 -3.39 6.58 28.21
N GLN B 255 -4.20 6.69 27.16
CA GLN B 255 -3.87 6.01 25.90
C GLN B 255 -3.17 6.99 24.97
N PRO B 256 -2.45 6.46 24.00
CA PRO B 256 -1.74 7.31 23.04
C PRO B 256 -2.74 7.94 22.07
N THR B 257 -2.32 8.99 21.36
CA THR B 257 -3.19 9.58 20.36
C THR B 257 -3.35 8.52 19.25
N VAL B 258 -4.38 8.66 18.42
CA VAL B 258 -4.58 7.74 17.31
C VAL B 258 -3.39 7.76 16.35
N CYS B 259 -2.91 8.95 15.99
CA CYS B 259 -1.77 9.00 15.03
C CYS B 259 -0.47 8.44 15.65
N SER B 260 -0.38 8.44 16.97
CA SER B 260 0.80 7.90 17.66
C SER B 260 0.77 6.37 17.67
N GLU B 261 -0.34 5.79 18.10
CA GLU B 261 -0.45 4.36 18.17
C GLU B 261 -0.52 3.71 16.76
N THR B 262 -0.99 4.45 15.76
CA THR B 262 -1.09 3.88 14.42
C THR B 262 0.12 4.18 13.53
N CYS B 263 1.14 4.84 14.11
CA CYS B 263 2.34 5.20 13.35
C CYS B 263 3.11 3.91 13.04
N VAL B 264 3.09 3.55 11.75
CA VAL B 264 3.71 2.33 11.28
C VAL B 264 5.22 2.31 11.40
N GLY B 265 5.84 3.48 11.24
CA GLY B 265 7.28 3.56 11.32
C GLY B 265 7.79 3.56 12.75
N ARG B 266 6.88 3.67 13.72
CA ARG B 266 7.24 3.65 15.14
C ARG B 266 8.16 4.81 15.44
N ILE B 267 7.78 5.99 14.94
CA ILE B 267 8.59 7.16 15.11
C ILE B 267 8.09 8.16 16.13
N ARG B 268 6.85 7.98 16.60
CA ARG B 268 6.26 8.93 17.53
C ARG B 268 6.37 8.50 18.99
N TYR B 269 6.85 9.41 19.82
CA TYR B 269 6.98 9.19 21.26
C TYR B 269 6.09 10.18 21.98
N LEU B 270 5.47 9.73 23.07
CA LEU B 270 4.61 10.59 23.87
C LEU B 270 5.12 10.55 25.29
N GLY B 271 5.28 11.73 25.89
CA GLY B 271 5.75 11.78 27.26
C GLY B 271 5.49 13.13 27.88
N VAL B 272 5.34 13.12 29.19
CA VAL B 272 5.05 14.34 29.90
C VAL B 272 6.25 15.28 29.99
N LEU B 273 5.96 16.57 29.92
CA LEU B 273 6.96 17.62 30.12
C LEU B 273 6.30 18.53 31.19
N LEU B 274 7.06 18.90 32.23
CA LEU B 274 6.59 19.79 33.27
C LEU B 274 7.16 21.15 32.87
N TYR B 275 6.34 22.19 32.90
CA TYR B 275 6.85 23.48 32.49
C TYR B 275 6.46 24.58 33.45
N ASP B 276 7.22 25.67 33.46
CA ASP B 276 6.90 26.78 34.33
C ASP B 276 6.08 27.77 33.50
N ALA B 277 4.78 27.74 33.69
CA ALA B 277 3.91 28.62 32.94
C ALA B 277 4.24 30.11 33.17
N ASP B 278 4.82 30.46 34.33
CA ASP B 278 5.14 31.87 34.60
C ASP B 278 6.32 32.36 33.76
N ALA B 279 7.06 31.45 33.14
CA ALA B 279 8.20 31.86 32.35
C ALA B 279 7.91 31.93 30.83
N ILE B 280 6.71 31.51 30.43
CA ILE B 280 6.35 31.49 29.01
C ILE B 280 6.57 32.78 28.23
N GLU B 281 6.11 33.92 28.76
CA GLU B 281 6.25 35.18 28.04
C GLU B 281 7.72 35.61 27.97
N ARG B 282 8.45 35.45 29.05
CA ARG B 282 9.85 35.83 29.06
C ARG B 282 10.60 35.02 27.99
N ALA B 283 10.34 33.73 27.93
CA ALA B 283 11.00 32.88 26.95
C ALA B 283 10.61 33.22 25.52
N ALA B 284 9.31 33.37 25.25
CA ALA B 284 8.89 33.66 23.90
C ALA B 284 9.28 35.06 23.40
N SER B 285 9.64 35.97 24.30
CA SER B 285 10.01 37.33 23.88
C SER B 285 11.52 37.59 23.87
N THR B 286 12.32 36.53 23.90
CA THR B 286 13.77 36.72 23.88
C THR B 286 14.15 37.43 22.58
N GLU B 287 15.04 38.40 22.68
CA GLU B 287 15.44 39.16 21.51
C GLU B 287 15.88 38.40 20.25
N ASN B 288 16.82 37.47 20.36
CA ASN B 288 17.34 36.75 19.19
C ASN B 288 16.52 35.48 18.93
N GLU B 289 16.03 35.29 17.70
CA GLU B 289 15.22 34.09 17.48
C GLU B 289 16.02 32.81 17.56
N LYS B 290 17.34 32.92 17.46
CA LYS B 290 18.14 31.73 17.57
C LYS B 290 18.29 31.26 19.03
N ASP B 291 17.75 32.04 19.97
CA ASP B 291 17.80 31.68 21.38
C ASP B 291 16.44 31.08 21.85
N LEU B 292 15.41 31.13 21.01
CA LEU B 292 14.09 30.57 21.40
C LEU B 292 14.12 29.10 21.78
N TYR B 293 14.88 28.32 21.03
CA TYR B 293 15.04 26.88 21.28
C TYR B 293 15.54 26.66 22.71
N GLN B 294 16.70 27.24 23.04
CA GLN B 294 17.23 27.06 24.38
C GLN B 294 16.32 27.72 25.44
N ARG B 295 15.74 28.89 25.14
CA ARG B 295 14.89 29.54 26.13
C ARG B 295 13.72 28.61 26.45
N GLN B 296 13.27 27.83 25.46
CA GLN B 296 12.16 26.90 25.74
C GLN B 296 12.64 25.72 26.58
N LEU B 297 13.81 25.18 26.27
CA LEU B 297 14.32 24.08 27.09
C LEU B 297 14.39 24.53 28.57
N ASP B 298 14.71 25.80 28.79
CA ASP B 298 14.84 26.37 30.14
C ASP B 298 13.51 26.52 30.87
N VAL B 299 12.39 26.43 30.14
CA VAL B 299 11.09 26.54 30.76
C VAL B 299 10.65 25.11 31.19
N PHE B 300 11.28 24.09 30.61
CA PHE B 300 10.97 22.68 30.96
C PHE B 300 11.70 22.39 32.30
N LEU B 301 11.05 21.65 33.20
CA LEU B 301 11.64 21.38 34.52
C LEU B 301 12.07 19.93 34.70
N ASP B 302 13.07 19.72 35.55
CA ASP B 302 13.61 18.36 35.80
C ASP B 302 12.65 17.62 36.73
N PRO B 303 11.95 16.58 36.21
CA PRO B 303 11.00 15.84 37.05
C PRO B 303 11.59 14.98 38.17
N ASN B 304 12.90 14.81 38.19
CA ASN B 304 13.54 14.01 39.25
C ASN B 304 14.14 14.88 40.35
N ASP B 305 14.00 16.20 40.19
CA ASP B 305 14.49 17.18 41.13
C ASP B 305 13.45 17.34 42.24
N PRO B 306 13.80 16.97 43.48
CA PRO B 306 12.80 17.12 44.54
C PRO B 306 12.24 18.53 44.71
N LYS B 307 12.98 19.55 44.32
CA LYS B 307 12.45 20.91 44.43
C LYS B 307 11.25 21.05 43.46
N VAL B 308 11.41 20.50 42.26
CA VAL B 308 10.38 20.53 41.23
C VAL B 308 9.22 19.64 41.63
N ILE B 309 9.53 18.45 42.16
CA ILE B 309 8.49 17.51 42.61
C ILE B 309 7.60 18.16 43.70
N GLU B 310 8.21 18.79 44.71
CA GLU B 310 7.42 19.44 45.76
C GLU B 310 6.60 20.58 45.21
N GLN B 311 7.16 21.37 44.31
CA GLN B 311 6.42 22.49 43.73
C GLN B 311 5.23 21.98 42.90
N ALA B 312 5.48 20.91 42.13
CA ALA B 312 4.46 20.31 41.26
C ALA B 312 3.26 19.87 42.10
N ILE B 313 3.54 19.19 43.21
CA ILE B 313 2.49 18.73 44.10
C ILE B 313 1.74 19.94 44.64
N LYS B 314 2.47 20.95 45.07
CA LYS B 314 1.85 22.17 45.58
C LYS B 314 0.94 22.79 44.51
N ASP B 315 1.39 22.77 43.26
CA ASP B 315 0.63 23.34 42.14
C ASP B 315 -0.49 22.41 41.60
N GLY B 316 -0.74 21.30 42.27
CA GLY B 316 -1.81 20.41 41.83
C GLY B 316 -1.55 19.31 40.81
N ILE B 317 -0.29 19.07 40.44
CA ILE B 317 0.00 18.02 39.47
C ILE B 317 -0.16 16.69 40.20
N PRO B 318 -0.96 15.76 39.62
CA PRO B 318 -1.21 14.44 40.19
C PRO B 318 0.09 13.66 40.30
N LEU B 319 0.13 12.78 41.30
CA LEU B 319 1.30 11.94 41.51
C LEU B 319 1.64 11.07 40.31
N SER B 320 0.66 10.47 39.64
CA SER B 320 0.95 9.61 38.50
C SER B 320 1.50 10.41 37.31
N VAL B 321 1.20 11.71 37.25
CA VAL B 321 1.70 12.56 36.16
C VAL B 321 3.17 12.88 36.42
N ILE B 322 3.49 13.16 37.68
CA ILE B 322 4.88 13.45 38.02
C ILE B 322 5.72 12.18 37.75
N GLU B 323 5.19 11.03 38.15
CA GLU B 323 5.86 9.75 37.92
C GLU B 323 6.09 9.49 36.40
N ALA B 324 5.07 9.78 35.58
CA ALA B 324 5.21 9.58 34.15
C ALA B 324 6.27 10.53 33.62
N ALA B 325 6.28 11.77 34.13
CA ALA B 325 7.28 12.75 33.70
C ALA B 325 8.68 12.25 34.00
N GLN B 326 8.83 11.44 35.05
CA GLN B 326 10.15 10.92 35.38
C GLN B 326 10.63 9.82 34.44
N GLN B 327 9.76 9.27 33.61
CA GLN B 327 10.20 8.26 32.64
C GLN B 327 9.74 8.68 31.23
N SER B 328 9.73 9.99 31.01
CA SER B 328 9.27 10.54 29.75
C SER B 328 10.28 10.41 28.62
N PRO B 329 9.92 9.71 27.52
CA PRO B 329 10.88 9.59 26.40
C PRO B 329 11.07 10.95 25.76
N VAL B 330 10.04 11.80 25.85
CA VAL B 330 10.14 13.13 25.26
C VAL B 330 11.16 13.98 26.02
N TYR B 331 11.13 13.88 27.33
CA TYR B 331 12.12 14.63 28.12
C TYR B 331 13.51 14.12 27.80
N LYS B 332 13.69 12.80 27.65
CA LYS B 332 15.02 12.28 27.33
C LYS B 332 15.54 12.77 25.98
N MET B 333 14.69 12.81 24.97
CA MET B 333 15.13 13.25 23.65
C MET B 333 15.36 14.74 23.50
N ALA B 334 14.53 15.52 24.17
CA ALA B 334 14.65 16.97 24.06
C ALA B 334 15.67 17.58 25.01
N MET B 335 15.66 17.10 26.25
CA MET B 335 16.53 17.64 27.29
C MET B 335 17.82 16.94 27.56
N GLU B 336 17.84 15.62 27.54
CA GLU B 336 19.06 14.91 27.88
C GLU B 336 19.95 14.60 26.70
N TRP B 337 19.38 13.99 25.65
CA TRP B 337 20.17 13.61 24.51
C TRP B 337 20.28 14.71 23.48
N LYS B 338 19.41 15.71 23.56
CA LYS B 338 19.38 16.83 22.62
C LYS B 338 19.20 16.36 21.16
N LEU B 339 18.39 15.33 20.96
CA LEU B 339 18.13 14.80 19.63
C LEU B 339 16.90 15.46 18.99
N ALA B 340 15.92 15.85 19.82
CA ALA B 340 14.68 16.47 19.36
C ALA B 340 14.74 17.98 19.41
N LEU B 341 14.21 18.61 18.37
CA LEU B 341 14.21 20.05 18.23
C LEU B 341 12.81 20.55 17.88
N PRO B 342 12.51 21.81 18.24
CA PRO B 342 11.20 22.36 17.94
C PRO B 342 11.00 22.62 16.44
N LEU B 343 9.73 22.65 16.01
CA LEU B 343 9.44 22.96 14.63
C LEU B 343 9.25 24.49 14.56
N HIS B 344 10.08 25.17 13.77
CA HIS B 344 9.99 26.61 13.62
C HIS B 344 9.85 27.41 14.92
N PRO B 345 10.86 27.31 15.80
CA PRO B 345 10.77 28.06 17.07
C PRO B 345 10.67 29.58 16.85
N GLU B 346 11.15 30.09 15.71
CA GLU B 346 11.07 31.53 15.45
C GLU B 346 9.63 32.09 15.36
N TYR B 347 8.63 31.22 15.27
CA TYR B 347 7.25 31.74 15.28
C TYR B 347 6.90 32.24 16.69
N ARG B 348 7.75 31.89 17.65
CA ARG B 348 7.60 32.31 19.04
C ARG B 348 6.41 31.72 19.79
N THR B 349 5.92 30.55 19.39
CA THR B 349 4.80 29.96 20.07
C THR B 349 5.18 28.93 21.15
N LEU B 350 6.46 28.58 21.24
CA LEU B 350 6.94 27.54 22.18
C LEU B 350 6.12 26.26 21.86
N PRO B 351 6.35 25.68 20.66
CA PRO B 351 5.64 24.47 20.23
C PRO B 351 5.97 23.26 21.10
N MET B 352 5.04 22.31 21.21
CA MET B 352 5.26 21.17 22.06
C MET B 352 5.31 19.83 21.30
N VAL B 353 5.42 19.91 19.99
CA VAL B 353 5.59 18.72 19.17
C VAL B 353 6.93 18.95 18.48
N TRP B 354 7.92 18.17 18.94
CA TRP B 354 9.30 18.26 18.47
C TRP B 354 9.70 17.13 17.55
N TYR B 355 10.86 17.32 16.90
CA TYR B 355 11.36 16.44 15.86
C TYR B 355 12.84 16.07 15.93
N VAL B 356 13.16 14.80 15.67
CA VAL B 356 14.57 14.40 15.59
C VAL B 356 14.83 14.53 14.07
N PRO B 357 15.91 15.23 13.66
CA PRO B 357 16.16 15.37 12.23
C PRO B 357 16.57 14.04 11.57
N PRO B 358 16.35 13.90 10.26
CA PRO B 358 16.71 12.66 9.60
C PRO B 358 18.13 12.57 9.09
N LEU B 359 18.64 11.34 9.03
CA LEU B 359 19.95 11.10 8.44
C LEU B 359 19.57 10.98 6.94
N SER B 360 20.58 10.83 6.07
CA SER B 360 20.31 10.71 4.64
C SER B 360 21.50 9.98 4.00
N PRO B 361 21.34 9.47 2.74
CA PRO B 361 22.50 8.76 2.15
C PRO B 361 23.64 9.77 1.92
N ILE B 362 24.90 9.31 1.84
CA ILE B 362 25.98 10.27 1.66
C ILE B 362 25.85 11.04 0.35
N GLN B 363 26.51 12.17 0.26
CA GLN B 363 26.39 12.99 -0.95
C GLN B 363 27.23 12.40 -2.09
N SER B 364 27.02 12.93 -3.30
CA SER B 364 27.78 12.51 -4.48
C SER B 364 29.20 13.00 -4.31
N ALA B 365 30.17 12.22 -4.75
CA ALA B 365 31.56 12.62 -4.61
C ALA B 365 32.36 12.14 -5.80
N ALA B 366 33.63 12.53 -5.86
CA ALA B 366 34.51 12.13 -6.96
C ALA B 366 34.69 10.61 -7.01
N ASP B 367 34.92 9.97 -5.86
CA ASP B 367 35.09 8.52 -5.84
C ASP B 367 34.22 7.84 -4.78
N ALA B 368 34.44 6.55 -4.57
CA ALA B 368 33.67 5.77 -3.59
C ALA B 368 33.90 6.24 -2.16
N GLY B 369 34.89 7.11 -1.98
CA GLY B 369 35.19 7.62 -0.65
C GLY B 369 36.14 6.78 0.19
N GLU B 370 36.37 7.26 1.41
CA GLU B 370 37.27 6.60 2.34
C GLU B 370 36.59 6.39 3.68
N LEU B 371 37.19 5.58 4.53
CA LEU B 371 36.66 5.36 5.87
C LEU B 371 36.83 6.72 6.53
N GLY B 372 35.85 7.14 7.29
CA GLY B 372 35.94 8.42 7.98
C GLY B 372 36.05 8.14 9.47
N SER B 373 35.70 9.12 10.29
CA SER B 373 35.78 8.91 11.73
C SER B 373 34.84 7.79 12.18
N ASN B 374 33.81 7.50 11.37
CA ASN B 374 32.87 6.46 11.73
C ASN B 374 33.06 5.15 10.96
N GLY B 375 34.25 4.97 10.37
CA GLY B 375 34.52 3.75 9.62
C GLY B 375 33.72 3.67 8.33
N ILE B 376 33.02 2.56 8.11
CA ILE B 376 32.23 2.42 6.87
C ILE B 376 30.93 3.22 6.91
N LEU B 377 30.55 3.68 8.11
CA LEU B 377 29.35 4.46 8.32
C LEU B 377 29.64 5.93 8.05
N PRO B 378 28.60 6.72 7.75
CA PRO B 378 28.75 8.15 7.45
C PRO B 378 29.22 9.06 8.59
N ASP B 379 29.88 10.16 8.19
CA ASP B 379 30.31 11.24 9.08
C ASP B 379 29.21 12.27 8.77
N VAL B 380 28.86 13.09 9.75
CA VAL B 380 27.80 14.06 9.57
C VAL B 380 28.00 14.99 8.39
N GLU B 381 29.25 15.35 8.10
CA GLU B 381 29.56 16.26 7.02
C GLU B 381 29.26 15.69 5.64
N SER B 382 29.13 14.36 5.52
CA SER B 382 28.87 13.73 4.24
C SER B 382 27.41 13.55 3.89
N LEU B 383 26.52 13.75 4.86
CA LEU B 383 25.08 13.53 4.59
C LEU B 383 24.61 14.43 3.46
N ARG B 384 23.74 13.92 2.59
CA ARG B 384 23.32 14.74 1.45
C ARG B 384 22.24 15.81 1.69
N ILE B 385 21.42 15.66 2.72
CA ILE B 385 20.43 16.69 2.99
C ILE B 385 21.21 17.87 3.56
N PRO B 386 21.10 19.05 2.94
CA PRO B 386 21.85 20.20 3.47
C PRO B 386 21.43 20.54 4.89
N VAL B 387 22.39 20.61 5.80
CA VAL B 387 22.08 20.89 7.18
C VAL B 387 21.43 22.26 7.36
N GLN B 388 21.73 23.21 6.50
CA GLN B 388 21.12 24.53 6.62
C GLN B 388 19.60 24.44 6.38
N TYR B 389 19.17 23.51 5.54
CA TYR B 389 17.73 23.34 5.25
C TYR B 389 17.04 22.88 6.57
N LEU B 390 17.60 21.86 7.18
CA LEU B 390 17.07 21.35 8.45
C LEU B 390 17.11 22.40 9.56
N ALA B 391 18.15 23.24 9.57
CA ALA B 391 18.23 24.30 10.57
C ALA B 391 17.13 25.35 10.28
N ASN B 392 16.86 25.64 9.00
CA ASN B 392 15.78 26.60 8.71
C ASN B 392 14.44 26.04 9.22
N LEU B 393 14.31 24.73 9.15
CA LEU B 393 13.07 24.09 9.59
C LEU B 393 12.90 23.96 11.11
N LEU B 394 14.01 23.68 11.81
CA LEU B 394 13.99 23.40 13.22
C LEU B 394 14.69 24.32 14.21
N THR B 395 15.65 25.10 13.78
CA THR B 395 16.40 25.88 14.76
C THR B 395 16.63 27.34 14.39
N ALA B 396 15.68 27.89 13.66
CA ALA B 396 15.75 29.28 13.25
C ALA B 396 17.05 29.58 12.48
N GLY B 397 17.51 28.62 11.69
CA GLY B 397 18.72 28.83 10.90
C GLY B 397 20.07 28.48 11.55
N ASP B 398 20.07 28.14 12.84
CA ASP B 398 21.33 27.79 13.53
C ASP B 398 21.64 26.31 13.29
N THR B 399 22.70 26.02 12.55
CA THR B 399 23.00 24.62 12.26
C THR B 399 23.60 23.83 13.43
N LYS B 400 24.08 24.53 14.44
CA LYS B 400 24.74 23.84 15.55
C LYS B 400 23.92 22.74 16.26
N PRO B 401 22.68 23.06 16.72
CA PRO B 401 21.92 21.98 17.38
C PRO B 401 21.51 20.85 16.42
N VAL B 402 21.33 21.17 15.13
CA VAL B 402 20.99 20.13 14.17
C VAL B 402 22.19 19.18 13.98
N LEU B 403 23.39 19.76 13.82
CA LEU B 403 24.59 18.92 13.64
C LEU B 403 24.82 18.05 14.88
N ARG B 404 24.59 18.59 16.07
CA ARG B 404 24.78 17.81 17.30
C ARG B 404 23.81 16.61 17.32
N ALA B 405 22.54 16.84 16.96
CA ALA B 405 21.57 15.76 16.92
C ALA B 405 21.99 14.65 15.92
N LEU B 406 22.30 15.04 14.67
CA LEU B 406 22.69 14.08 13.64
C LEU B 406 23.98 13.34 14.01
N LYS B 407 24.95 14.08 14.53
CA LYS B 407 26.22 13.47 14.89
C LYS B 407 26.03 12.45 16.00
N ARG B 408 25.20 12.77 16.98
CA ARG B 408 24.95 11.83 18.07
C ARG B 408 24.26 10.55 17.59
N MET B 409 23.34 10.67 16.63
CA MET B 409 22.68 9.46 16.09
C MET B 409 23.77 8.59 15.38
N LEU B 410 24.61 9.24 14.57
CA LEU B 410 25.66 8.52 13.87
C LEU B 410 26.67 7.92 14.87
N ALA B 411 26.94 8.64 15.97
CA ALA B 411 27.89 8.15 16.98
C ALA B 411 27.32 6.89 17.62
N MET B 412 26.01 6.92 17.93
CA MET B 412 25.37 5.73 18.48
C MET B 412 25.56 4.56 17.52
N ARG B 413 25.36 4.80 16.23
CA ARG B 413 25.51 3.74 15.24
C ARG B 413 26.95 3.16 15.23
N HIS B 414 27.94 4.05 15.29
CA HIS B 414 29.35 3.62 15.28
C HIS B 414 29.65 2.75 16.51
N TYR B 415 29.21 3.22 17.67
CA TYR B 415 29.40 2.47 18.92
C TYR B 415 28.74 1.09 18.89
N LYS B 416 27.48 1.04 18.45
CA LYS B 416 26.77 -0.22 18.36
C LYS B 416 27.39 -1.17 17.34
N ARG B 417 27.92 -0.64 16.24
CA ARG B 417 28.53 -1.51 15.23
C ARG B 417 29.78 -2.17 15.83
N ALA B 418 30.56 -1.39 16.57
CA ALA B 418 31.77 -1.94 17.18
C ALA B 418 31.37 -3.09 18.08
N GLU B 419 30.31 -2.87 18.84
CA GLU B 419 29.82 -3.85 19.76
C GLU B 419 29.29 -5.09 19.08
N THR B 420 28.37 -4.91 18.15
CA THR B 420 27.74 -6.06 17.54
C THR B 420 28.44 -6.75 16.37
N VAL B 421 29.40 -6.09 15.72
CA VAL B 421 30.09 -6.71 14.59
C VAL B 421 31.50 -7.11 15.02
N ASP B 422 32.20 -6.18 15.64
CA ASP B 422 33.57 -6.45 16.08
C ASP B 422 33.64 -7.04 17.48
N GLY B 423 32.57 -6.92 18.25
CA GLY B 423 32.60 -7.46 19.60
C GLY B 423 33.54 -6.66 20.48
N LYS B 424 33.72 -5.39 20.16
CA LYS B 424 34.60 -4.54 20.94
C LYS B 424 33.87 -3.30 21.46
N VAL B 425 34.46 -2.68 22.48
CA VAL B 425 33.96 -1.45 23.04
C VAL B 425 34.74 -0.33 22.34
N ASP B 426 34.04 0.57 21.67
CA ASP B 426 34.69 1.68 21.00
C ASP B 426 33.78 2.88 21.26
N THR B 427 34.24 3.75 22.14
CA THR B 427 33.47 4.92 22.53
C THR B 427 34.02 6.17 21.91
N ARG B 428 34.90 6.01 20.93
CA ARG B 428 35.51 7.17 20.30
C ARG B 428 34.48 8.14 19.70
N ALA B 429 33.51 7.65 18.93
CA ALA B 429 32.54 8.58 18.37
C ALA B 429 31.66 9.18 19.48
N LEU B 430 31.36 8.40 20.51
CA LEU B 430 30.54 8.91 21.61
C LEU B 430 31.27 10.03 22.34
N GLU B 431 32.55 9.82 22.60
CA GLU B 431 33.32 10.84 23.31
C GLU B 431 33.35 12.13 22.52
N GLU B 432 33.46 12.01 21.21
CA GLU B 432 33.51 13.17 20.33
C GLU B 432 32.25 14.01 20.40
N VAL B 433 31.11 13.40 20.67
CA VAL B 433 29.82 14.13 20.76
C VAL B 433 29.33 14.32 22.22
N GLY B 434 30.17 13.94 23.18
CA GLY B 434 29.81 14.13 24.57
C GLY B 434 28.76 13.19 25.16
N LEU B 435 28.69 11.98 24.64
CA LEU B 435 27.74 10.99 25.13
C LEU B 435 28.48 9.91 25.89
N THR B 436 27.84 9.33 26.90
CA THR B 436 28.46 8.24 27.64
C THR B 436 27.93 6.93 27.06
N GLU B 437 28.56 5.82 27.38
CA GLU B 437 28.06 4.54 26.91
C GLU B 437 26.64 4.31 27.43
N ALA B 438 26.38 4.69 28.68
CA ALA B 438 25.05 4.46 29.25
C ALA B 438 24.00 5.27 28.46
N GLN B 439 24.35 6.50 28.09
CA GLN B 439 23.42 7.31 27.32
C GLN B 439 23.15 6.69 25.94
N ALA B 440 24.20 6.20 25.29
CA ALA B 440 24.08 5.59 23.97
C ALA B 440 23.23 4.34 24.04
N GLN B 441 23.40 3.55 25.10
CA GLN B 441 22.62 2.31 25.25
C GLN B 441 21.15 2.66 25.52
N GLU B 442 20.90 3.76 26.23
CA GLU B 442 19.52 4.15 26.51
C GLU B 442 18.88 4.68 25.22
N MET B 443 19.63 5.50 24.49
CA MET B 443 19.16 6.03 23.21
C MET B 443 18.76 4.85 22.36
N TYR B 444 19.62 3.84 22.34
CA TYR B 444 19.39 2.64 21.54
C TYR B 444 18.13 1.92 21.99
N ARG B 445 17.96 1.75 23.30
CA ARG B 445 16.75 1.10 23.81
C ARG B 445 15.46 1.81 23.31
N TYR B 446 15.43 3.14 23.38
CA TYR B 446 14.25 3.89 22.98
C TYR B 446 14.04 4.08 21.46
N LEU B 447 15.13 4.33 20.75
CA LEU B 447 15.04 4.59 19.30
C LEU B 447 15.03 3.36 18.41
N ALA B 448 15.81 2.36 18.80
CA ALA B 448 15.93 1.13 18.00
C ALA B 448 14.94 0.05 18.38
N ILE B 449 15.01 -0.41 19.61
CA ILE B 449 14.09 -1.48 20.06
C ILE B 449 12.69 -0.88 20.14
N ALA B 450 12.60 0.28 20.80
CA ALA B 450 11.36 1.04 20.91
C ALA B 450 10.11 0.27 21.31
N ASN B 451 10.17 -0.45 22.42
CA ASN B 451 9.02 -1.18 22.92
C ASN B 451 7.86 -0.20 23.11
N TYR B 452 6.66 -0.70 22.92
CA TYR B 452 5.43 0.10 23.06
C TYR B 452 5.40 0.87 24.38
N GLU B 453 5.78 0.22 25.47
CA GLU B 453 5.72 0.88 26.77
C GLU B 453 6.77 1.98 26.91
N ASP B 454 7.77 1.96 26.03
CA ASP B 454 8.79 3.01 26.05
C ASP B 454 8.44 4.13 25.10
N ARG B 455 7.66 3.86 24.04
CA ARG B 455 7.31 4.94 23.12
C ARG B 455 6.21 5.84 23.68
N PHE B 456 5.27 5.25 24.41
CA PHE B 456 4.15 6.02 24.96
C PHE B 456 4.09 5.89 26.48
N VAL B 457 4.31 7.00 27.16
CA VAL B 457 4.24 7.04 28.63
C VAL B 457 3.27 8.16 28.92
N VAL B 458 1.99 7.85 28.76
CA VAL B 458 0.92 8.82 28.92
C VAL B 458 0.17 8.58 30.23
N PRO B 459 0.16 9.57 31.12
CA PRO B 459 -0.59 9.28 32.35
C PRO B 459 -2.04 9.69 32.12
N SER B 460 -2.89 9.33 33.07
CA SER B 460 -4.28 9.72 33.04
C SER B 460 -4.42 11.25 33.25
N SER B 461 -5.46 11.85 32.66
CA SER B 461 -5.73 13.28 32.88
C SER B 461 -6.57 13.43 34.17
N HIS B 462 -6.85 12.31 34.83
CA HIS B 462 -7.57 12.33 36.12
C HIS B 462 -8.90 13.09 36.12
N ARG B 463 -9.84 12.63 35.32
CA ARG B 463 -11.14 13.29 35.22
C ARG B 463 -11.97 13.32 36.50
N GLU B 464 -11.54 12.58 37.51
CA GLU B 464 -12.25 12.58 38.79
C GLU B 464 -11.89 13.80 39.66
N LEU B 465 -10.75 14.43 39.42
CA LEU B 465 -10.32 15.56 40.25
C LEU B 465 -11.12 16.86 40.05
N ALA B 466 -11.51 17.47 41.16
CA ALA B 466 -12.28 18.72 41.15
C ALA B 466 -13.61 18.57 40.38
N ARG B 467 -14.07 17.35 40.16
CA ARG B 467 -15.32 17.11 39.43
C ARG B 467 -16.12 16.04 40.18
N GLU B 468 -17.26 15.60 39.63
CA GLU B 468 -18.04 14.54 40.29
C GLU B 468 -18.17 13.34 39.39
N ALA B 469 -17.17 12.47 39.46
CA ALA B 469 -17.14 11.31 38.59
C ALA B 469 -18.21 10.27 38.83
N PHE B 470 -18.70 10.15 40.07
CA PHE B 470 -19.68 9.12 40.35
C PHE B 470 -21.01 9.32 39.60
N PRO B 471 -21.69 10.48 39.76
CA PRO B 471 -22.94 10.61 38.99
C PRO B 471 -22.67 10.57 37.49
N GLU B 472 -21.49 11.04 37.08
CA GLU B 472 -21.15 10.99 35.66
C GLU B 472 -20.99 9.55 35.16
N LYS B 473 -20.30 8.69 35.92
CA LYS B 473 -20.14 7.29 35.48
C LYS B 473 -21.53 6.67 35.31
N ASN B 474 -22.43 6.98 36.25
CA ASN B 474 -23.80 6.42 36.20
C ASN B 474 -24.74 6.97 35.08
N GLY B 475 -24.55 8.22 34.68
CA GLY B 475 -25.46 8.78 33.72
C GLY B 475 -24.92 9.38 32.44
N CYS B 476 -23.60 9.42 32.26
CA CYS B 476 -23.11 10.00 31.00
C CYS B 476 -23.57 9.16 29.80
N GLY B 477 -23.73 9.80 28.63
CA GLY B 477 -24.10 9.06 27.45
C GLY B 477 -25.57 8.85 27.13
N PHE B 478 -26.47 9.04 28.10
CA PHE B 478 -27.90 8.92 27.78
C PHE B 478 -28.22 10.28 27.17
N THR B 479 -28.04 10.40 25.85
CA THR B 479 -28.27 11.68 25.17
C THR B 479 -29.73 11.98 24.76
N PHE B 480 -30.64 11.88 25.73
CA PHE B 480 -32.05 12.15 25.44
C PHE B 480 -32.35 13.62 25.15
N GLY B 481 -31.49 14.54 25.59
CA GLY B 481 -31.68 15.97 25.35
C GLY B 481 -32.24 16.69 26.59
N ASP B 482 -31.57 16.55 27.73
CA ASP B 482 -32.06 17.21 28.94
C ASP B 482 -31.94 18.73 28.89
N GLY B 483 -31.15 19.23 27.95
CA GLY B 483 -30.98 20.67 27.77
C GLY B 483 -30.32 21.40 28.92
N CYS B 484 -29.71 20.65 29.82
CA CYS B 484 -29.06 21.22 31.01
C CYS B 484 -27.54 21.12 31.02
N HIS B 485 -26.98 20.49 30.01
CA HIS B 485 -25.53 20.35 29.94
C HIS B 485 -24.89 21.66 29.50
N GLY B 486 -23.65 21.90 29.92
CA GLY B 486 -22.96 23.09 29.47
C GLY B 486 -23.13 24.39 30.22
N SER B 487 -23.79 24.38 31.36
CA SER B 487 -23.88 25.62 32.10
C SER B 487 -23.78 25.28 33.57
N ASP B 488 -23.26 26.22 34.36
CA ASP B 488 -23.15 25.96 35.77
C ASP B 488 -24.43 26.35 36.52
N THR B 489 -25.12 27.39 36.06
CA THR B 489 -26.40 27.80 36.68
C THR B 489 -27.45 26.69 36.40
N LYS B 490 -28.24 26.35 37.40
CA LYS B 490 -29.24 25.29 37.21
C LYS B 490 -30.51 25.75 36.51
N PHE B 491 -30.85 27.03 36.65
CA PHE B 491 -32.07 27.47 35.98
C PHE B 491 -32.03 27.22 34.47
N ASN B 492 -33.14 26.72 33.94
CA ASN B 492 -33.23 26.48 32.50
C ASN B 492 -34.67 26.69 32.07
N LEU B 493 -34.85 27.38 30.95
CA LEU B 493 -36.20 27.72 30.47
C LEU B 493 -37.12 26.54 30.24
N PHE B 494 -36.57 25.39 29.84
CA PHE B 494 -37.40 24.18 29.60
C PHE B 494 -37.77 23.39 30.88
N ASN B 495 -37.43 23.91 32.05
CA ASN B 495 -37.81 23.30 33.31
C ASN B 495 -37.42 21.83 33.35
N SER B 496 -36.14 21.59 33.08
CA SER B 496 -35.63 20.22 33.08
C SER B 496 -34.49 20.14 34.12
N ARG B 497 -33.88 18.98 34.21
CA ARG B 497 -32.77 18.77 35.15
C ARG B 497 -31.78 17.86 34.46
N ARG B 498 -30.51 17.93 34.87
CA ARG B 498 -29.46 17.10 34.27
C ARG B 498 -29.65 15.63 34.56
N ILE B 499 -29.57 14.82 33.51
CA ILE B 499 -29.72 13.38 33.62
C ILE B 499 -28.60 12.76 34.45
N ASP B 500 -27.37 13.26 34.31
CA ASP B 500 -26.24 12.70 35.05
C ASP B 500 -25.91 13.45 36.35
N ALA B 501 -26.92 14.02 36.98
CA ALA B 501 -26.65 14.72 38.23
C ALA B 501 -27.65 14.26 39.27
N ILE B 502 -27.37 14.62 40.52
CA ILE B 502 -28.25 14.26 41.63
C ILE B 502 -29.00 15.52 42.04
N ASP B 503 -30.30 15.51 41.86
CA ASP B 503 -31.11 16.67 42.21
C ASP B 503 -31.67 16.61 43.63
N VAL B 504 -31.90 15.41 44.15
CA VAL B 504 -32.41 15.29 45.52
C VAL B 504 -31.22 15.41 46.48
N THR B 505 -31.12 16.55 47.15
CA THR B 505 -30.03 16.79 48.07
C THR B 505 -30.12 16.00 49.36
N SER B 506 -28.99 15.52 49.84
CA SER B 506 -28.96 14.79 51.10
C SER B 506 -29.37 15.78 52.15
N LYS B 507 -30.19 15.36 53.10
CA LYS B 507 -30.59 16.27 54.18
C LYS B 507 -29.90 15.87 55.50
N THR B 508 -29.01 14.88 55.44
CA THR B 508 -28.32 14.37 56.62
C THR B 508 -26.90 14.92 56.67
N GLU B 509 -26.71 15.97 55.87
CA GLU B 509 -25.46 16.73 55.71
C GLU B 509 -24.60 16.16 54.59
N GLN C 2 -57.05 52.32 9.15
CA GLN C 2 -56.80 52.64 10.56
C GLN C 2 -56.53 51.36 11.32
N PHE C 3 -57.16 50.26 10.89
CA PHE C 3 -56.97 48.95 11.51
C PHE C 3 -55.52 48.52 11.27
N LEU C 4 -55.07 48.56 10.02
CA LEU C 4 -53.70 48.19 9.69
C LEU C 4 -52.70 49.10 10.36
N ASN C 5 -53.07 50.38 10.51
CA ASN C 5 -52.23 51.36 11.15
C ASN C 5 -51.93 50.97 12.58
N MET C 6 -52.97 50.60 13.32
CA MET C 6 -52.78 50.25 14.71
C MET C 6 -52.09 48.91 14.81
N PHE C 7 -52.39 48.01 13.89
CA PHE C 7 -51.73 46.73 13.93
C PHE C 7 -50.20 46.93 13.73
N PHE C 8 -49.82 47.52 12.60
CA PHE C 8 -48.39 47.65 12.32
C PHE C 8 -47.55 48.52 13.23
N PHE C 9 -48.16 49.56 13.78
CA PHE C 9 -47.43 50.50 14.59
C PHE C 9 -47.71 50.52 16.07
N ASP C 10 -48.73 49.77 16.50
CA ASP C 10 -49.05 49.68 17.91
C ASP C 10 -48.96 48.24 18.42
N ILE C 11 -49.18 47.25 17.56
CA ILE C 11 -49.19 45.85 18.00
C ILE C 11 -47.95 45.07 17.55
N TYR C 12 -47.76 45.05 16.25
CA TYR C 12 -46.64 44.36 15.62
C TYR C 12 -45.30 44.68 16.26
N PRO C 13 -45.05 45.95 16.62
CA PRO C 13 -43.74 46.19 17.24
C PRO C 13 -43.47 45.35 18.48
N TYR C 14 -44.50 45.03 19.24
CA TYR C 14 -44.30 44.23 20.46
C TYR C 14 -44.21 42.74 20.17
N ILE C 15 -44.86 42.30 19.10
CA ILE C 15 -44.75 40.91 18.71
C ILE C 15 -43.28 40.67 18.25
N ALA C 16 -42.79 41.55 17.37
CA ALA C 16 -41.44 41.45 16.82
C ALA C 16 -40.39 41.52 17.91
N GLY C 17 -40.57 42.46 18.82
CA GLY C 17 -39.66 42.63 19.93
C GLY C 17 -39.66 41.44 20.88
N ALA C 18 -40.81 40.85 21.14
CA ALA C 18 -40.87 39.71 22.05
C ALA C 18 -40.15 38.52 21.42
N VAL C 19 -40.41 38.29 20.13
CA VAL C 19 -39.81 37.18 19.38
C VAL C 19 -38.28 37.37 19.30
N PHE C 20 -37.89 38.62 19.03
CA PHE C 20 -36.49 39.00 18.97
C PHE C 20 -35.78 38.60 20.25
N LEU C 21 -36.37 38.99 21.37
CA LEU C 21 -35.71 38.72 22.64
C LEU C 21 -35.78 37.29 23.15
N ILE C 22 -36.97 36.70 23.19
CA ILE C 22 -37.09 35.33 23.72
C ILE C 22 -36.46 34.36 22.74
N GLY C 23 -36.52 34.68 21.44
CA GLY C 23 -35.91 33.84 20.43
C GLY C 23 -34.38 33.88 20.57
N SER C 24 -33.84 35.07 20.85
CA SER C 24 -32.39 35.17 21.02
C SER C 24 -31.92 34.37 22.24
N TRP C 25 -32.63 34.49 23.35
CA TRP C 25 -32.26 33.79 24.58
C TRP C 25 -32.36 32.27 24.36
N LEU C 26 -33.47 31.82 23.80
CA LEU C 26 -33.68 30.40 23.56
C LEU C 26 -32.63 29.84 22.60
N ARG C 27 -32.29 30.58 21.55
CA ARG C 27 -31.29 30.07 20.65
C ARG C 27 -29.92 30.12 21.32
N TYR C 28 -29.69 31.06 22.23
CA TYR C 28 -28.39 31.11 22.88
C TYR C 28 -28.24 29.92 23.85
N ASP C 29 -29.30 29.60 24.56
CA ASP C 29 -29.24 28.52 25.52
C ASP C 29 -29.28 27.12 24.93
N TYR C 30 -30.00 26.96 23.83
CA TYR C 30 -30.17 25.65 23.23
C TYR C 30 -29.55 25.46 21.87
N GLY C 31 -28.87 26.49 21.36
CA GLY C 31 -28.31 26.43 20.04
C GLY C 31 -26.94 27.03 19.88
N GLN C 32 -26.09 26.91 20.89
CA GLN C 32 -24.74 27.45 20.79
C GLN C 32 -24.00 27.02 19.50
N TYR C 33 -24.15 25.76 19.09
CA TYR C 33 -23.42 25.30 17.93
C TYR C 33 -23.89 26.01 16.67
N THR C 34 -25.12 26.55 16.70
CA THR C 34 -25.67 27.26 15.55
C THR C 34 -25.35 28.76 15.62
N TRP C 35 -24.72 29.19 16.70
CA TRP C 35 -24.42 30.62 16.89
C TRP C 35 -23.09 31.02 16.29
N ARG C 36 -23.10 31.41 15.00
CA ARG C 36 -21.85 31.75 14.33
C ARG C 36 -22.10 32.75 13.21
N ALA C 37 -21.02 33.42 12.77
CA ALA C 37 -21.09 34.41 11.70
C ALA C 37 -21.33 33.76 10.34
N ALA C 38 -20.98 32.48 10.25
CA ALA C 38 -21.13 31.74 9.00
C ALA C 38 -20.35 32.35 7.83
N SER C 39 -19.07 32.60 8.04
CA SER C 39 -18.23 33.15 7.00
C SER C 39 -18.27 32.22 5.80
N SER C 40 -18.23 32.80 4.60
CA SER C 40 -18.22 32.03 3.36
C SER C 40 -16.97 32.50 2.62
N GLN C 41 -16.15 33.31 3.30
CA GLN C 41 -14.97 33.91 2.68
C GLN C 41 -13.96 32.93 2.07
N MET C 42 -13.65 31.86 2.79
CA MET C 42 -12.66 30.89 2.32
C MET C 42 -13.11 30.23 1.01
N LEU C 43 -14.39 29.95 0.87
CA LEU C 43 -14.87 29.33 -0.35
C LEU C 43 -14.75 30.24 -1.59
N ASP C 44 -14.72 31.56 -1.41
CA ASP C 44 -14.54 32.48 -2.55
C ASP C 44 -14.10 33.84 -2.03
N ARG C 45 -12.79 34.07 -1.97
CA ARG C 45 -12.26 35.32 -1.44
C ARG C 45 -12.47 36.53 -2.33
N LYS C 46 -12.70 36.28 -3.61
CA LYS C 46 -12.87 37.35 -4.57
C LYS C 46 -13.92 38.44 -4.22
N GLY C 47 -13.47 39.69 -4.15
CA GLY C 47 -14.38 40.78 -3.88
C GLY C 47 -14.94 40.93 -2.48
N MET C 48 -14.62 40.01 -1.57
CA MET C 48 -15.13 40.06 -0.20
C MET C 48 -14.56 41.20 0.63
N ASN C 49 -13.29 41.50 0.45
CA ASN C 49 -12.69 42.57 1.21
C ASN C 49 -13.45 43.89 0.98
N LEU C 50 -13.64 44.23 -0.28
CA LEU C 50 -14.36 45.45 -0.61
C LEU C 50 -15.84 45.39 -0.17
N ALA C 51 -16.53 44.35 -0.61
CA ALA C 51 -17.96 44.21 -0.33
C ALA C 51 -18.34 44.13 1.15
N SER C 52 -17.69 43.25 1.90
CA SER C 52 -18.04 43.10 3.31
C SER C 52 -17.68 44.34 4.13
N ASN C 53 -16.57 44.97 3.81
CA ASN C 53 -16.18 46.18 4.54
C ASN C 53 -17.17 47.33 4.21
N LEU C 54 -17.53 47.49 2.94
CA LEU C 54 -18.47 48.55 2.58
C LEU C 54 -19.79 48.31 3.30
N PHE C 55 -20.28 47.07 3.20
CA PHE C 55 -21.53 46.73 3.85
C PHE C 55 -21.49 46.97 5.35
N HIS C 56 -20.50 46.39 6.04
CA HIS C 56 -20.46 46.54 7.50
C HIS C 56 -20.15 47.95 8.00
N ILE C 57 -19.18 48.61 7.37
CA ILE C 57 -18.87 49.96 7.80
C ILE C 57 -20.09 50.84 7.55
N GLY C 58 -20.72 50.63 6.41
CA GLY C 58 -21.93 51.38 6.12
C GLY C 58 -23.07 51.11 7.09
N ILE C 59 -23.41 49.85 7.33
CA ILE C 59 -24.52 49.56 8.23
C ILE C 59 -24.26 49.90 9.71
N LEU C 60 -23.00 49.92 10.12
CA LEU C 60 -22.72 50.28 11.50
C LEU C 60 -22.88 51.80 11.61
N GLY C 61 -22.56 52.51 10.54
CA GLY C 61 -22.75 53.97 10.54
C GLY C 61 -24.26 54.24 10.74
N ILE C 62 -25.09 53.56 9.95
CA ILE C 62 -26.55 53.70 10.07
C ILE C 62 -27.02 53.31 11.49
N PHE C 63 -26.45 52.24 12.03
CA PHE C 63 -26.84 51.80 13.36
C PHE C 63 -26.62 52.88 14.41
N VAL C 64 -25.42 53.45 14.43
CA VAL C 64 -25.10 54.49 15.40
C VAL C 64 -26.10 55.64 15.23
N GLY C 65 -26.32 56.07 14.00
CA GLY C 65 -27.28 57.15 13.76
C GLY C 65 -28.68 56.80 14.24
N HIS C 66 -29.22 55.66 13.80
CA HIS C 66 -30.55 55.23 14.21
C HIS C 66 -30.66 55.08 15.72
N PHE C 67 -29.62 54.51 16.33
CA PHE C 67 -29.61 54.28 17.77
C PHE C 67 -29.79 55.56 18.59
N PHE C 68 -28.94 56.54 18.31
CA PHE C 68 -28.98 57.81 19.02
C PHE C 68 -30.08 58.72 18.53
N GLY C 69 -30.38 58.62 17.24
CA GLY C 69 -31.41 59.45 16.66
C GLY C 69 -32.78 59.17 17.24
N MET C 70 -33.12 57.89 17.36
CA MET C 70 -34.43 57.50 17.87
C MET C 70 -34.57 57.23 19.35
N LEU C 71 -33.47 57.02 20.06
CA LEU C 71 -33.60 56.73 21.48
C LEU C 71 -33.18 57.84 22.41
N THR C 72 -32.57 58.88 21.87
CA THR C 72 -32.15 59.99 22.69
C THR C 72 -33.21 61.09 22.62
N LEU C 81 -28.54 70.36 20.78
CA LEU C 81 -28.68 69.92 19.35
C LEU C 81 -30.13 69.86 18.84
N PRO C 82 -30.57 70.90 18.09
CA PRO C 82 -31.94 70.90 17.56
C PRO C 82 -32.23 69.74 16.59
N ILE C 83 -33.48 69.28 16.58
CA ILE C 83 -33.89 68.15 15.73
C ILE C 83 -33.60 68.37 14.23
N GLU C 84 -33.73 69.62 13.76
CA GLU C 84 -33.47 69.85 12.35
C GLU C 84 -31.97 69.75 12.03
N VAL C 85 -31.12 69.99 13.02
CA VAL C 85 -29.68 69.83 12.82
C VAL C 85 -29.41 68.31 12.80
N ALA C 86 -30.09 67.60 13.70
CA ALA C 86 -29.97 66.15 13.78
C ALA C 86 -30.37 65.55 12.43
N GLN C 87 -31.48 66.04 11.88
CA GLN C 87 -31.94 65.54 10.58
C GLN C 87 -30.93 65.75 9.48
N LYS C 88 -30.24 66.90 9.49
CA LYS C 88 -29.24 67.15 8.45
C LYS C 88 -28.12 66.13 8.61
N MET C 89 -27.73 65.87 9.85
CA MET C 89 -26.68 64.87 10.08
C MET C 89 -27.13 63.52 9.50
N ALA C 90 -28.35 63.12 9.83
CA ALA C 90 -28.90 61.84 9.35
C ALA C 90 -28.96 61.76 7.81
N MET C 91 -29.36 62.83 7.14
CA MET C 91 -29.45 62.81 5.69
C MET C 91 -28.07 62.76 5.02
N PHE C 92 -27.13 63.56 5.53
CA PHE C 92 -25.80 63.60 4.93
C PHE C 92 -24.88 62.44 5.39
N ALA C 93 -24.66 62.30 6.69
CA ALA C 93 -23.81 61.23 7.19
C ALA C 93 -24.50 59.86 7.05
N GLY C 94 -25.77 59.80 7.44
CA GLY C 94 -26.53 58.55 7.32
C GLY C 94 -26.72 58.17 5.86
N GLY C 95 -26.94 59.17 5.01
CA GLY C 95 -27.12 58.91 3.60
C GLY C 95 -25.83 58.34 3.00
N ALA C 96 -24.70 58.93 3.35
CA ALA C 96 -23.41 58.46 2.85
C ALA C 96 -23.19 57.01 3.34
N SER C 97 -23.47 56.77 4.61
CA SER C 97 -23.32 55.42 5.16
C SER C 97 -24.23 54.45 4.45
N GLY C 98 -25.46 54.89 4.21
CA GLY C 98 -26.42 54.04 3.52
C GLY C 98 -25.97 53.72 2.09
N VAL C 99 -25.29 54.65 1.44
CA VAL C 99 -24.85 54.38 0.08
C VAL C 99 -23.73 53.31 0.11
N LEU C 100 -22.83 53.44 1.08
CA LEU C 100 -21.74 52.47 1.24
C LEU C 100 -22.38 51.14 1.56
N CYS C 101 -23.32 51.15 2.49
CA CYS C 101 -24.00 49.93 2.88
C CYS C 101 -24.66 49.25 1.67
N LEU C 102 -25.44 50.01 0.92
CA LEU C 102 -26.13 49.44 -0.22
C LEU C 102 -25.21 48.89 -1.30
N ILE C 103 -24.08 49.54 -1.55
CA ILE C 103 -23.15 49.01 -2.56
C ILE C 103 -22.56 47.67 -2.07
N GLY C 104 -22.14 47.65 -0.80
CA GLY C 104 -21.56 46.44 -0.24
C GLY C 104 -22.60 45.33 -0.27
N GLY C 105 -23.80 45.65 0.21
CA GLY C 105 -24.88 44.69 0.25
C GLY C 105 -25.20 44.09 -1.11
N VAL C 106 -25.32 44.94 -2.13
CA VAL C 106 -25.62 44.44 -3.46
C VAL C 106 -24.50 43.53 -3.96
N LEU C 107 -23.26 43.89 -3.69
CA LEU C 107 -22.13 43.10 -4.13
C LEU C 107 -22.14 41.74 -3.42
N LEU C 108 -22.48 41.75 -2.13
CA LEU C 108 -22.56 40.50 -1.36
C LEU C 108 -23.69 39.60 -1.89
N LEU C 109 -24.80 40.21 -2.26
CA LEU C 109 -25.92 39.45 -2.74
C LEU C 109 -25.62 38.87 -4.11
N LYS C 110 -24.95 39.65 -4.95
CA LYS C 110 -24.58 39.16 -6.29
C LYS C 110 -23.68 37.93 -6.10
N ARG C 111 -22.75 38.04 -5.18
CA ARG C 111 -21.83 36.95 -4.86
C ARG C 111 -22.57 35.74 -4.31
N ARG C 112 -23.49 35.95 -3.36
CA ARG C 112 -24.19 34.82 -2.77
C ARG C 112 -25.07 34.10 -3.78
N LEU C 113 -25.62 34.83 -4.73
CA LEU C 113 -26.50 34.18 -5.72
C LEU C 113 -25.79 33.57 -6.90
N PHE C 114 -24.71 34.19 -7.34
CA PHE C 114 -24.01 33.75 -8.54
C PHE C 114 -22.61 33.18 -8.43
N SER C 115 -21.97 33.25 -7.25
CA SER C 115 -20.65 32.63 -7.12
C SER C 115 -20.98 31.18 -6.76
N PRO C 116 -20.71 30.24 -7.69
CA PRO C 116 -21.02 28.83 -7.45
C PRO C 116 -20.74 28.18 -6.12
N ARG C 117 -19.55 28.38 -5.55
CA ARG C 117 -19.27 27.75 -4.27
C ARG C 117 -20.09 28.40 -3.15
N VAL C 118 -20.36 29.70 -3.24
CA VAL C 118 -21.15 30.32 -2.18
C VAL C 118 -22.62 29.93 -2.36
N ARG C 119 -23.11 29.97 -3.59
CA ARG C 119 -24.51 29.60 -3.83
C ARG C 119 -24.79 28.14 -3.46
N ALA C 120 -23.83 27.27 -3.75
CA ALA C 120 -24.01 25.84 -3.46
C ALA C 120 -24.08 25.51 -1.99
N THR C 121 -23.45 26.34 -1.15
CA THR C 121 -23.39 26.08 0.27
C THR C 121 -24.24 27.04 1.13
N THR C 122 -25.02 27.90 0.49
CA THR C 122 -25.83 28.84 1.24
C THR C 122 -27.09 28.19 1.84
N THR C 123 -27.69 28.84 2.85
CA THR C 123 -28.97 28.35 3.38
C THR C 123 -29.97 29.38 2.81
N GLY C 124 -31.25 29.02 2.74
CA GLY C 124 -32.25 29.96 2.26
C GLY C 124 -32.33 31.20 3.15
N ALA C 125 -32.17 31.02 4.45
CA ALA C 125 -32.22 32.15 5.37
C ALA C 125 -31.15 33.20 5.04
N ASP C 126 -29.98 32.76 4.58
CA ASP C 126 -28.91 33.71 4.26
C ASP C 126 -29.30 34.60 3.07
N ILE C 127 -29.98 34.03 2.09
CA ILE C 127 -30.41 34.78 0.91
C ILE C 127 -31.54 35.72 1.32
N LEU C 128 -32.48 35.20 2.08
CA LEU C 128 -33.59 36.00 2.52
C LEU C 128 -33.18 37.20 3.37
N ILE C 129 -32.40 36.95 4.41
CA ILE C 129 -32.03 38.04 5.29
C ILE C 129 -31.22 39.12 4.58
N LEU C 130 -30.29 38.73 3.71
CA LEU C 130 -29.49 39.74 3.02
C LEU C 130 -30.34 40.52 1.99
N SER C 131 -31.26 39.83 1.32
CA SER C 131 -32.15 40.49 0.36
C SER C 131 -32.99 41.54 1.11
N LEU C 132 -33.52 41.18 2.27
CA LEU C 132 -34.31 42.13 3.03
C LEU C 132 -33.46 43.31 3.54
N LEU C 133 -32.18 43.08 3.84
CA LEU C 133 -31.32 44.18 4.29
C LEU C 133 -31.03 45.14 3.12
N VAL C 134 -30.82 44.59 1.93
CA VAL C 134 -30.55 45.41 0.74
C VAL C 134 -31.81 46.27 0.43
N ILE C 135 -32.97 45.63 0.46
CA ILE C 135 -34.22 46.35 0.24
C ILE C 135 -34.43 47.43 1.31
N GLN C 136 -34.22 47.08 2.58
CA GLN C 136 -34.39 48.04 3.66
C GLN C 136 -33.44 49.25 3.54
N CYS C 137 -32.21 49.00 3.11
CA CYS C 137 -31.22 50.05 2.97
C CYS C 137 -31.65 50.99 1.87
N ALA C 138 -32.14 50.42 0.77
CA ALA C 138 -32.63 51.18 -0.37
C ALA C 138 -33.89 51.99 0.05
N LEU C 139 -34.81 51.36 0.78
CA LEU C 139 -35.97 52.09 1.26
C LEU C 139 -35.49 53.28 2.09
N GLY C 140 -34.48 53.02 2.92
CA GLY C 140 -33.92 54.05 3.77
C GLY C 140 -33.44 55.26 2.96
N LEU C 141 -32.62 55.01 1.94
CA LEU C 141 -32.08 56.06 1.09
C LEU C 141 -33.24 56.81 0.39
N LEU C 142 -34.25 56.04 -0.01
CA LEU C 142 -35.43 56.58 -0.68
C LEU C 142 -36.22 57.56 0.21
N THR C 143 -36.06 57.48 1.53
CA THR C 143 -36.79 58.40 2.41
C THR C 143 -36.11 59.77 2.40
N ILE C 144 -34.84 59.83 2.00
CA ILE C 144 -34.11 61.10 2.01
C ILE C 144 -34.80 62.23 1.25
N PRO C 145 -35.24 62.01 -0.01
CA PRO C 145 -35.91 63.09 -0.72
C PRO C 145 -37.21 63.51 -0.03
N PHE C 146 -37.85 62.63 0.73
CA PHE C 146 -39.08 62.99 1.45
C PHE C 146 -38.73 63.82 2.67
N SER C 147 -37.63 63.47 3.33
CA SER C 147 -37.20 64.26 4.48
C SER C 147 -36.80 65.66 4.00
N ALA C 148 -36.28 65.74 2.79
CA ALA C 148 -35.81 67.01 2.24
C ALA C 148 -36.98 67.98 2.08
N GLN C 149 -38.19 67.45 1.97
CA GLN C 149 -39.38 68.27 1.83
C GLN C 149 -39.75 68.91 3.16
N HIS C 150 -39.08 68.50 4.24
CA HIS C 150 -39.37 69.05 5.56
C HIS C 150 -38.09 69.26 6.36
N MET C 151 -37.27 70.21 5.91
CA MET C 151 -36.00 70.49 6.55
C MET C 151 -36.11 71.06 7.96
N ASP C 152 -37.33 71.38 8.39
CA ASP C 152 -37.52 71.88 9.75
C ASP C 152 -37.55 70.69 10.74
N GLY C 153 -37.39 69.46 10.22
CA GLY C 153 -37.36 68.27 11.07
C GLY C 153 -38.71 67.76 11.55
N SER C 154 -39.80 68.27 10.98
CA SER C 154 -41.14 67.85 11.37
C SER C 154 -41.41 66.35 11.16
N GLU C 155 -40.97 65.77 10.04
CA GLU C 155 -41.20 64.33 9.83
C GLU C 155 -40.38 63.53 10.86
N MET C 156 -39.13 63.94 11.04
CA MET C 156 -38.29 63.25 11.99
C MET C 156 -38.89 63.30 13.40
N MET C 157 -39.49 64.42 13.77
CA MET C 157 -40.09 64.52 15.09
C MET C 157 -41.19 63.46 15.29
N LYS C 158 -41.95 63.20 14.23
CA LYS C 158 -43.03 62.20 14.27
C LYS C 158 -42.45 60.80 14.46
N LEU C 159 -41.49 60.44 13.60
CA LEU C 159 -40.86 59.13 13.65
C LEU C 159 -40.19 58.88 15.01
N VAL C 160 -39.52 59.89 15.53
CA VAL C 160 -38.84 59.77 16.83
C VAL C 160 -39.86 59.65 17.95
N GLY C 161 -40.99 60.32 17.78
CA GLY C 161 -42.04 60.27 18.80
C GLY C 161 -42.63 58.88 18.84
N TRP C 162 -42.85 58.30 17.66
CA TRP C 162 -43.36 56.96 17.57
C TRP C 162 -42.38 55.96 18.23
N ALA C 163 -41.12 55.99 17.80
CA ALA C 163 -40.09 55.09 18.34
C ALA C 163 -40.01 55.17 19.86
N GLN C 164 -39.93 56.39 20.36
CA GLN C 164 -39.86 56.61 21.80
C GLN C 164 -41.08 56.05 22.54
N SER C 165 -42.27 56.20 21.98
CA SER C 165 -43.49 55.68 22.61
C SER C 165 -43.40 54.15 22.69
N VAL C 166 -42.98 53.55 21.58
CA VAL C 166 -42.85 52.12 21.50
C VAL C 166 -41.88 51.58 22.57
N VAL C 167 -40.66 52.13 22.63
CA VAL C 167 -39.72 51.59 23.61
C VAL C 167 -39.99 51.88 25.05
N THR C 168 -40.87 52.83 25.37
CA THR C 168 -41.19 53.07 26.77
C THR C 168 -42.57 52.52 27.10
N PHE C 169 -43.11 51.72 26.18
CA PHE C 169 -44.42 51.08 26.35
C PHE C 169 -45.58 52.03 26.63
N HIS C 170 -45.61 53.17 25.92
CA HIS C 170 -46.70 54.15 26.03
C HIS C 170 -47.67 53.87 24.91
N GLY C 171 -48.91 53.52 25.24
CA GLY C 171 -49.88 53.22 24.19
C GLY C 171 -50.15 54.41 23.28
N GLY C 172 -50.70 54.16 22.10
CA GLY C 172 -51.02 55.24 21.19
C GLY C 172 -49.87 55.72 20.31
N ALA C 173 -48.79 54.95 20.26
CA ALA C 173 -47.62 55.30 19.45
C ALA C 173 -47.95 55.65 18.00
N SER C 174 -48.85 54.89 17.38
CA SER C 174 -49.19 55.13 15.99
C SER C 174 -49.69 56.55 15.72
N GLN C 175 -50.20 57.22 16.75
CA GLN C 175 -50.70 58.57 16.58
C GLN C 175 -49.60 59.55 16.18
N HIS C 176 -48.39 59.31 16.64
CA HIS C 176 -47.25 60.17 16.30
C HIS C 176 -46.97 60.18 14.82
N LEU C 177 -47.35 59.09 14.14
CA LEU C 177 -47.09 58.96 12.72
C LEU C 177 -48.09 59.65 11.79
N ASP C 178 -49.14 60.26 12.35
CA ASP C 178 -50.17 60.92 11.52
C ASP C 178 -49.58 61.83 10.44
N GLY C 179 -49.89 61.53 9.18
CA GLY C 179 -49.40 62.34 8.08
C GLY C 179 -47.99 62.15 7.56
N VAL C 180 -47.23 61.22 8.15
CA VAL C 180 -45.86 60.99 7.69
C VAL C 180 -45.95 60.32 6.31
N ALA C 181 -44.97 60.54 5.45
CA ALA C 181 -45.02 59.93 4.12
C ALA C 181 -45.01 58.39 4.19
N PHE C 182 -45.75 57.77 3.27
CA PHE C 182 -45.86 56.32 3.23
C PHE C 182 -44.53 55.59 3.22
N ILE C 183 -43.54 56.15 2.53
CA ILE C 183 -42.22 55.54 2.46
C ILE C 183 -41.68 55.22 3.86
N PHE C 184 -41.88 56.14 4.81
CA PHE C 184 -41.41 55.94 6.17
C PHE C 184 -42.13 54.78 6.84
N ARG C 185 -43.40 54.60 6.51
CA ARG C 185 -44.14 53.51 7.13
C ARG C 185 -43.61 52.17 6.66
N LEU C 186 -43.32 52.06 5.36
CA LEU C 186 -42.78 50.81 4.81
C LEU C 186 -41.44 50.48 5.45
N HIS C 187 -40.54 51.48 5.51
CA HIS C 187 -39.22 51.33 6.10
C HIS C 187 -39.36 50.82 7.54
N LEU C 188 -40.26 51.44 8.31
CA LEU C 188 -40.49 51.03 9.69
C LEU C 188 -40.98 49.58 9.80
N VAL C 189 -41.88 49.16 8.91
CA VAL C 189 -42.41 47.81 8.95
C VAL C 189 -41.36 46.75 8.57
N LEU C 190 -40.57 47.03 7.55
CA LEU C 190 -39.53 46.08 7.15
C LEU C 190 -38.45 46.03 8.25
N GLY C 191 -38.16 47.17 8.87
CA GLY C 191 -37.18 47.21 9.93
C GLY C 191 -37.57 46.34 11.12
N MET C 192 -38.83 46.42 11.51
CA MET C 192 -39.32 45.63 12.63
C MET C 192 -39.35 44.13 12.24
N THR C 193 -39.68 43.86 10.98
CA THR C 193 -39.74 42.50 10.49
C THR C 193 -38.34 41.90 10.58
N LEU C 194 -37.31 42.72 10.39
CA LEU C 194 -35.93 42.24 10.51
C LEU C 194 -35.66 41.80 11.94
N PHE C 195 -36.21 42.50 12.92
CA PHE C 195 -36.04 42.10 14.31
C PHE C 195 -36.79 40.80 14.60
N LEU C 196 -37.94 40.63 13.95
CA LEU C 196 -38.74 39.41 14.16
C LEU C 196 -37.97 38.19 13.62
N LEU C 197 -37.38 38.36 12.43
CA LEU C 197 -36.65 37.25 11.80
C LEU C 197 -35.24 37.05 12.34
N PHE C 198 -34.71 38.08 12.98
CA PHE C 198 -33.36 38.07 13.53
C PHE C 198 -32.89 36.76 14.23
N PRO C 199 -33.59 36.30 15.28
CA PRO C 199 -33.16 35.09 15.99
C PRO C 199 -33.18 33.77 15.19
N PHE C 200 -33.78 33.79 14.02
CA PHE C 200 -33.86 32.61 13.16
C PHE C 200 -32.95 32.75 11.94
N SER C 201 -31.97 33.65 12.02
CA SER C 201 -31.04 33.88 10.91
C SER C 201 -29.61 34.09 11.43
N ARG C 202 -28.68 34.40 10.53
CA ARG C 202 -27.30 34.64 10.90
C ARG C 202 -27.14 35.95 11.70
N LEU C 203 -28.15 36.81 11.72
CA LEU C 203 -27.99 38.09 12.42
C LEU C 203 -27.66 37.94 13.90
N ILE C 204 -27.81 36.74 14.47
CA ILE C 204 -27.45 36.58 15.87
C ILE C 204 -25.96 36.86 16.09
N HIS C 205 -25.16 36.88 15.02
CA HIS C 205 -23.72 37.19 15.19
C HIS C 205 -23.53 38.59 15.75
N ILE C 206 -24.51 39.46 15.51
CA ILE C 206 -24.40 40.86 16.00
C ILE C 206 -24.31 40.92 17.52
N TRP C 207 -25.04 40.05 18.21
CA TRP C 207 -24.97 40.05 19.68
C TRP C 207 -23.56 39.79 20.20
N SER C 208 -22.78 39.08 19.40
CA SER C 208 -21.45 38.63 19.81
C SER C 208 -20.27 39.55 19.44
N VAL C 209 -20.57 40.79 19.02
CA VAL C 209 -19.50 41.77 18.68
C VAL C 209 -18.47 41.65 19.83
N PRO C 210 -17.25 41.20 19.49
CA PRO C 210 -16.12 40.96 20.40
C PRO C 210 -15.44 42.10 21.13
N VAL C 211 -16.24 42.85 21.87
CA VAL C 211 -15.75 43.99 22.62
C VAL C 211 -14.72 43.61 23.68
N GLU C 212 -14.99 42.56 24.44
CA GLU C 212 -14.09 42.11 25.51
C GLU C 212 -12.65 41.86 25.06
N TYR C 213 -12.45 41.56 23.78
CA TYR C 213 -11.12 41.26 23.26
C TYR C 213 -10.11 42.40 23.48
N LEU C 214 -10.59 43.63 23.30
CA LEU C 214 -9.73 44.79 23.44
C LEU C 214 -9.02 44.90 24.79
N THR C 215 -9.56 44.27 25.84
CA THR C 215 -8.92 44.35 27.16
C THR C 215 -8.52 43.00 27.73
N ARG C 216 -8.63 41.94 26.91
CA ARG C 216 -8.33 40.60 27.39
C ARG C 216 -6.85 40.24 27.37
N LYS C 217 -6.42 39.47 28.38
CA LYS C 217 -5.03 39.00 28.39
C LYS C 217 -4.98 38.03 27.19
N TYR C 218 -3.82 37.92 26.57
CA TYR C 218 -3.64 37.08 25.40
C TYR C 218 -3.86 35.59 25.62
N GLN C 219 -3.16 35.01 26.60
CA GLN C 219 -3.27 33.59 26.86
C GLN C 219 -4.37 33.21 27.81
N LEU C 220 -5.19 32.26 27.35
CA LEU C 220 -6.30 31.75 28.15
C LEU C 220 -6.04 30.28 28.48
N VAL C 221 -6.23 29.93 29.74
CA VAL C 221 -6.08 28.53 30.16
C VAL C 221 -7.34 28.22 30.96
N ARG C 222 -7.94 27.04 30.73
CA ARG C 222 -9.13 26.66 31.53
C ARG C 222 -8.76 25.56 32.52
N ALA C 223 -9.12 25.79 33.79
CA ALA C 223 -8.87 24.82 34.87
C ALA C 223 -9.79 23.61 34.74
N ARG C 224 -9.46 22.57 35.50
CA ARG C 224 -10.30 21.39 35.57
C ARG C 224 -11.69 21.89 35.94
N HIS C 225 -12.74 21.34 35.32
CA HIS C 225 -14.08 21.79 35.64
C HIS C 225 -15.15 20.73 35.35
#